data_4DEP
#
_entry.id   4DEP
#
_cell.length_a   105.990
_cell.length_b   65.900
_cell.length_c   163.400
_cell.angle_alpha   90.00
_cell.angle_beta   90.35
_cell.angle_gamma   90.00
#
_symmetry.space_group_name_H-M   'P 1 21 1'
#
loop_
_entity.id
_entity.type
_entity.pdbx_description
1 polymer 'Interleukin-1 beta'
2 polymer 'Interleukin-1 receptor type 1'
3 polymer 'Interleukin-1 receptor accessory protein'
4 non-polymer 2-acetamido-2-deoxy-beta-D-glucopyranose
5 water water
#
loop_
_entity_poly.entity_id
_entity_poly.type
_entity_poly.pdbx_seq_one_letter_code
_entity_poly.pdbx_strand_id
1 'polypeptide(L)'
;GPLGSAPVRSLNCTLRDSQQKSLVMSGPYELKALHLQGQDMEQQVVFSMSFVQGEESNDKIPVALGLKEKNLYLSCVLKD
DKPTLQLESVDPKNYPKKKMEKRFVFNKIEINNKLEFESAQFPNWYISTSQAENMPVFLGGTKGGQDITDFTMQFVSS
;
A,D
2 'polypeptide(L)'
;EPLEADKCKEREEKIILVSSANEIDVRPCPLNPNEHKGTITWYKDDSKTPVSTEQASRIHQHKEKLWFVPAKVEDSGHYY
CVVRNSSYCLRIKISAKFVENEPNLCYNAQAIFKQKLPVAGDGGLVCPYMEFFKNENNELPKLQWYKDCKPLLLDNIHFS
GVKDRLIVMNVAEKHRGNYTCHASYTYLGKQYPITRVIEFITLEENKPTRPVIVSPANETMEVDLGSQIQLICNVTGQLS
DIAYWKWNGSVIDEDDPVLGEDYYSVENPANKRRSTLITVLNISEIESRFYKHPFTCFAKNTHGIDAAYIQLIYPVTNFQ
K
;
B,E
3 'polypeptide(L)'
;EPSERCDDWGLDTMRQIQVFEDEPARIKCPLFEHFLKFNYSTAHSAGLTLIWYWTRQDRDLEEPINFRLPENRISKEKDV
LWFRPTLLNDTGNYTCMLRNTTYCSKVAFPLEVVQKDSCFNSPMKLPVHKLYIEYGIQRITCPNVDGYFPSSVKPTITWY
MGCYKIQNFNNVIPEGMNLSFLIALISNNGNYTCVVTYPENGRTFHLTRTLTVKVVGSPKNAVPPVIHSPNDHVVYEKEP
GEELLIPCTVYFSFLMDSRNEVWWTIDGKKPDDITIDVTINESISHSRTEDETRTQILSIKKVTSEDLKRSYVCHARSAK
GEVAKAAKVKQKVPAPRYTVELACGFGAT
;
C,F
#
# COMPACT_ATOMS: atom_id res chain seq x y z
N ALA A 6 -14.06 37.07 22.81
CA ALA A 6 -14.08 35.61 22.68
C ALA A 6 -14.07 35.11 21.23
N PRO A 7 -12.87 34.75 20.74
CA PRO A 7 -12.62 34.37 19.33
C PRO A 7 -13.32 33.07 18.89
N VAL A 8 -13.64 32.19 19.85
CA VAL A 8 -14.49 31.01 19.64
C VAL A 8 -15.20 30.60 20.93
N ARG A 9 -16.39 30.02 20.79
CA ARG A 9 -17.13 29.57 21.97
C ARG A 9 -16.92 28.09 22.27
N SER A 10 -16.67 27.77 23.53
CA SER A 10 -16.60 26.38 23.96
C SER A 10 -17.75 26.08 24.89
N LEU A 11 -18.14 24.81 24.93
CA LEU A 11 -19.00 24.35 26.00
C LEU A 11 -18.44 23.05 26.56
N ASN A 12 -18.76 22.79 27.81
CA ASN A 12 -18.16 21.69 28.53
C ASN A 12 -19.13 20.53 28.64
N CYS A 13 -18.84 19.45 27.92
CA CYS A 13 -19.79 18.35 27.83
C CYS A 13 -19.19 17.01 28.21
N THR A 14 -20.07 16.08 28.55
CA THR A 14 -19.70 14.71 28.85
C THR A 14 -20.16 13.80 27.69
N LEU A 15 -19.37 12.79 27.37
CA LEU A 15 -19.73 11.94 26.23
C LEU A 15 -20.00 10.46 26.55
N ARG A 16 -20.97 9.89 25.85
CA ARG A 16 -21.23 8.48 25.90
C ARG A 16 -21.50 7.96 24.55
N ASP A 17 -21.32 6.68 24.36
CA ASP A 17 -21.67 6.03 23.10
C ASP A 17 -23.11 5.50 23.12
N SER A 18 -23.55 4.98 21.98
CA SER A 18 -24.93 4.53 21.79
C SER A 18 -25.29 3.29 22.65
N GLN A 19 -24.27 2.55 23.10
CA GLN A 19 -24.52 1.43 23.99
C GLN A 19 -24.27 1.80 25.47
N GLN A 20 -24.30 3.13 25.72
CA GLN A 20 -24.28 3.75 27.06
C GLN A 20 -22.95 3.67 27.78
N LYS A 21 -21.87 3.41 27.06
CA LYS A 21 -20.56 3.34 27.70
C LYS A 21 -20.04 4.76 27.90
N SER A 22 -19.33 4.99 29.00
CA SER A 22 -18.70 6.30 29.24
C SER A 22 -17.20 6.34 28.93
N LEU A 23 -16.70 7.55 28.69
CA LEU A 23 -15.29 7.72 28.38
C LEU A 23 -14.52 8.18 29.61
N VAL A 24 -13.49 7.44 29.96
CA VAL A 24 -12.69 7.79 31.10
C VAL A 24 -11.31 7.75 30.60
N MET A 25 -10.41 8.40 31.30
CA MET A 25 -9.04 8.44 30.88
C MET A 25 -8.19 7.57 31.75
N SER A 26 -7.34 6.81 31.09
CA SER A 26 -6.93 5.44 31.46
C SER A 26 -5.46 5.22 31.79
N GLY A 27 -4.77 6.27 32.22
CA GLY A 27 -3.35 6.37 31.95
C GLY A 27 -3.34 7.22 30.70
N PRO A 28 -2.59 8.34 30.75
CA PRO A 28 -2.77 9.48 29.84
C PRO A 28 -2.44 9.16 28.38
N TYR A 29 -2.74 10.11 27.51
CA TYR A 29 -2.59 9.91 26.06
C TYR A 29 -3.47 8.78 25.51
N GLU A 30 -4.51 8.41 26.28
CA GLU A 30 -5.38 7.29 25.93
C GLU A 30 -6.73 7.33 26.68
N LEU A 31 -7.81 7.46 25.91
CA LEU A 31 -9.16 7.31 26.43
C LEU A 31 -9.66 5.90 26.17
N LYS A 32 -10.39 5.35 27.13
CA LYS A 32 -11.04 4.06 26.98
C LYS A 32 -12.52 4.21 27.29
N ALA A 33 -13.35 3.44 26.60
CA ALA A 33 -14.80 3.43 26.83
C ALA A 33 -15.21 2.19 27.62
N LEU A 34 -16.02 2.39 28.65
CA LEU A 34 -16.55 1.29 29.44
C LEU A 34 -17.84 1.70 30.16
N HIS A 35 -18.53 0.72 30.74
CA HIS A 35 -19.69 1.05 31.57
C HIS A 35 -19.24 1.38 32.98
N LEU A 36 -19.84 2.40 33.60
CA LEU A 36 -19.44 2.85 34.91
C LEU A 36 -20.54 2.78 35.90
N GLN A 37 -20.21 2.47 37.14
CA GLN A 37 -21.18 2.43 38.19
C GLN A 37 -21.32 3.76 38.85
N GLY A 38 -22.44 3.99 39.48
CA GLY A 38 -22.86 5.32 39.84
C GLY A 38 -21.88 6.03 40.72
N GLN A 39 -21.17 5.29 41.53
CA GLN A 39 -20.23 5.83 42.50
C GLN A 39 -18.91 6.25 41.85
N ASP A 40 -18.78 6.00 40.56
CA ASP A 40 -17.57 6.39 39.82
C ASP A 40 -17.91 7.23 38.59
N MET A 41 -19.08 7.88 38.60
CA MET A 41 -19.46 8.77 37.51
C MET A 41 -18.54 9.99 37.41
N GLU A 42 -17.88 10.31 38.53
CA GLU A 42 -16.93 11.44 38.57
C GLU A 42 -15.68 11.17 37.70
N GLN A 43 -15.52 9.91 37.30
CA GLN A 43 -14.36 9.49 36.52
C GLN A 43 -14.48 9.75 35.00
N GLN A 44 -15.57 10.41 34.60
CA GLN A 44 -15.83 10.73 33.19
C GLN A 44 -14.95 11.87 32.68
N VAL A 45 -14.29 11.66 31.56
CA VAL A 45 -13.58 12.72 30.86
C VAL A 45 -14.51 13.86 30.48
N VAL A 46 -14.32 15.02 31.09
CA VAL A 46 -15.14 16.17 30.74
C VAL A 46 -14.53 16.85 29.53
N PHE A 47 -15.33 17.00 28.48
CA PHE A 47 -14.81 17.54 27.22
C PHE A 47 -15.12 19.03 27.05
N SER A 48 -14.35 19.68 26.19
CA SER A 48 -14.57 21.06 25.85
C SER A 48 -14.73 21.08 24.35
N MET A 49 -15.96 21.38 23.92
CA MET A 49 -16.27 21.38 22.50
C MET A 49 -16.13 22.80 21.96
N SER A 50 -15.01 23.03 21.29
CA SER A 50 -14.69 24.32 20.71
C SER A 50 -15.25 24.36 19.30
N PHE A 51 -16.10 25.34 19.01
CA PHE A 51 -16.78 25.39 17.71
C PHE A 51 -15.98 26.15 16.66
N VAL A 52 -14.94 25.49 16.17
CA VAL A 52 -13.94 26.12 15.32
C VAL A 52 -14.42 26.48 13.91
N GLN A 53 -13.47 26.93 13.10
CA GLN A 53 -13.69 27.12 11.66
C GLN A 53 -13.09 25.96 10.86
N GLY A 54 -13.84 25.49 9.87
CA GLY A 54 -13.44 24.40 9.00
C GLY A 54 -14.22 24.58 7.71
N GLU A 55 -14.43 23.53 6.94
CA GLU A 55 -15.13 23.73 5.69
C GLU A 55 -16.61 23.84 5.84
N GLU A 56 -17.18 24.82 5.19
CA GLU A 56 -18.60 24.96 5.26
C GLU A 56 -19.15 23.73 4.64
N SER A 57 -20.14 23.15 5.29
CA SER A 57 -20.76 21.93 4.90
C SER A 57 -22.15 22.32 4.91
N ASN A 58 -22.97 21.55 4.28
CA ASN A 58 -24.38 21.87 4.22
C ASN A 58 -25.04 21.60 5.56
N ASP A 59 -24.51 20.62 6.29
CA ASP A 59 -25.25 20.09 7.44
C ASP A 59 -24.33 19.55 8.52
N LYS A 60 -23.04 19.72 8.35
CA LYS A 60 -22.10 19.38 9.41
C LYS A 60 -21.65 20.63 10.17
N ILE A 61 -21.14 20.44 11.38
CA ILE A 61 -20.62 21.53 12.20
C ILE A 61 -19.21 21.22 12.69
N PRO A 62 -18.22 21.95 12.19
CA PRO A 62 -16.78 21.79 12.53
C PRO A 62 -16.46 22.10 13.99
N VAL A 63 -16.01 21.08 14.73
CA VAL A 63 -15.65 21.23 16.13
C VAL A 63 -14.31 20.56 16.46
N ALA A 64 -13.65 21.07 17.50
CA ALA A 64 -12.43 20.46 18.01
C ALA A 64 -12.68 19.95 19.41
N LEU A 65 -12.12 18.77 19.68
CA LEU A 65 -12.40 18.08 20.93
C LEU A 65 -11.20 18.07 21.88
N GLY A 66 -11.22 18.97 22.85
CA GLY A 66 -10.18 19.01 23.86
C GLY A 66 -10.63 18.50 25.21
N LEU A 67 -9.72 17.86 25.92
CA LEU A 67 -9.94 17.50 27.31
C LEU A 67 -9.82 18.77 28.18
N LYS A 68 -10.33 18.70 29.40
CA LYS A 68 -10.56 19.91 30.19
C LYS A 68 -9.48 20.14 31.23
N GLU A 69 -8.62 21.12 30.98
CA GLU A 69 -7.48 21.41 31.85
C GLU A 69 -6.55 20.19 32.01
N LYS A 70 -6.25 19.55 30.89
CA LYS A 70 -5.18 18.56 30.79
C LYS A 70 -4.29 19.08 29.68
N ASN A 71 -4.81 20.12 29.01
CA ASN A 71 -4.19 20.71 27.82
C ASN A 71 -3.87 19.66 26.77
N LEU A 72 -4.85 18.79 26.49
CA LEU A 72 -4.72 17.79 25.45
C LEU A 72 -5.85 18.00 24.45
N TYR A 73 -5.59 17.76 23.18
CA TYR A 73 -6.63 17.79 22.18
C TYR A 73 -6.65 16.53 21.36
N LEU A 74 -7.82 16.04 20.98
CA LEU A 74 -7.88 14.81 20.23
C LEU A 74 -7.33 15.02 18.88
N SER A 75 -6.50 14.13 18.41
CA SER A 75 -6.01 14.30 17.07
C SER A 75 -5.91 13.17 16.13
N CYS A 76 -5.97 13.50 14.86
CA CYS A 76 -6.06 12.54 13.76
C CYS A 76 -4.81 12.66 12.90
N VAL A 77 -4.01 11.60 12.84
CA VAL A 77 -2.79 11.57 12.05
C VAL A 77 -2.61 10.22 11.43
N LEU A 78 -1.67 10.13 10.49
CA LEU A 78 -1.23 8.83 9.97
C LEU A 78 -0.28 8.10 10.93
N LYS A 79 -0.25 6.77 10.81
CA LYS A 79 0.61 5.90 11.62
C LYS A 79 0.64 4.50 10.98
N ASP A 80 1.77 4.20 10.32
CA ASP A 80 1.92 3.08 9.39
C ASP A 80 0.94 3.21 8.22
N ASP A 81 0.80 4.46 7.74
CA ASP A 81 -0.09 4.82 6.63
C ASP A 81 -1.57 4.55 6.93
N LYS A 82 -1.92 4.61 8.21
CA LYS A 82 -3.30 4.38 8.65
C LYS A 82 -3.79 5.48 9.58
N PRO A 83 -4.93 6.11 9.24
CA PRO A 83 -5.47 7.18 10.10
C PRO A 83 -5.60 6.69 11.54
N THR A 84 -5.10 7.47 12.49
CA THR A 84 -5.11 7.07 13.88
C THR A 84 -5.44 8.25 14.80
N LEU A 85 -6.09 7.95 15.91
CA LEU A 85 -6.58 8.99 16.83
C LEU A 85 -5.67 9.08 18.05
N GLN A 86 -5.17 10.28 18.36
CA GLN A 86 -4.32 10.48 19.54
C GLN A 86 -4.59 11.77 20.33
N LEU A 87 -3.93 11.91 21.48
CA LEU A 87 -3.97 13.15 22.25
C LEU A 87 -2.68 13.97 22.14
N GLU A 88 -2.74 15.07 21.38
CA GLU A 88 -1.62 16.02 21.31
C GLU A 88 -1.67 16.98 22.49
N SER A 89 -0.50 17.28 23.07
CA SER A 89 -0.42 18.24 24.17
C SER A 89 -0.13 19.65 23.63
N VAL A 90 -0.59 20.68 24.34
CA VAL A 90 -0.57 22.07 23.81
C VAL A 90 -0.36 23.18 24.87
N ASP A 91 -0.03 24.39 24.41
CA ASP A 91 0.04 25.56 25.29
C ASP A 91 -1.28 26.35 25.30
N PRO A 92 -1.99 26.32 26.44
CA PRO A 92 -3.35 26.82 26.57
C PRO A 92 -3.48 28.33 26.36
N LYS A 93 -2.35 29.02 26.30
CA LYS A 93 -2.37 30.44 26.00
C LYS A 93 -2.60 30.60 24.50
N ASN A 94 -2.17 29.61 23.72
CA ASN A 94 -2.35 29.61 22.27
C ASN A 94 -3.69 29.06 21.77
N TYR A 95 -4.15 27.98 22.40
CA TYR A 95 -5.45 27.40 22.07
C TYR A 95 -6.45 27.76 23.17
N PRO A 96 -7.75 27.83 22.84
CA PRO A 96 -8.48 27.37 21.65
C PRO A 96 -8.41 28.35 20.48
N LYS A 97 -7.64 28.03 19.44
CA LYS A 97 -7.62 28.83 18.20
C LYS A 97 -8.98 28.88 17.51
N LYS A 98 -9.06 29.59 16.39
CA LYS A 98 -10.34 29.72 15.68
C LYS A 98 -10.29 29.04 14.31
N LYS A 99 -9.13 29.12 13.66
CA LYS A 99 -8.85 28.26 12.52
C LYS A 99 -7.88 27.20 13.04
N MET A 100 -8.41 26.06 13.49
CA MET A 100 -7.57 24.97 14.01
C MET A 100 -6.98 24.12 12.88
N GLU A 101 -5.79 23.57 13.09
CA GLU A 101 -5.16 22.71 12.08
C GLU A 101 -6.01 21.46 11.82
N LYS A 102 -6.13 21.04 10.56
CA LYS A 102 -7.03 19.94 10.16
C LYS A 102 -7.05 18.68 11.04
N ARG A 103 -6.00 18.46 11.82
CA ARG A 103 -5.89 17.26 12.62
C ARG A 103 -6.64 17.43 13.94
N PHE A 104 -7.09 18.66 14.17
CA PHE A 104 -7.82 18.97 15.38
C PHE A 104 -9.33 19.00 15.13
N VAL A 105 -9.69 19.35 13.90
CA VAL A 105 -11.10 19.56 13.57
C VAL A 105 -11.86 18.27 13.25
N PHE A 106 -13.02 18.11 13.89
CA PHE A 106 -14.00 17.08 13.48
C PHE A 106 -15.29 17.70 12.95
N ASN A 107 -15.94 17.01 12.02
CA ASN A 107 -17.27 17.43 11.62
C ASN A 107 -18.32 16.71 12.46
N LYS A 108 -19.09 17.51 13.19
CA LYS A 108 -20.17 17.02 14.03
C LYS A 108 -21.40 16.81 13.15
N ILE A 109 -21.89 15.57 13.16
CA ILE A 109 -23.20 15.27 12.63
C ILE A 109 -24.03 14.94 13.86
N GLU A 110 -25.09 15.71 14.10
CA GLU A 110 -25.87 15.58 15.32
C GLU A 110 -27.38 15.56 15.00
N ILE A 111 -27.95 14.36 14.98
CA ILE A 111 -29.33 14.11 14.57
C ILE A 111 -30.19 13.56 15.72
N ASN A 112 -31.19 14.34 16.13
CA ASN A 112 -31.94 14.10 17.36
C ASN A 112 -30.97 13.86 18.51
N ASN A 113 -29.97 14.72 18.61
CA ASN A 113 -29.05 14.67 19.72
C ASN A 113 -28.24 13.38 19.76
N LYS A 114 -28.05 12.79 18.57
CA LYS A 114 -27.13 11.69 18.38
C LYS A 114 -25.94 12.18 17.59
N LEU A 115 -24.76 12.13 18.16
CA LEU A 115 -23.62 12.72 17.53
C LEU A 115 -22.69 11.72 16.97
N GLU A 116 -22.15 11.99 15.81
CA GLU A 116 -20.97 11.32 15.37
C GLU A 116 -20.02 12.37 14.86
N PHE A 117 -18.73 12.22 15.13
CA PHE A 117 -17.73 13.14 14.68
C PHE A 117 -16.85 12.56 13.61
N GLU A 118 -16.96 13.09 12.41
CA GLU A 118 -16.14 12.75 11.23
C GLU A 118 -14.85 13.58 11.28
N SER A 119 -13.71 12.90 11.27
CA SER A 119 -12.43 13.58 11.11
C SER A 119 -12.50 14.45 9.86
N ALA A 120 -12.06 15.70 9.99
CA ALA A 120 -11.98 16.59 8.84
C ALA A 120 -10.72 16.27 8.01
N GLN A 121 -9.68 15.78 8.69
CA GLN A 121 -8.45 15.40 7.99
C GLN A 121 -8.67 14.15 7.12
N PHE A 122 -9.27 13.12 7.70
CA PHE A 122 -9.57 11.92 6.94
C PHE A 122 -11.07 11.73 6.78
N PRO A 123 -11.63 12.22 5.67
CA PRO A 123 -13.06 12.08 5.39
C PRO A 123 -13.50 10.63 5.47
N ASN A 124 -14.74 10.41 5.93
CA ASN A 124 -15.30 9.07 6.12
C ASN A 124 -14.55 8.25 7.17
N TRP A 125 -13.88 8.94 8.09
CA TRP A 125 -13.32 8.32 9.29
C TRP A 125 -14.01 8.92 10.51
N TYR A 126 -14.22 8.13 11.54
CA TYR A 126 -15.02 8.59 12.65
C TYR A 126 -14.46 8.12 13.96
N ILE A 127 -14.80 8.86 15.01
CA ILE A 127 -14.50 8.41 16.37
C ILE A 127 -15.32 7.17 16.64
N SER A 128 -14.64 6.03 16.76
CA SER A 128 -15.32 4.78 17.05
C SER A 128 -15.01 4.31 18.48
N THR A 129 -15.99 3.67 19.13
CA THR A 129 -15.71 2.80 20.28
C THR A 129 -15.98 1.33 19.98
N SER A 130 -15.48 0.42 20.79
CA SER A 130 -15.75 -0.97 20.61
C SER A 130 -16.86 -1.46 21.44
N GLN A 131 -17.54 -2.50 21.00
CA GLN A 131 -18.65 -3.03 21.72
C GLN A 131 -18.15 -3.61 22.98
N ALA A 132 -16.92 -4.05 22.98
CA ALA A 132 -16.32 -4.63 24.18
C ALA A 132 -16.16 -3.59 25.29
N GLU A 133 -15.78 -4.07 26.47
CA GLU A 133 -15.62 -3.20 27.63
C GLU A 133 -14.14 -2.85 27.93
N ASN A 134 -13.91 -1.72 28.61
CA ASN A 134 -12.56 -1.18 28.92
C ASN A 134 -11.63 -1.20 27.72
N MET A 135 -12.12 -0.69 26.60
CA MET A 135 -11.42 -0.80 25.33
C MET A 135 -11.24 0.60 24.77
N PRO A 136 -10.03 0.95 24.35
CA PRO A 136 -9.65 2.34 24.07
C PRO A 136 -10.38 2.90 22.86
N VAL A 137 -10.76 4.18 22.97
CA VAL A 137 -11.35 4.92 21.85
C VAL A 137 -10.36 4.99 20.70
N PHE A 138 -10.87 4.86 19.49
CA PHE A 138 -10.02 4.83 18.32
C PHE A 138 -10.69 5.52 17.17
N LEU A 139 -10.19 5.27 15.97
CA LEU A 139 -10.72 5.93 14.80
C LEU A 139 -10.98 4.90 13.69
N GLY A 140 -12.25 4.84 13.24
CA GLY A 140 -12.69 3.80 12.33
C GLY A 140 -13.01 4.23 10.90
N GLY A 141 -13.03 3.23 10.01
CA GLY A 141 -13.35 3.47 8.61
C GLY A 141 -14.76 3.03 8.24
N THR A 142 -15.48 2.51 9.23
CA THR A 142 -16.84 2.01 9.02
C THR A 142 -17.87 2.64 9.96
N LYS A 143 -19.01 3.04 9.39
CA LYS A 143 -20.24 3.32 10.14
C LYS A 143 -21.10 2.05 10.09
N GLY A 144 -22.10 1.94 10.97
CA GLY A 144 -23.09 0.87 10.88
C GLY A 144 -22.66 -0.58 11.10
N GLY A 145 -21.40 -0.80 11.44
CA GLY A 145 -20.89 -2.14 11.59
C GLY A 145 -20.58 -2.58 13.01
N GLN A 146 -19.41 -3.20 13.16
CA GLN A 146 -18.98 -3.74 14.44
C GLN A 146 -18.70 -2.64 15.45
N ASP A 147 -18.23 -1.49 14.97
CA ASP A 147 -17.88 -0.40 15.89
C ASP A 147 -19.00 0.63 16.06
N ILE A 148 -19.08 1.18 17.26
CA ILE A 148 -20.00 2.26 17.54
C ILE A 148 -19.39 3.61 17.16
N THR A 149 -20.09 4.33 16.29
CA THR A 149 -19.65 5.67 15.89
C THR A 149 -20.60 6.78 16.40
N ASP A 150 -21.58 6.40 17.21
CA ASP A 150 -22.68 7.29 17.53
C ASP A 150 -22.73 7.57 19.02
N PHE A 151 -22.81 8.86 19.37
CA PHE A 151 -22.64 9.31 20.74
C PHE A 151 -23.72 10.24 21.24
N THR A 152 -23.83 10.30 22.56
CA THR A 152 -24.76 11.18 23.23
C THR A 152 -23.96 12.27 23.95
N MET A 153 -24.57 13.43 24.13
CA MET A 153 -23.93 14.52 24.83
C MET A 153 -24.74 14.88 26.08
N GLN A 154 -24.02 15.18 27.18
CA GLN A 154 -24.60 15.74 28.41
C GLN A 154 -23.72 16.92 28.88
N PHE A 155 -24.34 17.98 29.39
CA PHE A 155 -23.65 19.27 29.64
C PHE A 155 -23.04 19.48 31.03
N VAL A 156 -22.05 20.37 31.12
CA VAL A 156 -21.61 20.95 32.40
C VAL A 156 -21.46 22.47 32.32
N LYS B 9 7.66 -3.39 37.70
CA LYS B 9 6.38 -3.86 38.21
C LYS B 9 5.20 -2.90 37.92
N GLU B 10 4.67 -2.28 38.98
CA GLU B 10 3.27 -1.82 39.04
C GLU B 10 2.81 -0.49 38.37
N ARG B 11 1.57 -0.53 37.86
CA ARG B 11 0.73 0.62 37.50
C ARG B 11 -0.70 0.17 37.78
N GLU B 12 -1.50 1.04 38.39
CA GLU B 12 -2.83 0.61 38.88
C GLU B 12 -4.02 0.94 37.97
N GLU B 13 -4.87 -0.07 37.71
CA GLU B 13 -6.22 0.14 37.20
C GLU B 13 -7.06 0.49 38.42
N LYS B 14 -7.22 1.79 38.62
CA LYS B 14 -7.73 2.29 39.90
C LYS B 14 -9.27 2.34 39.93
N ILE B 15 -9.91 1.71 38.94
CA ILE B 15 -11.37 1.70 38.85
C ILE B 15 -12.08 0.41 39.35
N ILE B 16 -12.67 0.48 40.55
CA ILE B 16 -13.13 -0.73 41.25
C ILE B 16 -14.43 -1.32 40.73
N LEU B 17 -14.32 -2.18 39.72
CA LEU B 17 -15.49 -2.87 39.16
C LEU B 17 -16.19 -3.75 40.22
N VAL B 18 -17.32 -3.29 40.75
CA VAL B 18 -18.07 -4.05 41.75
C VAL B 18 -19.06 -5.04 41.13
N SER B 19 -18.94 -6.32 41.48
CA SER B 19 -19.90 -7.34 41.03
C SER B 19 -20.60 -8.08 42.18
N SER B 20 -21.46 -9.04 41.84
CA SER B 20 -22.40 -9.65 42.80
C SER B 20 -21.85 -10.89 43.51
N ALA B 21 -22.05 -10.98 44.83
CA ALA B 21 -21.64 -12.15 45.61
C ALA B 21 -22.46 -13.39 45.22
N ASN B 22 -22.04 -14.57 45.70
CA ASN B 22 -22.79 -15.82 45.48
C ASN B 22 -23.07 -16.11 43.99
N GLU B 23 -22.36 -15.43 43.11
CA GLU B 23 -22.67 -15.46 41.69
C GLU B 23 -21.38 -15.31 40.91
N ILE B 24 -21.30 -15.93 39.74
CA ILE B 24 -20.03 -16.03 39.00
C ILE B 24 -19.58 -14.68 38.42
N ASP B 25 -18.27 -14.44 38.42
CA ASP B 25 -17.69 -13.25 37.75
C ASP B 25 -16.42 -13.61 36.96
N VAL B 26 -16.10 -12.80 35.95
CA VAL B 26 -14.86 -12.96 35.19
C VAL B 26 -14.16 -11.61 35.03
N ARG B 27 -12.86 -11.57 35.34
CA ARG B 27 -12.04 -10.37 35.17
C ARG B 27 -10.95 -10.69 34.16
N PRO B 28 -10.79 -9.81 33.15
CA PRO B 28 -9.74 -9.94 32.14
C PRO B 28 -8.54 -9.05 32.47
N CYS B 29 -7.41 -9.25 31.79
CA CYS B 29 -6.28 -8.35 31.94
C CYS B 29 -6.53 -7.06 31.15
N PRO B 30 -6.51 -5.88 31.82
CA PRO B 30 -6.95 -4.62 31.20
C PRO B 30 -5.93 -3.98 30.24
N LEU B 31 -5.49 -4.71 29.23
CA LEU B 31 -4.40 -4.24 28.39
C LEU B 31 -4.92 -3.58 27.11
N ASN B 32 -4.29 -2.48 26.68
CA ASN B 32 -4.43 -2.04 25.30
C ASN B 32 -3.90 -3.19 24.44
N PRO B 33 -4.56 -3.45 23.30
CA PRO B 33 -4.47 -4.73 22.56
C PRO B 33 -3.05 -5.21 22.24
N ASN B 34 -2.06 -4.34 22.43
CA ASN B 34 -0.66 -4.77 22.50
C ASN B 34 -0.41 -5.54 23.80
N GLU B 35 -0.61 -6.85 23.71
CA GLU B 35 -0.48 -7.75 24.85
C GLU B 35 0.85 -8.51 24.79
N GLY B 38 2.16 -11.57 24.27
CA GLY B 38 2.49 -11.72 25.68
C GLY B 38 1.98 -13.03 26.28
N THR B 39 2.10 -13.15 27.62
CA THR B 39 1.61 -14.33 28.37
C THR B 39 1.14 -13.96 29.80
N ILE B 40 -0.17 -14.05 30.04
CA ILE B 40 -0.75 -13.56 31.31
C ILE B 40 -0.84 -14.56 32.48
N THR B 41 -0.23 -14.18 33.62
CA THR B 41 -0.36 -14.91 34.89
C THR B 41 -1.07 -14.05 35.94
N TRP B 42 -2.04 -14.64 36.64
CA TRP B 42 -2.80 -13.93 37.67
C TRP B 42 -2.28 -14.22 39.08
N TYR B 43 -2.21 -13.19 39.92
CA TYR B 43 -1.72 -13.34 41.29
C TYR B 43 -2.72 -12.78 42.29
N LYS B 44 -2.77 -13.32 43.50
CA LYS B 44 -3.50 -12.66 44.60
C LYS B 44 -2.59 -11.57 45.21
N ASP B 45 -2.92 -11.09 46.40
CA ASP B 45 -2.13 -10.00 47.01
C ASP B 45 -0.76 -10.48 47.56
N PRO B 50 0.50 -18.05 43.25
CA PRO B 50 -0.50 -17.25 42.52
C PRO B 50 -1.88 -17.91 42.56
N VAL B 51 -2.80 -17.42 41.72
CA VAL B 51 -4.11 -18.04 41.54
C VAL B 51 -3.97 -19.47 41.00
N SER B 52 -4.79 -20.38 41.55
CA SER B 52 -4.83 -21.78 41.09
C SER B 52 -4.99 -21.91 39.57
N THR B 53 -4.48 -23.00 39.01
CA THR B 53 -4.53 -23.21 37.57
C THR B 53 -5.59 -24.23 37.14
N GLU B 54 -6.13 -24.98 38.09
CA GLU B 54 -7.16 -26.01 37.82
C GLU B 54 -8.62 -25.63 38.16
N GLN B 55 -9.52 -25.79 37.21
CA GLN B 55 -10.81 -25.13 37.24
C GLN B 55 -11.61 -25.47 38.48
N ALA B 56 -11.34 -26.61 39.04
CA ALA B 56 -12.04 -27.01 40.23
C ALA B 56 -11.93 -26.07 41.41
N SER B 57 -10.77 -25.46 41.56
CA SER B 57 -10.50 -24.46 42.59
C SER B 57 -11.41 -23.27 42.33
N ARG B 58 -12.19 -22.88 43.33
CA ARG B 58 -13.27 -21.91 43.19
C ARG B 58 -12.84 -20.54 42.63
N ILE B 59 -11.55 -20.23 42.80
CA ILE B 59 -10.94 -19.12 42.08
C ILE B 59 -9.83 -19.73 41.25
N HIS B 60 -9.78 -19.39 39.97
CA HIS B 60 -8.74 -19.94 39.11
C HIS B 60 -8.46 -19.15 37.84
N GLN B 61 -7.51 -19.66 37.06
CA GLN B 61 -7.15 -19.08 35.76
C GLN B 61 -7.64 -20.03 34.66
N HIS B 62 -8.26 -19.48 33.63
CA HIS B 62 -8.63 -20.26 32.44
C HIS B 62 -8.62 -19.29 31.27
N LYS B 63 -7.99 -19.68 30.16
CA LYS B 63 -7.44 -18.72 29.20
C LYS B 63 -6.61 -17.70 30.00
N GLU B 64 -6.85 -16.41 29.77
CA GLU B 64 -6.11 -15.40 30.52
C GLU B 64 -6.97 -14.56 31.47
N LYS B 65 -8.07 -15.15 31.94
CA LYS B 65 -9.00 -14.45 32.82
C LYS B 65 -9.08 -15.06 34.22
N LEU B 66 -9.46 -14.23 35.19
CA LEU B 66 -9.58 -14.64 36.59
C LEU B 66 -11.02 -15.03 36.95
N TRP B 67 -11.32 -16.32 36.98
CA TRP B 67 -12.69 -16.77 37.19
C TRP B 67 -13.06 -16.92 38.68
N PHE B 68 -14.23 -16.42 39.04
CA PHE B 68 -14.74 -16.53 40.41
C PHE B 68 -15.99 -17.41 40.39
N VAL B 69 -15.80 -18.70 40.73
CA VAL B 69 -16.82 -19.72 40.44
C VAL B 69 -17.31 -20.52 41.67
N PRO B 70 -18.23 -19.94 42.46
CA PRO B 70 -18.73 -18.56 42.32
C PRO B 70 -17.81 -17.61 43.06
N ALA B 71 -18.26 -16.38 43.29
CA ALA B 71 -17.50 -15.48 44.16
C ALA B 71 -18.21 -15.35 45.50
N LYS B 72 -17.42 -15.24 46.54
CA LYS B 72 -17.92 -14.97 47.85
C LYS B 72 -17.35 -13.63 48.20
N VAL B 73 -17.90 -12.99 49.20
CA VAL B 73 -17.52 -11.65 49.60
C VAL B 73 -16.10 -11.51 50.08
N GLU B 74 -15.57 -12.57 50.63
CA GLU B 74 -14.26 -12.58 51.24
C GLU B 74 -13.20 -12.24 50.23
N ASP B 75 -13.49 -12.48 48.97
CA ASP B 75 -12.60 -12.20 47.86
C ASP B 75 -12.25 -10.75 47.61
N SER B 76 -13.08 -9.84 48.06
CA SER B 76 -12.88 -8.46 47.71
C SER B 76 -11.51 -8.07 48.13
N GLY B 77 -10.76 -7.43 47.25
CA GLY B 77 -9.38 -7.16 47.50
C GLY B 77 -8.69 -6.88 46.20
N HIS B 78 -7.38 -6.91 46.18
CA HIS B 78 -6.62 -6.61 45.01
C HIS B 78 -5.91 -7.82 44.53
N TYR B 79 -5.86 -7.99 43.23
CA TYR B 79 -5.29 -9.16 42.59
C TYR B 79 -4.44 -8.56 41.52
N TYR B 80 -3.52 -9.33 40.92
CA TYR B 80 -2.60 -8.81 39.90
C TYR B 80 -2.58 -9.59 38.61
N CYS B 81 -2.31 -8.94 37.48
CA CYS B 81 -2.13 -9.62 36.21
C CYS B 81 -0.81 -9.22 35.60
N VAL B 82 -0.09 -10.17 35.01
CA VAL B 82 1.29 -9.95 34.58
C VAL B 82 1.67 -10.57 33.22
N VAL B 83 1.71 -9.75 32.17
CA VAL B 83 2.21 -10.21 30.88
C VAL B 83 3.74 -10.05 30.86
N ARG B 84 4.46 -11.10 30.50
CA ARG B 84 5.92 -11.06 30.49
C ARG B 84 6.60 -11.61 29.23
N ASN B 85 7.53 -10.82 28.69
CA ASN B 85 8.28 -11.18 27.49
C ASN B 85 9.78 -11.31 27.71
N SER B 86 10.21 -11.39 28.94
CA SER B 86 11.64 -11.42 29.17
C SER B 86 12.14 -10.02 28.87
N SER B 87 11.91 -9.58 27.63
CA SER B 87 12.36 -8.25 27.27
C SER B 87 11.64 -7.22 28.12
N TYR B 88 10.35 -7.39 28.32
CA TYR B 88 9.59 -6.46 29.14
C TYR B 88 8.68 -7.20 30.10
N CYS B 89 8.53 -6.72 31.31
CA CYS B 89 7.51 -7.26 32.16
C CYS B 89 7.16 -6.33 33.29
N LEU B 90 6.50 -5.23 32.94
CA LEU B 90 5.83 -4.34 33.89
C LEU B 90 4.32 -4.64 33.86
N ARG B 91 3.72 -4.77 35.04
CA ARG B 91 2.39 -5.38 35.15
C ARG B 91 1.38 -4.68 36.08
N ILE B 92 0.11 -5.08 35.98
CA ILE B 92 -1.02 -4.27 36.43
C ILE B 92 -1.84 -4.87 37.58
N LYS B 93 -2.18 -4.01 38.54
CA LYS B 93 -2.94 -4.38 39.74
C LYS B 93 -4.36 -3.83 39.68
N ILE B 94 -5.35 -4.70 39.88
CA ILE B 94 -6.76 -4.30 39.85
C ILE B 94 -7.45 -4.74 41.14
N SER B 95 -8.53 -4.06 41.49
CA SER B 95 -9.23 -4.30 42.77
C SER B 95 -10.67 -4.77 42.54
N ALA B 96 -11.15 -5.64 43.42
CA ALA B 96 -12.50 -6.20 43.27
C ALA B 96 -13.29 -6.03 44.55
N LYS B 97 -14.57 -5.70 44.43
CA LYS B 97 -15.44 -5.68 45.58
C LYS B 97 -16.62 -6.55 45.24
N PHE B 98 -16.91 -7.51 46.09
CA PHE B 98 -18.09 -8.33 45.92
C PHE B 98 -19.05 -7.98 47.04
N VAL B 99 -20.34 -8.16 46.77
CA VAL B 99 -21.38 -7.65 47.65
C VAL B 99 -22.64 -8.49 47.61
N GLU B 100 -23.10 -8.88 48.81
CA GLU B 100 -24.39 -9.52 48.97
C GLU B 100 -25.48 -8.47 48.75
N ASN B 101 -26.63 -8.89 48.24
CA ASN B 101 -27.74 -7.98 47.99
C ASN B 101 -28.17 -7.26 49.28
N GLU B 102 -28.48 -5.96 49.18
CA GLU B 102 -29.11 -5.25 50.29
C GLU B 102 -30.37 -6.01 50.75
N PRO B 103 -30.75 -5.86 52.03
CA PRO B 103 -32.01 -6.33 52.64
C PRO B 103 -33.26 -5.95 51.83
N ASN B 104 -34.14 -6.92 51.57
CA ASN B 104 -35.37 -6.72 50.78
C ASN B 104 -35.10 -6.15 49.38
N LEU B 105 -34.03 -6.64 48.75
CA LEU B 105 -33.58 -6.13 47.45
C LEU B 105 -32.80 -7.19 46.68
N CYS B 106 -33.07 -7.29 45.37
CA CYS B 106 -32.37 -8.24 44.50
C CYS B 106 -31.07 -7.65 43.91
N TYR B 107 -30.53 -6.62 44.56
CA TYR B 107 -29.31 -5.98 44.08
C TYR B 107 -28.62 -5.20 45.19
N ASN B 108 -27.51 -4.55 44.86
CA ASN B 108 -26.82 -3.66 45.79
C ASN B 108 -26.51 -2.32 45.14
N ALA B 109 -26.74 -1.23 45.88
CA ALA B 109 -26.55 0.14 45.36
C ALA B 109 -25.23 0.44 44.60
N GLN B 110 -24.11 -0.11 45.07
CA GLN B 110 -22.82 0.18 44.45
C GLN B 110 -22.43 -0.83 43.39
N ALA B 111 -23.41 -1.57 42.88
CA ALA B 111 -23.22 -2.45 41.74
C ALA B 111 -23.91 -1.84 40.54
N ILE B 112 -24.88 -0.97 40.84
CA ILE B 112 -25.68 -0.31 39.83
C ILE B 112 -24.88 0.49 38.79
N PHE B 113 -25.16 0.18 37.52
CA PHE B 113 -24.77 1.00 36.40
C PHE B 113 -25.90 1.94 36.08
N LYS B 114 -25.57 3.22 35.97
CA LYS B 114 -26.57 4.21 35.61
C LYS B 114 -26.67 4.31 34.10
N GLN B 115 -27.90 4.21 33.57
CA GLN B 115 -28.16 4.44 32.15
C GLN B 115 -29.24 5.49 31.88
N LYS B 116 -29.22 6.21 30.77
CA LYS B 116 -30.34 7.11 30.57
C LYS B 116 -30.92 7.19 29.19
N LEU B 117 -32.17 7.57 29.11
CA LEU B 117 -32.91 7.54 27.89
C LEU B 117 -33.87 8.63 27.90
N PRO B 118 -34.36 9.01 26.74
CA PRO B 118 -35.18 10.19 26.56
C PRO B 118 -36.63 9.87 26.36
N VAL B 119 -37.49 10.59 27.00
CA VAL B 119 -38.86 10.25 26.93
C VAL B 119 -39.38 10.50 25.56
N ALA B 120 -40.44 9.80 25.20
CA ALA B 120 -41.13 10.09 23.94
C ALA B 120 -40.31 9.52 22.79
N GLY B 121 -39.23 8.83 23.14
CA GLY B 121 -38.44 8.11 22.18
C GLY B 121 -38.47 6.65 22.45
N ASP B 122 -37.74 5.89 21.66
CA ASP B 122 -37.54 4.49 21.88
C ASP B 122 -36.07 4.34 22.07
N GLY B 123 -35.64 3.52 22.99
CA GLY B 123 -34.25 3.43 23.30
C GLY B 123 -34.00 2.12 23.92
N GLY B 124 -32.75 1.75 24.13
CA GLY B 124 -32.45 0.54 24.85
C GLY B 124 -31.34 0.54 25.85
N LEU B 125 -31.55 -0.13 26.96
CA LEU B 125 -30.55 -0.34 28.00
C LEU B 125 -29.56 -1.40 27.53
N VAL B 126 -28.44 -1.55 28.23
CA VAL B 126 -27.46 -2.58 27.92
C VAL B 126 -26.94 -3.23 29.20
N CYS B 127 -26.93 -4.56 29.20
CA CYS B 127 -26.46 -5.36 30.31
C CYS B 127 -24.93 -5.47 30.23
N PRO B 128 -24.21 -4.70 31.07
CA PRO B 128 -22.75 -4.60 30.93
C PRO B 128 -22.02 -5.89 31.30
N TYR B 129 -20.77 -5.99 30.84
CA TYR B 129 -19.84 -7.03 31.28
C TYR B 129 -20.41 -8.42 31.08
N MET B 130 -20.95 -8.64 29.90
CA MET B 130 -21.55 -9.91 29.59
C MET B 130 -20.78 -10.62 28.50
N GLU B 131 -19.78 -9.93 27.95
CA GLU B 131 -19.05 -10.40 26.77
C GLU B 131 -18.29 -11.74 26.91
N PHE B 132 -18.19 -12.24 28.14
CA PHE B 132 -17.36 -13.42 28.38
C PHE B 132 -18.16 -14.70 28.53
N PHE B 133 -19.46 -14.55 28.60
CA PHE B 133 -20.33 -15.63 28.96
C PHE B 133 -20.97 -16.27 27.79
N LYS B 134 -20.48 -15.96 26.62
CA LYS B 134 -20.99 -16.49 25.40
C LYS B 134 -20.73 -17.96 25.25
N ASN B 135 -21.60 -18.63 24.51
CA ASN B 135 -21.46 -20.00 24.04
C ASN B 135 -20.67 -20.01 22.79
N GLU B 136 -20.31 -21.20 22.37
CA GLU B 136 -19.24 -21.45 21.43
C GLU B 136 -19.51 -20.77 20.14
N ASN B 137 -20.75 -20.42 19.88
CA ASN B 137 -21.05 -19.72 18.67
C ASN B 137 -20.90 -18.25 18.96
N ASN B 138 -20.39 -17.93 20.12
CA ASN B 138 -20.34 -16.54 20.47
C ASN B 138 -21.73 -15.99 20.57
N GLU B 139 -22.62 -16.75 21.19
CA GLU B 139 -23.94 -16.27 21.50
C GLU B 139 -24.23 -16.36 22.97
N LEU B 140 -24.73 -15.30 23.57
CA LEU B 140 -25.05 -15.29 25.00
C LEU B 140 -26.35 -15.91 25.37
N PRO B 141 -26.50 -16.17 26.63
CA PRO B 141 -27.66 -16.85 27.17
C PRO B 141 -28.87 -15.97 27.15
N LYS B 142 -30.05 -16.54 27.04
CA LYS B 142 -31.23 -15.68 26.99
C LYS B 142 -31.22 -14.82 28.24
N LEU B 143 -31.33 -13.51 28.05
CA LEU B 143 -31.33 -12.62 29.20
C LEU B 143 -32.76 -12.41 29.69
N GLN B 144 -32.96 -12.58 31.00
CA GLN B 144 -34.25 -12.31 31.62
C GLN B 144 -34.25 -10.89 32.24
N TRP B 145 -35.29 -10.10 31.96
CA TRP B 145 -35.31 -8.71 32.43
C TRP B 145 -36.24 -8.39 33.60
N TYR B 146 -35.75 -7.62 34.56
CA TYR B 146 -36.55 -7.26 35.72
C TYR B 146 -36.50 -5.76 36.01
N LYS B 147 -37.52 -5.29 36.72
CA LYS B 147 -37.60 -3.91 37.17
C LYS B 147 -38.00 -3.88 38.66
N ASP B 148 -37.03 -3.50 39.51
CA ASP B 148 -37.22 -3.47 40.97
C ASP B 148 -37.63 -4.82 41.51
N CYS B 149 -36.94 -5.86 41.04
CA CYS B 149 -37.12 -7.23 41.51
C CYS B 149 -38.43 -7.87 41.05
N LYS B 150 -39.13 -7.19 40.13
CA LYS B 150 -40.34 -7.73 39.52
C LYS B 150 -40.10 -7.98 38.03
N PRO B 151 -40.56 -9.12 37.52
CA PRO B 151 -40.14 -9.49 36.16
C PRO B 151 -40.96 -8.80 35.07
N LEU B 152 -40.37 -8.69 33.89
CA LEU B 152 -40.91 -7.91 32.77
C LEU B 152 -41.66 -8.74 31.74
N LEU B 153 -42.70 -8.17 31.13
CA LEU B 153 -43.30 -8.82 29.96
C LEU B 153 -42.54 -8.37 28.72
N LEU B 154 -41.77 -9.28 28.12
CA LEU B 154 -41.04 -9.00 26.88
C LEU B 154 -41.97 -9.19 25.68
N ASP B 155 -43.02 -8.37 25.64
CA ASP B 155 -44.13 -8.53 24.71
C ASP B 155 -43.92 -7.87 23.34
N ASN B 156 -42.79 -7.19 23.18
CA ASN B 156 -42.46 -6.50 21.92
C ASN B 156 -43.43 -5.36 21.56
N ILE B 157 -44.08 -4.82 22.58
CA ILE B 157 -44.91 -3.63 22.45
C ILE B 157 -44.32 -2.56 23.36
N HIS B 158 -44.09 -2.94 24.62
CA HIS B 158 -43.48 -2.06 25.60
C HIS B 158 -41.98 -2.34 25.74
N PHE B 159 -41.64 -3.62 25.80
CA PHE B 159 -40.25 -4.05 25.94
C PHE B 159 -39.86 -5.18 24.99
N SER B 160 -38.58 -5.22 24.63
CA SER B 160 -38.02 -6.28 23.79
C SER B 160 -36.60 -6.56 24.25
N GLY B 161 -36.26 -7.84 24.32
CA GLY B 161 -34.88 -8.22 24.62
C GLY B 161 -34.22 -9.00 23.50
N VAL B 162 -33.22 -8.42 22.89
CA VAL B 162 -32.34 -9.13 22.02
C VAL B 162 -30.98 -9.07 22.63
N LYS B 163 -30.29 -10.18 22.71
CA LYS B 163 -28.93 -10.11 23.19
C LYS B 163 -28.93 -9.37 24.46
N ASP B 164 -28.07 -8.39 24.56
CA ASP B 164 -27.85 -7.74 25.82
C ASP B 164 -28.75 -6.57 25.83
N ARG B 165 -29.70 -6.45 24.95
CA ARG B 165 -30.46 -5.24 25.05
C ARG B 165 -31.82 -5.49 25.61
N LEU B 166 -32.34 -4.44 26.21
CA LEU B 166 -33.70 -4.25 26.71
C LEU B 166 -34.25 -3.04 25.94
N ILE B 167 -34.78 -3.27 24.74
CA ILE B 167 -35.38 -2.19 23.95
C ILE B 167 -36.67 -1.66 24.58
N VAL B 168 -36.71 -0.39 24.93
CA VAL B 168 -37.84 0.17 25.63
C VAL B 168 -38.52 1.12 24.72
N MET B 169 -39.84 1.06 24.62
CA MET B 169 -40.56 1.82 23.63
C MET B 169 -41.52 2.81 24.24
N ASN B 170 -41.55 4.02 23.72
CA ASN B 170 -42.24 5.12 24.34
C ASN B 170 -41.84 5.42 25.73
N VAL B 171 -40.63 5.82 25.94
CA VAL B 171 -40.26 6.10 27.28
C VAL B 171 -41.15 7.19 27.80
N ALA B 172 -41.56 7.01 29.04
CA ALA B 172 -42.21 8.00 29.90
C ALA B 172 -41.62 7.80 31.28
N GLU B 173 -41.82 8.78 32.17
CA GLU B 173 -41.14 8.74 33.47
C GLU B 173 -41.57 7.56 34.36
N LYS B 174 -42.69 6.91 34.03
CA LYS B 174 -43.09 5.69 34.70
C LYS B 174 -42.04 4.57 34.56
N HIS B 175 -41.22 4.65 33.52
CA HIS B 175 -40.16 3.68 33.28
C HIS B 175 -38.98 3.78 34.27
N ARG B 176 -38.96 4.85 35.07
CA ARG B 176 -37.88 5.12 36.01
C ARG B 176 -37.80 4.06 37.12
N GLY B 177 -36.71 3.30 37.11
CA GLY B 177 -36.51 2.27 38.10
C GLY B 177 -35.15 1.59 38.00
N ASN B 178 -34.84 0.79 39.01
CA ASN B 178 -33.68 -0.08 38.95
C ASN B 178 -34.05 -1.38 38.21
N TYR B 179 -33.43 -1.57 37.06
CA TYR B 179 -33.67 -2.76 36.25
C TYR B 179 -32.65 -3.84 36.52
N THR B 180 -33.01 -5.08 36.19
CA THR B 180 -32.10 -6.18 36.41
C THR B 180 -32.08 -7.11 35.21
N CYS B 181 -30.89 -7.28 34.62
CA CYS B 181 -30.70 -8.31 33.60
C CYS B 181 -30.03 -9.55 34.20
N HIS B 182 -30.55 -10.72 33.82
CA HIS B 182 -30.14 -11.99 34.42
C HIS B 182 -29.93 -13.10 33.39
N ALA B 183 -28.86 -13.87 33.58
CA ALA B 183 -28.52 -14.95 32.67
C ALA B 183 -28.19 -16.19 33.47
N SER B 184 -28.10 -17.32 32.79
CA SER B 184 -27.56 -18.53 33.41
C SER B 184 -26.37 -19.12 32.64
N TYR B 185 -25.23 -19.19 33.32
CA TYR B 185 -24.01 -19.68 32.70
C TYR B 185 -23.70 -21.10 33.14
N THR B 186 -23.33 -21.95 32.19
CA THR B 186 -22.88 -23.28 32.57
C THR B 186 -21.36 -23.34 32.55
N TYR B 187 -20.77 -23.45 33.74
CA TYR B 187 -19.37 -23.77 33.90
C TYR B 187 -19.31 -25.19 34.47
N LEU B 188 -18.80 -26.12 33.66
CA LEU B 188 -18.43 -27.44 34.16
C LEU B 188 -19.57 -28.34 34.66
N GLY B 189 -20.79 -28.18 34.14
CA GLY B 189 -21.86 -29.10 34.49
C GLY B 189 -22.64 -28.73 35.75
N LYS B 190 -22.29 -27.58 36.33
CA LYS B 190 -23.11 -26.95 37.35
C LYS B 190 -23.52 -25.61 36.73
N GLN B 191 -24.79 -25.23 36.84
CA GLN B 191 -25.20 -23.96 36.24
C GLN B 191 -24.98 -22.76 37.17
N TYR B 192 -24.67 -21.61 36.57
CA TYR B 192 -24.33 -20.41 37.35
C TYR B 192 -25.12 -19.16 36.90
N PRO B 193 -25.67 -18.40 37.86
CA PRO B 193 -26.45 -17.20 37.54
C PRO B 193 -25.63 -15.90 37.51
N ILE B 194 -25.84 -15.07 36.48
CA ILE B 194 -25.15 -13.79 36.35
C ILE B 194 -26.12 -12.59 36.48
N THR B 195 -25.83 -11.69 37.42
CA THR B 195 -26.70 -10.56 37.70
C THR B 195 -26.01 -9.22 37.37
N ARG B 196 -26.71 -8.33 36.64
CA ARG B 196 -26.30 -6.93 36.54
C ARG B 196 -27.49 -5.97 36.81
N VAL B 197 -27.17 -4.78 37.34
CA VAL B 197 -28.18 -3.81 37.72
C VAL B 197 -28.05 -2.50 36.95
N ILE B 198 -29.16 -2.03 36.40
CA ILE B 198 -29.16 -0.78 35.67
C ILE B 198 -30.15 0.19 36.25
N GLU B 199 -29.68 1.38 36.66
CA GLU B 199 -30.60 2.46 37.01
C GLU B 199 -31.06 3.21 35.76
N PHE B 200 -32.36 3.07 35.44
CA PHE B 200 -32.99 3.75 34.33
C PHE B 200 -33.43 5.13 34.80
N ILE B 201 -32.88 6.17 34.20
CA ILE B 201 -33.29 7.53 34.54
C ILE B 201 -33.61 8.30 33.27
N THR B 202 -34.84 8.79 33.20
CA THR B 202 -35.32 9.46 32.00
C THR B 202 -34.62 10.77 31.70
N LEU B 203 -34.80 11.25 30.48
CA LEU B 203 -34.23 12.52 30.04
C LEU B 203 -35.27 13.30 29.25
N GLU B 204 -34.91 14.55 28.94
CA GLU B 204 -35.72 15.39 28.07
C GLU B 204 -35.76 14.80 26.66
N GLU B 205 -36.94 14.87 26.04
CA GLU B 205 -37.18 14.29 24.73
C GLU B 205 -36.19 14.76 23.65
N ASN B 206 -35.76 13.84 22.80
CA ASN B 206 -35.00 14.18 21.61
C ASN B 206 -35.91 14.69 20.50
N LYS B 207 -35.38 15.58 19.67
CA LYS B 207 -36.22 16.27 18.69
C LYS B 207 -35.43 16.83 17.53
N PRO B 208 -35.99 16.71 16.32
CA PRO B 208 -35.57 17.48 15.15
C PRO B 208 -35.84 18.96 15.40
N THR B 209 -34.77 19.75 15.53
CA THR B 209 -34.88 21.18 15.78
C THR B 209 -33.82 21.89 14.93
N ARG B 210 -34.25 22.81 14.08
CA ARG B 210 -33.32 23.63 13.31
C ARG B 210 -33.23 25.01 13.97
N PRO B 211 -31.98 25.53 14.14
CA PRO B 211 -31.92 26.88 14.69
C PRO B 211 -32.67 27.86 13.79
N VAL B 212 -33.17 28.92 14.40
CA VAL B 212 -34.00 29.90 13.74
C VAL B 212 -33.45 31.27 14.12
N ILE B 213 -33.35 32.19 13.16
CA ILE B 213 -32.71 33.48 13.42
C ILE B 213 -33.71 34.56 13.85
N VAL B 214 -33.35 35.29 14.89
CA VAL B 214 -34.15 36.40 15.40
C VAL B 214 -33.96 37.75 14.76
N SER B 215 -32.71 38.16 14.66
CA SER B 215 -32.28 39.40 14.02
C SER B 215 -30.88 39.10 13.62
N PRO B 216 -30.36 39.64 12.54
CA PRO B 216 -30.81 40.76 11.74
C PRO B 216 -31.96 40.35 10.97
N ALA B 217 -32.66 41.27 10.33
CA ALA B 217 -33.93 40.82 9.75
C ALA B 217 -34.13 41.19 8.30
N ASN B 218 -33.07 41.06 7.51
CA ASN B 218 -33.09 41.36 6.07
C ASN B 218 -33.51 42.80 5.84
N GLU B 219 -32.59 43.73 6.15
CA GLU B 219 -32.95 45.12 6.26
C GLU B 219 -31.77 46.07 5.95
N THR B 220 -32.11 47.34 5.72
CA THR B 220 -31.14 48.39 5.48
C THR B 220 -30.75 49.05 6.80
N MET B 221 -29.59 49.68 6.82
CA MET B 221 -29.16 50.46 7.96
C MET B 221 -28.34 51.61 7.42
N GLU B 222 -28.52 52.82 7.95
CA GLU B 222 -27.82 54.02 7.45
C GLU B 222 -26.31 54.15 7.74
N VAL B 223 -25.61 54.83 6.86
CA VAL B 223 -24.19 54.63 6.66
C VAL B 223 -23.20 55.53 7.38
N ASP B 224 -22.36 54.90 8.18
CA ASP B 224 -21.34 55.56 8.95
C ASP B 224 -20.08 55.71 8.15
N LEU B 225 -18.99 55.95 8.85
CA LEU B 225 -17.70 55.91 8.27
C LEU B 225 -16.67 55.74 9.37
N GLN B 228 -15.79 52.18 15.30
CA GLN B 228 -15.93 50.97 16.11
C GLN B 228 -17.39 50.65 16.43
N ILE B 229 -18.10 50.14 15.42
CA ILE B 229 -19.51 49.80 15.54
C ILE B 229 -19.74 48.28 15.61
N GLN B 230 -20.81 47.86 16.31
CA GLN B 230 -21.14 46.43 16.43
C GLN B 230 -22.51 46.06 15.85
N LEU B 231 -22.65 44.77 15.53
CA LEU B 231 -23.64 44.25 14.59
C LEU B 231 -24.06 42.84 15.03
N ILE B 232 -25.32 42.67 15.45
CA ILE B 232 -25.66 41.53 16.30
C ILE B 232 -26.40 40.39 15.59
N CYS B 233 -25.95 39.16 15.89
CA CYS B 233 -26.62 37.93 15.41
C CYS B 233 -27.36 37.21 16.52
N ASN B 234 -28.69 37.25 16.49
CA ASN B 234 -29.47 36.53 17.50
C ASN B 234 -30.12 35.31 16.89
N VAL B 235 -29.75 34.13 17.42
CA VAL B 235 -30.29 32.84 16.97
C VAL B 235 -30.95 32.04 18.10
N THR B 236 -32.12 31.49 17.82
CA THR B 236 -32.79 30.61 18.76
C THR B 236 -32.61 29.14 18.34
N GLY B 237 -31.92 28.39 19.19
CA GLY B 237 -31.67 27.01 18.88
C GLY B 237 -30.94 26.32 20.00
N GLN B 238 -30.33 25.18 19.69
CA GLN B 238 -29.60 24.42 20.68
C GLN B 238 -28.22 25.02 20.87
N LEU B 239 -27.57 24.64 21.97
CA LEU B 239 -26.19 25.03 22.25
C LEU B 239 -25.21 24.33 21.34
N SER B 240 -25.65 23.25 20.68
CA SER B 240 -24.81 22.45 19.77
C SER B 240 -24.96 22.97 18.34
N ASP B 241 -25.88 23.92 18.18
CA ASP B 241 -26.06 24.62 16.92
C ASP B 241 -24.96 25.68 16.80
N ILE B 242 -24.78 26.27 15.62
CA ILE B 242 -23.89 27.42 15.52
C ILE B 242 -24.50 28.59 14.75
N ALA B 243 -23.95 29.78 15.00
CA ALA B 243 -24.37 31.00 14.31
C ALA B 243 -23.14 31.82 13.94
N TYR B 244 -22.95 32.07 12.65
CA TYR B 244 -21.75 32.77 12.18
C TYR B 244 -22.06 33.76 11.06
N TRP B 245 -21.12 34.67 10.81
CA TRP B 245 -21.27 35.65 9.73
C TRP B 245 -20.42 35.27 8.52
N LYS B 246 -20.99 35.48 7.34
CA LYS B 246 -20.23 35.44 6.10
C LYS B 246 -20.49 36.75 5.33
N TRP B 247 -19.44 37.27 4.67
CA TRP B 247 -19.59 38.45 3.81
C TRP B 247 -18.72 38.34 2.56
N ASN B 248 -19.20 38.86 1.42
CA ASN B 248 -18.57 38.63 0.10
C ASN B 248 -18.35 37.12 -0.14
N GLY B 249 -19.35 36.33 0.23
CA GLY B 249 -19.29 34.89 0.06
C GLY B 249 -18.15 34.19 0.77
N SER B 250 -17.61 34.82 1.82
CA SER B 250 -16.55 34.21 2.62
C SER B 250 -16.64 34.52 4.13
N VAL B 251 -15.91 33.76 4.93
CA VAL B 251 -16.03 33.82 6.38
C VAL B 251 -15.09 34.86 7.00
N ILE B 252 -15.49 35.37 8.16
CA ILE B 252 -14.69 36.27 8.98
C ILE B 252 -13.39 35.57 9.40
N ASP B 253 -12.24 36.17 9.09
CA ASP B 253 -10.94 35.57 9.42
C ASP B 253 -10.37 36.12 10.73
N GLU B 254 -9.48 35.35 11.36
CA GLU B 254 -8.80 35.79 12.57
C GLU B 254 -7.74 36.86 12.27
N ASP B 255 -7.37 36.95 10.99
CA ASP B 255 -6.40 37.93 10.52
C ASP B 255 -7.06 38.98 9.63
N ASP B 256 -8.20 39.50 10.06
CA ASP B 256 -8.86 40.60 9.37
C ASP B 256 -9.10 41.71 10.38
N PRO B 257 -8.28 42.77 10.30
CA PRO B 257 -8.12 43.76 11.38
C PRO B 257 -9.38 44.59 11.64
N VAL B 258 -10.10 44.98 10.59
CA VAL B 258 -11.41 45.64 10.74
C VAL B 258 -12.46 44.72 11.40
N LEU B 259 -12.49 43.45 10.97
CA LEU B 259 -13.58 42.55 11.29
C LEU B 259 -13.29 41.51 12.35
N GLY B 260 -14.10 41.53 13.41
CA GLY B 260 -13.97 40.56 14.49
C GLY B 260 -15.28 39.83 14.73
N GLU B 261 -15.17 38.59 15.20
CA GLU B 261 -16.34 37.83 15.62
C GLU B 261 -16.13 37.34 17.05
N ASP B 262 -17.14 37.54 17.90
CA ASP B 262 -17.10 37.04 19.27
C ASP B 262 -18.37 36.24 19.54
N TYR B 263 -18.21 34.97 19.93
CA TYR B 263 -19.33 34.03 20.05
C TYR B 263 -19.74 33.80 21.50
N TYR B 264 -20.94 34.26 21.85
CA TYR B 264 -21.51 34.07 23.18
C TYR B 264 -22.70 33.10 23.10
N SER B 265 -23.17 32.61 24.25
CA SER B 265 -24.33 31.71 24.32
C SER B 265 -25.09 31.76 25.66
N VAL B 266 -26.32 32.27 25.62
CA VAL B 266 -27.23 32.28 26.78
C VAL B 266 -28.08 31.00 26.76
N GLU B 267 -27.93 30.16 27.79
CA GLU B 267 -28.76 28.96 27.90
C GLU B 267 -30.26 29.24 28.11
N ASN B 268 -31.04 28.21 28.24
CA ASN B 268 -32.37 28.44 28.66
C ASN B 268 -32.78 27.37 29.60
N PRO B 269 -33.15 27.77 30.78
CA PRO B 269 -33.61 26.89 31.82
C PRO B 269 -34.90 26.26 31.42
N ALA B 270 -35.73 27.04 30.76
CA ALA B 270 -37.01 26.55 30.36
C ALA B 270 -36.99 25.47 29.31
N ASN B 271 -36.20 25.65 28.28
CA ASN B 271 -36.25 24.79 27.12
C ASN B 271 -34.96 24.76 26.40
N LYS B 272 -34.07 23.91 26.82
CA LYS B 272 -32.69 24.09 26.54
C LYS B 272 -32.45 24.06 25.07
N ARG B 273 -33.42 23.62 24.31
CA ARG B 273 -33.28 23.49 22.85
C ARG B 273 -33.80 24.70 22.11
N ARG B 274 -34.19 25.68 22.89
CA ARG B 274 -34.76 26.97 22.49
C ARG B 274 -34.11 27.99 23.41
N SER B 275 -32.85 28.30 23.11
CA SER B 275 -32.02 29.11 23.99
C SER B 275 -31.07 29.99 23.16
N THR B 276 -30.90 31.24 23.54
CA THR B 276 -30.24 32.24 22.66
C THR B 276 -28.76 31.97 22.33
N LEU B 277 -28.45 32.04 21.04
CA LEU B 277 -27.07 32.06 20.54
C LEU B 277 -26.77 33.45 20.01
N ILE B 278 -25.63 34.00 20.45
CA ILE B 278 -25.28 35.38 20.11
C ILE B 278 -23.91 35.46 19.46
N THR B 279 -23.87 36.07 18.28
CA THR B 279 -22.60 36.36 17.63
C THR B 279 -22.52 37.86 17.28
N VAL B 280 -21.36 38.48 17.52
CA VAL B 280 -21.16 39.89 17.19
C VAL B 280 -20.07 40.11 16.16
N LEU B 281 -20.48 40.69 15.04
CA LEU B 281 -19.55 41.15 14.03
C LEU B 281 -19.03 42.50 14.48
N ASN B 282 -17.91 42.49 15.18
CA ASN B 282 -17.28 43.73 15.57
C ASN B 282 -16.52 44.22 14.33
N ILE B 283 -17.15 45.03 13.52
CA ILE B 283 -16.43 45.82 12.55
C ILE B 283 -15.96 46.97 13.38
N SER B 284 -14.87 47.62 13.01
CA SER B 284 -14.46 48.79 13.75
C SER B 284 -14.51 50.05 12.88
N GLU B 285 -13.80 49.99 11.78
CA GLU B 285 -13.69 51.13 10.92
C GLU B 285 -14.29 50.74 9.64
N ILE B 286 -15.21 51.50 9.14
CA ILE B 286 -15.83 51.15 7.90
C ILE B 286 -14.86 51.27 6.72
N GLU B 287 -15.18 50.65 5.59
CA GLU B 287 -14.50 50.88 4.30
C GLU B 287 -15.57 50.94 3.21
N SER B 288 -15.23 51.49 2.03
CA SER B 288 -16.25 51.73 1.00
C SER B 288 -16.84 50.46 0.40
N ARG B 289 -16.12 49.35 0.58
CA ARG B 289 -16.57 48.04 0.10
C ARG B 289 -17.91 47.63 0.75
N PHE B 290 -18.03 47.94 2.04
CA PHE B 290 -19.13 47.50 2.92
C PHE B 290 -20.54 47.96 2.53
N TYR B 291 -20.64 48.88 1.59
CA TYR B 291 -21.95 49.34 1.17
C TYR B 291 -22.41 48.51 -0.02
N LYS B 292 -21.46 47.78 -0.60
CA LYS B 292 -21.66 47.08 -1.87
C LYS B 292 -22.16 45.62 -1.75
N HIS B 293 -21.87 44.96 -0.63
CA HIS B 293 -22.30 43.58 -0.40
C HIS B 293 -22.83 43.38 1.02
N PRO B 294 -24.04 42.78 1.15
CA PRO B 294 -24.72 42.65 2.46
C PRO B 294 -24.03 41.69 3.44
N PHE B 295 -24.25 41.91 4.73
CA PHE B 295 -23.71 41.00 5.75
C PHE B 295 -24.74 39.96 6.16
N THR B 296 -24.43 38.70 5.87
CA THR B 296 -25.37 37.62 6.13
C THR B 296 -24.99 36.81 7.37
N CYS B 297 -25.99 36.64 8.22
CA CYS B 297 -25.92 35.77 9.39
C CYS B 297 -26.40 34.38 8.98
N PHE B 298 -25.64 33.36 9.34
CA PHE B 298 -26.06 31.99 9.09
C PHE B 298 -26.25 31.23 10.41
N ALA B 299 -27.44 30.67 10.61
CA ALA B 299 -27.69 29.73 11.71
C ALA B 299 -27.86 28.32 11.14
N LYS B 300 -27.09 27.36 11.67
CA LYS B 300 -27.01 26.02 11.06
C LYS B 300 -26.83 24.81 12.01
N ASN B 301 -27.62 23.76 11.79
CA ASN B 301 -27.30 22.41 12.32
C ASN B 301 -27.52 21.27 11.31
N THR B 302 -27.50 20.03 11.80
CA THR B 302 -27.63 18.90 10.90
C THR B 302 -29.05 18.86 10.32
N HIS B 303 -30.01 19.38 11.07
CA HIS B 303 -31.40 19.41 10.63
C HIS B 303 -31.77 20.47 9.58
N GLY B 304 -31.05 21.58 9.53
CA GLY B 304 -31.42 22.66 8.63
C GLY B 304 -30.63 23.96 8.79
N ILE B 305 -30.85 24.90 7.87
CA ILE B 305 -30.10 26.14 7.86
C ILE B 305 -31.02 27.35 7.79
N ASP B 306 -30.62 28.47 8.43
CA ASP B 306 -31.31 29.73 8.19
C ASP B 306 -30.34 30.86 7.85
N ALA B 307 -30.85 31.91 7.21
CA ALA B 307 -30.03 33.02 6.73
C ALA B 307 -30.72 34.37 6.88
N ALA B 308 -29.95 35.37 7.30
CA ALA B 308 -30.46 36.74 7.40
C ALA B 308 -29.36 37.77 7.20
N TYR B 309 -29.71 38.88 6.54
CA TYR B 309 -28.75 39.95 6.27
C TYR B 309 -29.09 41.31 6.89
N ILE B 310 -28.09 42.19 6.85
CA ILE B 310 -28.26 43.64 7.02
C ILE B 310 -27.28 44.27 6.03
N GLN B 311 -27.75 45.21 5.23
CA GLN B 311 -26.89 45.90 4.25
C GLN B 311 -26.47 47.28 4.78
N LEU B 312 -25.24 47.69 4.50
CA LEU B 312 -24.75 48.96 5.07
C LEU B 312 -24.64 50.11 4.07
N ARG C 5 -56.27 -10.02 -33.26
CA ARG C 5 -57.10 -9.23 -32.32
C ARG C 5 -56.95 -9.65 -30.85
N CYS C 6 -56.02 -9.05 -30.13
CA CYS C 6 -55.89 -9.33 -28.70
C CYS C 6 -56.20 -8.10 -27.85
N ASP C 7 -56.54 -8.33 -26.57
CA ASP C 7 -56.44 -7.28 -25.57
C ASP C 7 -54.93 -7.18 -25.27
N ASP C 8 -54.25 -6.15 -25.78
CA ASP C 8 -52.80 -6.01 -25.48
C ASP C 8 -52.58 -5.03 -24.31
N TRP C 9 -52.47 -5.63 -23.13
CA TRP C 9 -52.30 -4.88 -21.88
C TRP C 9 -50.96 -4.18 -21.85
N GLY C 10 -50.06 -4.64 -22.74
CA GLY C 10 -48.79 -3.98 -22.99
C GLY C 10 -47.59 -4.63 -22.31
N LEU C 11 -46.87 -3.81 -21.55
CA LEU C 11 -45.70 -4.30 -20.83
C LEU C 11 -45.86 -3.95 -19.35
N ASP C 12 -45.88 -4.98 -18.50
CA ASP C 12 -46.03 -4.77 -17.06
C ASP C 12 -44.70 -4.39 -16.47
N THR C 13 -44.59 -3.16 -16.00
CA THR C 13 -43.31 -2.69 -15.51
C THR C 13 -43.28 -2.70 -13.98
N MET C 14 -44.36 -3.21 -13.37
CA MET C 14 -44.39 -3.35 -11.93
C MET C 14 -43.73 -4.67 -11.51
N ARG C 15 -42.95 -5.21 -12.43
CA ARG C 15 -41.82 -6.07 -12.07
C ARG C 15 -40.77 -5.22 -11.37
N GLN C 16 -39.87 -5.89 -10.66
CA GLN C 16 -38.53 -5.37 -10.48
C GLN C 16 -37.69 -6.49 -11.03
N ILE C 17 -37.78 -6.69 -12.35
CA ILE C 17 -37.19 -7.88 -12.93
C ILE C 17 -35.98 -7.63 -13.85
N GLN C 18 -34.97 -7.04 -13.23
CA GLN C 18 -33.58 -7.27 -13.56
C GLN C 18 -33.13 -8.41 -12.66
N VAL C 19 -32.29 -9.29 -13.21
CA VAL C 19 -31.86 -10.49 -12.49
C VAL C 19 -30.39 -10.84 -12.77
N PHE C 20 -29.65 -11.26 -11.74
CA PHE C 20 -28.25 -11.68 -11.91
C PHE C 20 -28.09 -12.95 -12.75
N GLU C 21 -27.02 -13.00 -13.53
CA GLU C 21 -26.66 -14.21 -14.28
C GLU C 21 -26.43 -15.43 -13.36
N ASP C 22 -26.69 -16.63 -13.87
CA ASP C 22 -26.37 -17.88 -13.15
C ASP C 22 -27.21 -18.05 -11.88
N GLU C 23 -28.32 -17.33 -11.83
CA GLU C 23 -29.25 -17.50 -10.74
C GLU C 23 -30.60 -17.90 -11.32
N PRO C 24 -31.43 -18.62 -10.52
CA PRO C 24 -32.78 -18.96 -10.98
C PRO C 24 -33.66 -17.71 -11.05
N ALA C 25 -34.76 -17.82 -11.79
CA ALA C 25 -35.81 -16.79 -11.78
C ALA C 25 -37.13 -17.38 -12.26
N ARG C 26 -38.13 -17.41 -11.39
CA ARG C 26 -39.48 -17.76 -11.85
C ARG C 26 -40.29 -16.49 -12.08
N ILE C 27 -41.03 -16.42 -13.17
CA ILE C 27 -41.95 -15.29 -13.38
C ILE C 27 -43.39 -15.75 -13.49
N LYS C 28 -44.30 -15.23 -12.67
CA LYS C 28 -45.71 -15.58 -12.86
C LYS C 28 -46.32 -14.74 -14.00
N CYS C 29 -47.12 -15.36 -14.86
CA CYS C 29 -47.79 -14.61 -15.90
C CYS C 29 -48.66 -13.53 -15.26
N PRO C 30 -48.38 -12.30 -15.59
CA PRO C 30 -48.93 -11.16 -14.93
C PRO C 30 -50.36 -11.02 -15.18
N LEU C 31 -50.89 -11.82 -16.05
CA LEU C 31 -52.26 -11.65 -16.38
C LEU C 31 -53.12 -11.98 -15.25
N PHE C 32 -52.85 -13.07 -14.62
CA PHE C 32 -53.75 -13.63 -13.70
C PHE C 32 -53.92 -12.82 -12.47
N GLU C 33 -55.16 -12.53 -12.13
CA GLU C 33 -55.51 -11.91 -10.85
C GLU C 33 -55.11 -10.44 -10.82
N HIS C 34 -54.47 -9.97 -11.88
CA HIS C 34 -54.11 -8.62 -12.13
C HIS C 34 -54.85 -7.97 -13.30
N PHE C 35 -54.33 -8.26 -14.49
CA PHE C 35 -55.05 -7.96 -15.72
C PHE C 35 -56.40 -8.65 -15.86
N LEU C 36 -56.47 -9.88 -15.35
CA LEU C 36 -57.66 -10.66 -15.41
C LEU C 36 -58.08 -10.86 -14.03
N LYS C 37 -59.33 -11.17 -13.84
CA LYS C 37 -59.83 -11.31 -12.51
C LYS C 37 -59.66 -12.70 -12.04
N PHE C 38 -59.17 -13.59 -12.87
CA PHE C 38 -59.12 -14.99 -12.43
C PHE C 38 -57.72 -15.63 -12.40
N ASN C 39 -57.60 -16.76 -11.71
CA ASN C 39 -56.36 -17.49 -11.66
C ASN C 39 -56.18 -18.40 -12.87
N TYR C 40 -55.07 -19.14 -12.84
CA TYR C 40 -54.77 -20.13 -13.84
C TYR C 40 -55.76 -21.30 -13.89
N SER C 41 -56.07 -21.91 -12.74
CA SER C 41 -56.95 -23.09 -12.70
C SER C 41 -58.33 -22.81 -13.33
N THR C 42 -58.91 -21.66 -12.98
CA THR C 42 -60.21 -21.25 -13.51
C THR C 42 -60.18 -21.10 -15.03
N ALA C 43 -59.26 -20.29 -15.53
CA ALA C 43 -59.08 -20.06 -16.96
C ALA C 43 -58.87 -21.36 -17.74
N HIS C 44 -58.18 -22.32 -17.15
CA HIS C 44 -57.95 -23.59 -17.82
C HIS C 44 -59.27 -24.31 -17.96
N SER C 45 -59.99 -24.37 -16.85
CA SER C 45 -61.33 -24.93 -16.82
C SER C 45 -62.26 -24.17 -17.78
N ALA C 46 -62.04 -22.86 -17.95
CA ALA C 46 -62.85 -22.09 -18.91
C ALA C 46 -62.42 -22.29 -20.37
N GLY C 47 -61.61 -23.33 -20.63
CA GLY C 47 -61.16 -23.64 -21.97
C GLY C 47 -60.13 -22.70 -22.57
N LEU C 48 -59.53 -21.86 -21.75
CA LEU C 48 -58.42 -21.03 -22.21
C LEU C 48 -57.09 -21.81 -22.23
N THR C 49 -56.26 -21.58 -23.25
CA THR C 49 -54.86 -22.03 -23.25
C THR C 49 -53.94 -20.85 -22.97
N LEU C 50 -52.83 -21.13 -22.30
CA LEU C 50 -51.79 -20.12 -22.02
C LEU C 50 -50.54 -20.37 -22.88
N ILE C 51 -50.11 -19.35 -23.63
CA ILE C 51 -48.97 -19.54 -24.53
C ILE C 51 -47.88 -18.52 -24.22
N TRP C 52 -46.65 -18.83 -24.61
CA TRP C 52 -45.50 -17.98 -24.28
C TRP C 52 -44.62 -17.73 -25.49
N TYR C 53 -44.19 -16.49 -25.62
CA TYR C 53 -43.20 -16.14 -26.62
C TYR C 53 -42.39 -14.92 -26.15
N TRP C 54 -41.39 -14.52 -26.92
CA TRP C 54 -40.62 -13.34 -26.54
C TRP C 54 -40.04 -12.62 -27.75
N THR C 55 -39.48 -11.44 -27.52
CA THR C 55 -38.70 -10.74 -28.52
C THR C 55 -37.38 -10.59 -27.82
N ARG C 56 -36.27 -10.92 -28.51
CA ARG C 56 -34.94 -10.69 -27.93
C ARG C 56 -34.63 -9.20 -27.97
N GLN C 57 -33.68 -8.76 -27.14
CA GLN C 57 -33.26 -7.34 -27.08
C GLN C 57 -32.31 -7.04 -28.25
N ASP C 58 -32.55 -5.90 -28.93
CA ASP C 58 -31.97 -5.62 -30.24
C ASP C 58 -32.52 -6.67 -31.21
N ARG C 59 -33.85 -6.64 -31.35
CA ARG C 59 -34.62 -7.51 -32.24
C ARG C 59 -36.11 -7.09 -32.24
N ASP C 60 -36.79 -7.33 -33.36
CA ASP C 60 -38.23 -7.05 -33.46
C ASP C 60 -39.05 -8.31 -33.76
N LEU C 61 -38.36 -9.39 -34.15
CA LEU C 61 -39.01 -10.67 -34.45
C LEU C 61 -39.49 -11.38 -33.18
N GLU C 62 -40.82 -11.52 -33.04
CA GLU C 62 -41.34 -12.35 -31.97
C GLU C 62 -41.04 -13.82 -32.28
N GLU C 63 -40.09 -14.39 -31.54
CA GLU C 63 -39.78 -15.82 -31.62
C GLU C 63 -40.48 -16.58 -30.52
N PRO C 64 -40.52 -17.92 -30.67
CA PRO C 64 -40.82 -18.82 -29.56
C PRO C 64 -39.67 -18.91 -28.56
N ILE C 65 -40.03 -19.13 -27.30
CA ILE C 65 -39.09 -19.51 -26.25
C ILE C 65 -38.70 -20.94 -26.51
N ASN C 66 -37.41 -21.27 -26.34
CA ASN C 66 -37.02 -22.68 -26.48
C ASN C 66 -37.10 -23.50 -25.19
N PHE C 67 -38.03 -24.45 -25.14
CA PHE C 67 -38.20 -25.30 -23.95
C PHE C 67 -37.42 -26.60 -23.98
N ARG C 68 -36.63 -26.77 -25.04
CA ARG C 68 -35.86 -27.98 -25.21
C ARG C 68 -34.37 -27.65 -25.21
N LEU C 69 -33.97 -26.95 -24.15
CA LEU C 69 -32.57 -26.61 -23.95
C LEU C 69 -31.98 -27.60 -22.98
N PRO C 70 -30.64 -27.78 -23.02
CA PRO C 70 -29.88 -28.69 -22.14
C PRO C 70 -30.33 -28.55 -20.71
N GLU C 71 -30.48 -29.68 -20.02
CA GLU C 71 -30.83 -29.69 -18.61
C GLU C 71 -32.23 -29.08 -18.30
N ASN C 72 -33.10 -29.08 -19.32
CA ASN C 72 -34.44 -28.46 -19.21
C ASN C 72 -34.36 -27.07 -18.55
N ARG C 73 -33.44 -26.25 -19.07
CA ARG C 73 -33.03 -24.97 -18.46
C ARG C 73 -34.16 -23.92 -18.30
N ILE C 74 -34.75 -23.51 -19.43
CA ILE C 74 -35.96 -22.70 -19.40
C ILE C 74 -37.15 -23.64 -19.46
N SER C 75 -37.96 -23.62 -18.41
CA SER C 75 -39.06 -24.57 -18.27
C SER C 75 -40.37 -23.84 -18.10
N LYS C 76 -41.49 -24.46 -18.47
CA LYS C 76 -42.79 -23.90 -18.07
C LYS C 76 -43.62 -24.83 -17.18
N GLU C 77 -44.29 -24.24 -16.20
CA GLU C 77 -45.10 -24.99 -15.23
C GLU C 77 -46.33 -24.20 -14.77
N LYS C 78 -47.47 -24.50 -15.41
CA LYS C 78 -48.71 -23.74 -15.24
C LYS C 78 -48.49 -22.28 -15.59
N ASP C 79 -48.88 -21.38 -14.70
CA ASP C 79 -48.76 -19.95 -14.97
C ASP C 79 -47.35 -19.39 -14.66
N VAL C 80 -46.39 -20.27 -14.37
CA VAL C 80 -45.04 -19.81 -14.08
C VAL C 80 -44.07 -20.11 -15.23
N LEU C 81 -43.16 -19.17 -15.50
CA LEU C 81 -42.05 -19.35 -16.44
C LEU C 81 -40.75 -19.53 -15.64
N TRP C 82 -40.03 -20.63 -15.87
CA TRP C 82 -38.81 -20.93 -15.10
C TRP C 82 -37.50 -20.86 -15.88
N PHE C 83 -36.56 -20.07 -15.36
CA PHE C 83 -35.20 -20.01 -15.89
C PHE C 83 -34.28 -20.58 -14.82
N ARG C 84 -33.50 -21.59 -15.18
CA ARG C 84 -32.75 -22.34 -14.18
C ARG C 84 -31.40 -22.79 -14.66
N PRO C 85 -30.42 -21.87 -14.68
CA PRO C 85 -30.59 -20.45 -14.37
C PRO C 85 -30.74 -19.56 -15.64
N THR C 86 -30.90 -18.26 -15.40
CA THR C 86 -30.88 -17.28 -16.47
C THR C 86 -29.49 -17.20 -17.12
N LEU C 87 -29.46 -16.96 -18.42
CA LEU C 87 -28.21 -16.60 -19.11
C LEU C 87 -28.32 -15.16 -19.58
N LEU C 88 -27.18 -14.52 -19.82
CA LEU C 88 -27.14 -13.16 -20.34
C LEU C 88 -28.16 -12.94 -21.44
N ASN C 89 -28.02 -13.71 -22.52
CA ASN C 89 -28.81 -13.56 -23.74
C ASN C 89 -30.32 -13.87 -23.61
N ASP C 90 -30.77 -14.21 -22.40
CA ASP C 90 -32.20 -14.32 -22.14
C ASP C 90 -32.87 -12.95 -22.07
N THR C 91 -32.07 -11.89 -22.02
CA THR C 91 -32.61 -10.56 -21.83
C THR C 91 -33.48 -10.15 -22.98
N GLY C 92 -34.72 -9.77 -22.65
CA GLY C 92 -35.69 -9.27 -23.62
C GLY C 92 -37.05 -9.23 -22.93
N ASN C 93 -38.13 -9.12 -23.70
CA ASN C 93 -39.47 -9.10 -23.11
C ASN C 93 -40.27 -10.34 -23.40
N TYR C 94 -40.83 -10.93 -22.35
CA TYR C 94 -41.56 -12.18 -22.49
C TYR C 94 -43.07 -11.96 -22.48
N THR C 95 -43.76 -12.57 -23.42
CA THR C 95 -45.21 -12.45 -23.49
C THR C 95 -45.93 -13.77 -23.12
N CYS C 96 -46.80 -13.68 -22.11
CA CYS C 96 -47.75 -14.76 -21.93
C CYS C 96 -49.07 -14.28 -22.49
N MET C 97 -49.77 -15.21 -23.13
CA MET C 97 -51.05 -14.91 -23.76
C MET C 97 -52.06 -16.03 -23.46
N LEU C 98 -53.31 -15.69 -23.21
CA LEU C 98 -54.37 -16.65 -23.03
C LEU C 98 -55.32 -16.54 -24.14
N ARG C 99 -55.57 -17.62 -24.86
CA ARG C 99 -56.44 -17.55 -26.00
C ARG C 99 -57.40 -18.69 -26.15
N ASN C 100 -58.55 -18.38 -26.77
CA ASN C 100 -59.65 -19.27 -27.04
C ASN C 100 -59.70 -19.16 -28.50
N THR C 101 -60.82 -19.50 -29.11
CA THR C 101 -61.06 -19.12 -30.48
C THR C 101 -61.79 -17.82 -30.50
N THR C 102 -62.34 -17.44 -29.36
CA THR C 102 -63.08 -16.22 -29.24
C THR C 102 -62.55 -15.24 -28.23
N TYR C 103 -61.42 -15.57 -27.63
CA TYR C 103 -60.80 -14.79 -26.55
C TYR C 103 -59.30 -14.62 -26.74
N CYS C 104 -58.79 -13.44 -26.38
CA CYS C 104 -57.36 -13.15 -26.46
C CYS C 104 -56.92 -11.97 -25.58
N SER C 105 -56.12 -12.28 -24.57
CA SER C 105 -55.58 -11.28 -23.67
C SER C 105 -54.11 -11.61 -23.51
N LYS C 106 -53.27 -10.60 -23.61
CA LYS C 106 -51.83 -10.81 -23.48
C LYS C 106 -51.19 -9.63 -22.77
N VAL C 107 -50.06 -9.90 -22.15
CA VAL C 107 -49.20 -8.86 -21.61
C VAL C 107 -47.79 -9.43 -21.67
N ALA C 108 -46.83 -8.54 -21.47
CA ALA C 108 -45.47 -8.98 -21.43
C ALA C 108 -44.73 -8.28 -20.29
N PHE C 109 -43.65 -8.90 -19.84
CA PHE C 109 -42.79 -8.34 -18.83
C PHE C 109 -41.34 -8.32 -19.34
N PRO C 110 -40.57 -7.33 -18.88
CA PRO C 110 -39.14 -7.20 -19.18
C PRO C 110 -38.32 -8.16 -18.32
N LEU C 111 -37.38 -8.85 -18.97
CA LEU C 111 -36.35 -9.60 -18.26
C LEU C 111 -35.01 -9.05 -18.68
N GLU C 112 -34.29 -8.46 -17.73
CA GLU C 112 -32.93 -7.95 -17.93
C GLU C 112 -31.94 -8.71 -17.06
N VAL C 113 -31.22 -9.64 -17.67
CA VAL C 113 -30.16 -10.36 -16.97
C VAL C 113 -28.93 -9.45 -16.89
N VAL C 114 -28.19 -9.57 -15.79
CA VAL C 114 -27.21 -8.56 -15.39
C VAL C 114 -26.02 -9.25 -14.72
N GLN C 115 -24.81 -8.71 -14.87
CA GLN C 115 -23.64 -9.35 -14.26
C GLN C 115 -23.21 -8.78 -12.90
N LYS C 116 -22.45 -9.58 -12.15
CA LYS C 116 -22.18 -9.30 -10.74
C LYS C 116 -20.69 -9.12 -10.44
N ASP C 117 -20.37 -8.23 -9.50
CA ASP C 117 -19.03 -8.08 -8.94
C ASP C 117 -18.85 -9.15 -7.85
N SER C 118 -17.65 -9.25 -7.30
CA SER C 118 -17.38 -10.15 -6.19
C SER C 118 -18.02 -9.58 -4.93
N CYS C 119 -18.20 -8.26 -4.95
CA CYS C 119 -18.90 -7.57 -3.89
C CYS C 119 -20.17 -6.94 -4.41
N PHE C 120 -21.01 -7.73 -5.05
CA PHE C 120 -22.40 -7.31 -5.31
C PHE C 120 -22.66 -6.06 -6.15
N ASN C 121 -21.68 -5.59 -6.91
CA ASN C 121 -21.97 -4.46 -7.80
C ASN C 121 -22.44 -4.85 -9.20
N SER C 122 -23.23 -3.95 -9.78
CA SER C 122 -24.04 -4.24 -10.96
C SER C 122 -24.76 -2.98 -11.44
N PRO C 123 -25.21 -2.98 -12.72
CA PRO C 123 -25.98 -1.82 -13.18
C PRO C 123 -27.39 -1.87 -12.60
N MET C 124 -27.60 -2.76 -11.63
CA MET C 124 -28.93 -2.92 -11.06
C MET C 124 -29.37 -1.65 -10.35
N LYS C 125 -30.53 -1.13 -10.74
CA LYS C 125 -31.21 -0.09 -9.98
C LYS C 125 -31.71 -0.73 -8.70
N LEU C 126 -31.06 -0.46 -7.56
CA LEU C 126 -31.49 -1.06 -6.29
C LEU C 126 -32.83 -0.48 -5.79
N PRO C 127 -33.62 -1.30 -5.12
CA PRO C 127 -34.85 -0.74 -4.55
C PRO C 127 -34.59 -0.06 -3.19
N VAL C 128 -35.47 0.85 -2.75
CA VAL C 128 -35.20 1.61 -1.53
C VAL C 128 -36.23 1.35 -0.42
N HIS C 129 -35.76 0.69 0.64
CA HIS C 129 -36.57 0.41 1.82
C HIS C 129 -36.17 1.41 2.91
N LYS C 130 -36.99 2.45 3.07
CA LYS C 130 -36.77 3.47 4.10
C LYS C 130 -37.13 2.96 5.49
N LEU C 131 -36.30 3.32 6.46
CA LEU C 131 -36.45 2.88 7.85
C LEU C 131 -36.66 4.10 8.71
N TYR C 132 -37.58 4.00 9.68
CA TYR C 132 -37.86 5.11 10.59
C TYR C 132 -36.75 5.26 11.63
N ILE C 133 -36.24 6.47 11.78
CA ILE C 133 -35.15 6.69 12.71
C ILE C 133 -35.57 6.48 14.18
N GLU C 134 -34.70 5.80 14.94
CA GLU C 134 -34.90 5.54 16.38
C GLU C 134 -36.25 4.90 16.75
N TYR C 135 -36.67 3.92 15.96
CA TYR C 135 -38.04 3.45 16.00
C TYR C 135 -38.13 1.98 16.43
N GLY C 136 -37.69 1.69 17.65
CA GLY C 136 -37.65 0.32 18.15
C GLY C 136 -36.98 -0.61 17.15
N ILE C 137 -37.38 -1.88 17.15
CA ILE C 137 -36.90 -2.86 16.16
C ILE C 137 -37.69 -2.75 14.85
N GLN C 138 -36.96 -2.59 13.74
CA GLN C 138 -37.55 -2.65 12.40
C GLN C 138 -36.88 -3.78 11.60
N ARG C 139 -37.65 -4.48 10.76
CA ARG C 139 -37.05 -5.58 10.01
C ARG C 139 -37.13 -5.40 8.50
N ILE C 140 -36.07 -5.79 7.79
CA ILE C 140 -36.13 -5.95 6.34
C ILE C 140 -36.19 -7.45 6.06
N THR C 141 -36.98 -7.84 5.04
CA THR C 141 -36.96 -9.25 4.58
C THR C 141 -36.29 -9.44 3.22
N CYS C 142 -35.41 -10.43 3.14
CA CYS C 142 -34.86 -10.91 1.88
C CYS C 142 -35.96 -11.11 0.81
N PRO C 143 -36.00 -10.22 -0.20
CA PRO C 143 -37.12 -10.22 -1.18
C PRO C 143 -37.11 -11.30 -2.29
N ASN C 144 -38.29 -11.66 -2.80
CA ASN C 144 -38.42 -12.61 -3.93
C ASN C 144 -37.72 -13.94 -3.67
N VAL C 145 -38.24 -14.68 -2.71
CA VAL C 145 -37.58 -15.90 -2.30
C VAL C 145 -38.65 -17.00 -2.30
N ASP C 146 -39.90 -16.59 -2.17
CA ASP C 146 -40.93 -17.59 -2.11
C ASP C 146 -41.21 -18.14 -3.52
N GLY C 147 -41.29 -19.48 -3.60
CA GLY C 147 -41.51 -20.18 -4.86
C GLY C 147 -40.31 -20.97 -5.38
N TYR C 148 -39.12 -20.63 -4.87
CA TYR C 148 -37.87 -21.13 -5.44
C TYR C 148 -37.46 -22.51 -4.91
N PHE C 149 -38.04 -22.85 -3.76
CA PHE C 149 -37.85 -24.14 -3.13
C PHE C 149 -38.97 -24.36 -2.09
N PRO C 150 -39.27 -25.63 -1.78
CA PRO C 150 -40.29 -25.96 -0.76
C PRO C 150 -39.80 -25.75 0.67
N SER C 151 -40.73 -25.87 1.61
CA SER C 151 -40.43 -25.75 3.03
C SER C 151 -39.60 -26.96 3.48
N SER C 152 -39.62 -27.99 2.64
CA SER C 152 -38.90 -29.23 2.88
C SER C 152 -37.37 -29.05 2.89
N VAL C 153 -36.90 -28.00 2.23
CA VAL C 153 -35.47 -27.73 2.15
C VAL C 153 -35.17 -26.44 2.88
N LYS C 154 -34.19 -26.50 3.78
CA LYS C 154 -33.75 -25.33 4.54
C LYS C 154 -32.46 -24.80 3.92
N PRO C 155 -32.51 -23.56 3.41
CA PRO C 155 -31.37 -22.96 2.70
C PRO C 155 -30.38 -22.28 3.65
N THR C 156 -29.30 -21.74 3.10
CA THR C 156 -28.48 -20.84 3.91
C THR C 156 -28.78 -19.42 3.46
N ILE C 157 -29.13 -18.56 4.41
CA ILE C 157 -29.23 -17.15 4.12
C ILE C 157 -28.07 -16.41 4.77
N THR C 158 -27.19 -15.82 3.95
CA THR C 158 -26.14 -14.93 4.49
C THR C 158 -26.48 -13.46 4.20
N TRP C 159 -26.41 -12.62 5.23
CA TRP C 159 -26.59 -11.18 5.06
C TRP C 159 -25.27 -10.41 4.94
N TYR C 160 -25.26 -9.39 4.08
CA TYR C 160 -24.04 -8.58 3.92
C TYR C 160 -24.37 -7.12 4.05
N MET C 161 -23.44 -6.34 4.59
CA MET C 161 -23.47 -4.89 4.39
C MET C 161 -22.21 -4.50 3.59
N GLY C 162 -22.40 -3.81 2.46
CA GLY C 162 -21.31 -3.53 1.53
C GLY C 162 -20.70 -4.81 1.01
N CYS C 163 -19.38 -4.93 1.04
CA CYS C 163 -18.72 -6.17 0.64
C CYS C 163 -18.61 -7.15 1.82
N TYR C 164 -19.13 -6.74 2.96
CA TYR C 164 -18.88 -7.39 4.24
C TYR C 164 -20.06 -8.17 4.83
N LYS C 165 -19.78 -9.43 5.20
CA LYS C 165 -20.77 -10.30 5.86
C LYS C 165 -21.13 -9.73 7.24
N ILE C 166 -22.43 -9.65 7.51
CA ILE C 166 -22.91 -9.13 8.79
C ILE C 166 -22.75 -10.13 9.93
N GLN C 167 -21.74 -9.91 10.77
CA GLN C 167 -21.48 -10.75 11.92
C GLN C 167 -21.08 -9.82 13.05
N ASN C 168 -21.73 -9.93 14.20
CA ASN C 168 -21.37 -9.11 15.37
C ASN C 168 -21.50 -7.61 15.11
N PHE C 169 -22.63 -7.18 14.55
CA PHE C 169 -22.87 -5.74 14.37
C PHE C 169 -23.44 -5.10 15.65
N ASN C 170 -23.36 -3.77 15.75
CA ASN C 170 -23.80 -3.10 16.98
C ASN C 170 -25.31 -3.10 17.16
N ASN C 171 -26.02 -2.59 16.15
CA ASN C 171 -27.48 -2.58 16.19
C ASN C 171 -28.12 -3.33 15.02
N VAL C 172 -27.44 -4.33 14.49
CA VAL C 172 -28.01 -5.11 13.40
C VAL C 172 -27.95 -6.64 13.64
N ILE C 173 -29.12 -7.29 13.67
CA ILE C 173 -29.16 -8.73 13.88
C ILE C 173 -29.79 -9.45 12.70
N PRO C 174 -28.99 -10.27 11.98
CA PRO C 174 -29.57 -11.17 10.97
C PRO C 174 -30.36 -12.27 11.66
N GLU C 175 -31.66 -12.37 11.34
CA GLU C 175 -32.48 -13.46 11.84
C GLU C 175 -33.10 -14.26 10.68
N GLY C 176 -32.25 -15.08 10.05
CA GLY C 176 -32.63 -15.90 8.92
C GLY C 176 -32.93 -15.11 7.67
N MET C 177 -34.21 -15.06 7.33
CA MET C 177 -34.66 -14.40 6.12
C MET C 177 -34.92 -12.92 6.40
N ASN C 178 -34.80 -12.58 7.68
CA ASN C 178 -35.12 -11.26 8.19
C ASN C 178 -33.88 -10.62 8.78
N LEU C 179 -33.60 -9.37 8.38
CA LEU C 179 -32.51 -8.58 9.00
C LEU C 179 -33.08 -7.54 9.98
N SER C 180 -32.68 -7.63 11.25
CA SER C 180 -33.23 -6.74 12.29
C SER C 180 -32.41 -5.50 12.58
N PHE C 181 -33.09 -4.35 12.63
CA PHE C 181 -32.46 -3.09 13.00
C PHE C 181 -32.92 -2.60 14.37
N LEU C 182 -32.01 -2.49 15.30
CA LEU C 182 -32.36 -1.99 16.62
C LEU C 182 -32.16 -0.51 16.74
N ILE C 183 -33.25 0.23 16.76
CA ILE C 183 -33.17 1.64 16.94
C ILE C 183 -32.26 2.22 15.96
N ALA C 184 -32.72 2.35 14.74
CA ALA C 184 -31.90 2.84 13.67
C ALA C 184 -31.42 4.24 13.79
N LEU C 185 -30.24 4.50 13.25
CA LEU C 185 -29.55 5.75 13.31
C LEU C 185 -29.03 5.90 11.93
N ILE C 186 -28.50 7.06 11.56
CA ILE C 186 -28.20 7.34 10.16
C ILE C 186 -26.93 6.58 9.75
N SER C 187 -26.24 6.08 10.78
CA SER C 187 -25.09 5.20 10.64
C SER C 187 -25.49 3.93 9.89
N ASN C 188 -26.79 3.67 9.91
CA ASN C 188 -27.38 2.47 9.33
C ASN C 188 -27.70 2.59 7.84
N ASN C 189 -27.31 3.70 7.23
CA ASN C 189 -27.56 3.88 5.80
C ASN C 189 -26.63 3.00 4.96
N GLY C 190 -27.12 2.50 3.83
CA GLY C 190 -26.28 1.78 2.87
C GLY C 190 -26.95 0.68 2.07
N ASN C 191 -26.14 -0.07 1.33
CA ASN C 191 -26.64 -1.23 0.58
C ASN C 191 -26.54 -2.49 1.43
N TYR C 192 -27.62 -3.28 1.47
CA TYR C 192 -27.61 -4.55 2.20
C TYR C 192 -27.93 -5.66 1.21
N THR C 193 -27.22 -6.78 1.30
CA THR C 193 -27.42 -7.88 0.36
C THR C 193 -27.79 -9.15 1.11
N CYS C 194 -28.75 -9.88 0.54
CA CYS C 194 -29.01 -11.23 1.03
C CYS C 194 -28.63 -12.28 -0.04
N VAL C 195 -27.84 -13.26 0.40
CA VAL C 195 -27.54 -14.36 -0.48
C VAL C 195 -28.12 -15.63 0.10
N VAL C 196 -29.25 -16.02 -0.48
CA VAL C 196 -29.90 -17.28 -0.12
C VAL C 196 -29.45 -18.36 -1.13
N THR C 197 -28.94 -19.47 -0.59
CA THR C 197 -28.42 -20.54 -1.41
C THR C 197 -29.06 -21.87 -1.01
N TYR C 198 -29.52 -22.63 -2.00
CA TYR C 198 -30.28 -23.86 -1.75
C TYR C 198 -29.91 -25.01 -2.68
N PRO C 199 -30.22 -26.25 -2.26
CA PRO C 199 -30.04 -27.40 -3.17
C PRO C 199 -31.29 -27.69 -3.98
N GLU C 200 -31.08 -27.92 -5.28
CA GLU C 200 -32.14 -28.38 -6.18
C GLU C 200 -31.63 -29.56 -6.98
N ASN C 201 -32.15 -30.76 -6.68
CA ASN C 201 -31.85 -31.96 -7.45
C ASN C 201 -30.35 -32.24 -7.67
N GLY C 202 -29.52 -31.99 -6.65
CA GLY C 202 -28.11 -32.27 -6.76
C GLY C 202 -27.35 -31.21 -7.55
N ARG C 203 -27.88 -30.00 -7.52
CA ARG C 203 -27.15 -28.80 -7.90
C ARG C 203 -27.46 -27.80 -6.80
N THR C 204 -26.55 -26.85 -6.57
CA THR C 204 -26.88 -25.82 -5.60
C THR C 204 -27.12 -24.50 -6.34
N PHE C 205 -28.20 -23.81 -5.98
CA PHE C 205 -28.44 -22.52 -6.58
C PHE C 205 -28.18 -21.39 -5.60
N HIS C 206 -28.05 -20.18 -6.14
N HIS C 206 -28.10 -20.16 -6.11
CA HIS C 206 -27.87 -18.96 -5.34
CA HIS C 206 -27.98 -19.01 -5.24
C HIS C 206 -28.95 -17.97 -5.75
C HIS C 206 -28.89 -17.92 -5.73
N LEU C 207 -29.50 -17.25 -4.78
CA LEU C 207 -30.44 -16.17 -5.04
C LEU C 207 -29.85 -14.94 -4.35
N THR C 208 -29.73 -13.86 -5.09
CA THR C 208 -29.09 -12.67 -4.55
C THR C 208 -29.98 -11.44 -4.70
N ARG C 209 -30.33 -10.81 -3.59
CA ARG C 209 -31.03 -9.52 -3.65
C ARG C 209 -30.23 -8.48 -2.86
N THR C 210 -30.07 -7.30 -3.46
CA THR C 210 -29.43 -6.16 -2.76
C THR C 210 -30.35 -4.96 -2.74
N LEU C 211 -30.41 -4.29 -1.61
CA LEU C 211 -31.26 -3.12 -1.50
C LEU C 211 -30.63 -2.00 -0.70
N THR C 212 -31.00 -0.78 -1.04
CA THR C 212 -30.60 0.40 -0.30
C THR C 212 -31.52 0.65 0.91
N VAL C 213 -30.91 0.74 2.09
CA VAL C 213 -31.60 1.18 3.29
C VAL C 213 -31.29 2.64 3.60
N LYS C 214 -32.35 3.44 3.75
CA LYS C 214 -32.22 4.86 4.10
C LYS C 214 -33.01 5.16 5.38
N VAL C 215 -32.33 5.65 6.41
CA VAL C 215 -33.03 5.99 7.65
C VAL C 215 -33.68 7.39 7.56
N VAL C 216 -34.99 7.48 7.71
CA VAL C 216 -35.69 8.77 7.58
C VAL C 216 -36.52 9.19 8.80
N GLY C 217 -37.19 10.33 8.65
CA GLY C 217 -37.98 10.94 9.69
C GLY C 217 -39.10 10.10 10.29
N SER C 218 -39.07 10.04 11.62
CA SER C 218 -40.07 9.35 12.45
C SER C 218 -41.49 9.87 12.27
N PRO C 219 -42.47 8.95 12.38
CA PRO C 219 -43.89 9.34 12.45
C PRO C 219 -44.16 10.18 13.68
N LYS C 220 -43.48 9.89 14.79
CA LYS C 220 -43.66 10.66 16.02
C LYS C 220 -43.10 12.11 15.97
N ASN C 221 -42.61 12.53 14.80
CA ASN C 221 -42.17 13.92 14.59
C ASN C 221 -42.86 14.53 13.39
N ALA C 222 -43.70 13.72 12.74
CA ALA C 222 -44.43 14.13 11.55
C ALA C 222 -45.50 15.13 11.96
N VAL C 223 -45.63 16.20 11.19
CA VAL C 223 -46.39 17.35 11.64
C VAL C 223 -46.89 18.19 10.46
N PRO C 224 -48.00 18.95 10.64
CA PRO C 224 -48.45 19.85 9.58
C PRO C 224 -47.34 20.82 9.15
N PRO C 225 -47.57 21.53 8.06
CA PRO C 225 -46.42 22.29 7.54
C PRO C 225 -46.01 23.53 8.38
N VAL C 226 -44.72 23.79 8.45
CA VAL C 226 -44.18 24.90 9.22
C VAL C 226 -43.65 26.03 8.30
N ILE C 227 -44.22 27.24 8.41
CA ILE C 227 -43.86 28.37 7.54
C ILE C 227 -42.82 29.35 8.15
N HIS C 228 -41.91 29.84 7.29
CA HIS C 228 -40.93 30.88 7.65
C HIS C 228 -41.19 32.18 6.87
N LEU C 245 -38.89 41.29 -3.27
CA LEU C 245 -38.55 39.87 -3.39
C LEU C 245 -38.95 39.09 -2.13
N ILE C 246 -39.98 38.26 -2.24
CA ILE C 246 -40.69 37.68 -1.08
C ILE C 246 -40.59 36.16 -0.91
N PRO C 247 -39.74 35.70 0.03
CA PRO C 247 -39.57 34.25 0.22
C PRO C 247 -40.66 33.59 1.08
N CYS C 248 -41.35 32.64 0.46
CA CYS C 248 -42.21 31.70 1.16
C CYS C 248 -41.40 30.43 1.44
N THR C 249 -40.89 30.29 2.66
CA THR C 249 -40.12 29.11 3.04
C THR C 249 -40.97 28.22 3.93
N VAL C 250 -41.07 26.95 3.55
CA VAL C 250 -41.85 25.99 4.34
C VAL C 250 -41.05 24.73 4.65
N TYR C 251 -41.17 24.25 5.88
CA TYR C 251 -40.47 23.04 6.30
C TYR C 251 -41.47 21.88 6.40
N PHE C 252 -41.23 20.80 5.65
CA PHE C 252 -42.11 19.64 5.70
C PHE C 252 -41.46 18.45 6.38
N SER C 253 -41.86 18.18 7.63
CA SER C 253 -41.42 16.98 8.32
C SER C 253 -41.75 15.74 7.49
N PHE C 254 -40.88 14.76 7.51
CA PHE C 254 -41.03 13.65 6.61
C PHE C 254 -42.21 12.85 6.97
N LEU C 255 -43.08 12.62 6.00
CA LEU C 255 -44.18 11.73 6.19
C LEU C 255 -44.23 10.94 4.96
N MET C 256 -44.55 9.67 5.08
CA MET C 256 -44.28 8.69 4.08
C MET C 256 -44.91 8.80 2.75
N ASP C 257 -46.19 9.05 2.67
CA ASP C 257 -46.73 9.03 1.34
C ASP C 257 -47.43 10.32 1.17
N SER C 258 -46.64 11.35 1.13
CA SER C 258 -47.13 12.71 1.28
C SER C 258 -46.87 13.63 0.08
N ARG C 259 -47.92 14.32 -0.38
CA ARG C 259 -47.74 15.31 -1.43
C ARG C 259 -47.50 16.71 -0.85
N ASN C 260 -46.24 17.08 -0.69
CA ASN C 260 -45.92 18.42 -0.23
C ASN C 260 -46.17 19.47 -1.32
N GLU C 261 -47.06 20.43 -1.05
CA GLU C 261 -47.32 21.53 -1.97
C GLU C 261 -47.06 22.91 -1.33
N VAL C 262 -46.70 23.88 -2.17
CA VAL C 262 -46.57 25.28 -1.76
C VAL C 262 -47.02 26.23 -2.86
N TRP C 263 -47.85 27.21 -2.52
CA TRP C 263 -48.24 28.23 -3.48
C TRP C 263 -48.56 29.57 -2.84
N TRP C 264 -48.14 30.63 -3.54
CA TRP C 264 -48.61 31.97 -3.24
C TRP C 264 -49.99 32.19 -3.85
N THR C 265 -50.82 32.99 -3.17
CA THR C 265 -52.02 33.52 -3.80
C THR C 265 -51.93 35.02 -3.72
N ILE C 266 -52.66 35.70 -4.57
CA ILE C 266 -52.80 37.12 -4.46
C ILE C 266 -54.25 37.45 -4.16
N ASP C 267 -55.14 36.91 -4.94
CA ASP C 267 -56.32 36.30 -4.42
C ASP C 267 -56.49 34.95 -5.08
N GLY C 268 -56.08 34.89 -6.34
CA GLY C 268 -56.19 33.69 -7.14
C GLY C 268 -54.95 33.05 -7.71
N LYS C 269 -53.88 33.79 -7.92
CA LYS C 269 -52.71 33.17 -8.51
C LYS C 269 -51.88 34.13 -9.30
N VAL C 278 -45.31 38.72 -12.69
CA VAL C 278 -44.24 38.52 -11.72
C VAL C 278 -43.75 37.05 -11.64
N THR C 279 -42.43 36.83 -11.65
CA THR C 279 -41.86 35.47 -11.71
C THR C 279 -41.92 34.66 -10.39
N ILE C 280 -41.36 33.45 -10.41
CA ILE C 280 -41.23 32.59 -9.24
C ILE C 280 -40.01 31.66 -9.38
N ASN C 281 -39.57 31.08 -8.27
CA ASN C 281 -38.46 30.13 -8.30
C ASN C 281 -38.57 29.15 -7.14
N GLU C 282 -39.14 27.97 -7.42
CA GLU C 282 -39.19 26.88 -6.43
C GLU C 282 -37.77 26.38 -6.14
N SER C 283 -37.57 25.78 -4.96
CA SER C 283 -36.27 25.23 -4.60
C SER C 283 -36.40 24.17 -3.51
N ILE C 284 -36.52 22.91 -3.90
CA ILE C 284 -36.57 21.84 -2.91
C ILE C 284 -35.21 21.61 -2.30
N SER C 285 -35.21 21.54 -0.99
CA SER C 285 -34.03 21.10 -0.26
C SER C 285 -34.46 19.91 0.60
N HIS C 286 -33.56 18.95 0.73
CA HIS C 286 -33.79 17.85 1.65
C HIS C 286 -32.67 17.74 2.66
N SER C 287 -32.85 16.84 3.61
CA SER C 287 -31.90 16.69 4.68
C SER C 287 -31.47 15.23 4.74
N ARG C 288 -30.60 14.95 5.69
CA ARG C 288 -30.23 13.59 5.98
C ARG C 288 -31.43 12.67 6.31
N THR C 289 -32.43 13.17 7.05
CA THR C 289 -33.60 12.34 7.37
C THR C 289 -34.78 12.60 6.45
N GLU C 290 -34.48 13.22 5.30
CA GLU C 290 -35.44 13.41 4.21
C GLU C 290 -36.57 14.38 4.53
N ASP C 291 -36.35 15.21 5.54
CA ASP C 291 -37.29 16.26 5.88
C ASP C 291 -37.15 17.36 4.85
N GLU C 292 -38.24 17.65 4.17
CA GLU C 292 -38.23 18.57 3.04
C GLU C 292 -38.19 20.07 3.41
N THR C 293 -37.52 20.86 2.58
CA THR C 293 -37.54 22.33 2.72
C THR C 293 -37.76 23.00 1.38
N ARG C 294 -39.02 23.27 1.06
CA ARG C 294 -39.38 23.97 -0.17
C ARG C 294 -39.33 25.48 0.05
N THR C 295 -38.41 26.16 -0.62
CA THR C 295 -38.38 27.62 -0.62
C THR C 295 -38.91 28.09 -1.98
N GLN C 296 -39.77 29.11 -1.98
CA GLN C 296 -40.40 29.60 -3.22
C GLN C 296 -40.73 31.10 -3.17
N ILE C 297 -40.27 31.85 -4.19
CA ILE C 297 -40.14 33.31 -4.12
C ILE C 297 -41.30 34.15 -4.75
N LEU C 298 -41.03 35.44 -5.01
CA LEU C 298 -41.97 36.34 -5.70
C LEU C 298 -41.25 37.44 -6.49
N TYR C 312 -51.02 39.60 0.34
CA TYR C 312 -50.30 38.60 -0.45
C TYR C 312 -49.89 37.39 0.41
N VAL C 313 -50.52 36.24 0.15
CA VAL C 313 -50.51 35.10 1.08
C VAL C 313 -49.81 33.84 0.56
N CYS C 314 -48.91 33.28 1.39
CA CYS C 314 -48.27 31.99 1.09
C CYS C 314 -48.96 30.79 1.75
N HIS C 315 -49.16 29.72 0.97
CA HIS C 315 -49.81 28.51 1.47
C HIS C 315 -48.91 27.28 1.39
N ALA C 316 -49.28 26.24 2.15
CA ALA C 316 -48.60 24.95 2.10
C ALA C 316 -49.55 23.83 2.51
N ARG C 317 -49.40 22.68 1.84
CA ARG C 317 -50.24 21.52 2.12
C ARG C 317 -49.37 20.28 2.20
N SER C 318 -49.51 19.56 3.31
CA SER C 318 -48.90 18.27 3.49
C SER C 318 -50.04 17.28 3.69
N ALA C 319 -49.75 16.03 4.06
CA ALA C 319 -50.82 15.06 4.28
C ALA C 319 -51.41 15.25 5.67
N LYS C 320 -50.72 16.06 6.47
CA LYS C 320 -51.10 16.29 7.86
C LYS C 320 -51.74 17.68 8.05
N GLY C 321 -51.79 18.46 6.98
CA GLY C 321 -52.33 19.80 7.09
C GLY C 321 -52.33 20.65 5.84
N GLU C 322 -53.05 21.76 5.92
CA GLU C 322 -52.99 22.82 4.93
C GLU C 322 -53.07 24.11 5.73
N VAL C 323 -52.05 24.92 5.58
CA VAL C 323 -51.99 26.14 6.34
C VAL C 323 -51.70 27.30 5.38
N ALA C 324 -51.71 28.52 5.89
CA ALA C 324 -51.39 29.71 5.12
C ALA C 324 -50.91 30.80 6.07
N LYS C 325 -50.00 31.63 5.60
CA LYS C 325 -49.50 32.77 6.37
C LYS C 325 -49.35 33.95 5.42
N ALA C 326 -49.66 35.14 5.92
CA ALA C 326 -49.73 36.36 5.12
C ALA C 326 -48.39 37.09 5.10
N ALA C 327 -48.25 38.14 4.29
CA ALA C 327 -46.99 38.89 4.19
C ALA C 327 -47.12 40.41 4.42
N LYS C 328 -46.07 41.02 4.98
CA LYS C 328 -45.99 42.48 5.18
C LYS C 328 -45.31 43.20 4.00
N SER D 5 28.03 -10.44 -50.11
CA SER D 5 28.15 -9.40 -49.09
C SER D 5 27.42 -9.73 -47.76
N ALA D 6 27.77 -8.94 -46.75
CA ALA D 6 27.12 -8.93 -45.45
C ALA D 6 27.50 -7.60 -44.79
N PRO D 7 26.69 -6.56 -45.06
CA PRO D 7 26.99 -5.20 -44.58
C PRO D 7 26.96 -5.10 -43.04
N VAL D 8 26.12 -5.93 -42.41
CA VAL D 8 25.91 -5.94 -40.95
C VAL D 8 25.93 -7.38 -40.38
N ARG D 9 26.64 -7.55 -39.24
CA ARG D 9 26.77 -8.86 -38.59
C ARG D 9 25.81 -8.94 -37.41
N SER D 10 25.21 -10.11 -37.22
CA SER D 10 24.15 -10.26 -36.22
C SER D 10 24.20 -11.68 -35.69
N LEU D 11 23.81 -11.85 -34.43
CA LEU D 11 23.75 -13.19 -33.85
C LEU D 11 22.42 -13.34 -33.10
N ASN D 12 21.82 -14.52 -33.20
CA ASN D 12 20.56 -14.77 -32.50
C ASN D 12 20.84 -15.24 -31.09
N CYS D 13 20.29 -14.53 -30.12
CA CYS D 13 20.41 -15.02 -28.77
C CYS D 13 19.13 -14.96 -27.93
N THR D 14 19.31 -15.39 -26.69
CA THR D 14 18.32 -15.36 -25.63
C THR D 14 18.86 -14.48 -24.52
N LEU D 15 18.01 -13.66 -23.91
CA LEU D 15 18.40 -12.88 -22.74
C LEU D 15 17.72 -13.37 -21.46
N ARG D 16 18.47 -13.34 -20.37
CA ARG D 16 17.96 -13.65 -19.03
C ARG D 16 18.47 -12.62 -18.03
N ASP D 17 17.58 -12.12 -17.18
CA ASP D 17 18.04 -11.14 -16.21
C ASP D 17 18.90 -11.78 -15.10
N SER D 18 19.47 -10.92 -14.26
CA SER D 18 20.36 -11.34 -13.18
C SER D 18 19.70 -12.19 -12.13
N GLN D 19 18.36 -12.24 -12.12
CA GLN D 19 17.65 -13.04 -11.11
C GLN D 19 17.03 -14.24 -11.75
N GLN D 20 17.57 -14.59 -12.93
CA GLN D 20 17.25 -15.80 -13.66
C GLN D 20 15.90 -15.76 -14.33
N LYS D 21 15.26 -14.59 -14.38
CA LYS D 21 13.98 -14.47 -15.10
C LYS D 21 14.25 -14.43 -16.62
N SER D 22 13.18 -14.56 -17.39
CA SER D 22 13.27 -14.88 -18.81
C SER D 22 12.29 -14.03 -19.60
N LEU D 23 12.76 -13.39 -20.66
CA LEU D 23 11.89 -12.57 -21.48
C LEU D 23 11.07 -13.44 -22.45
N VAL D 24 9.74 -13.34 -22.34
CA VAL D 24 8.81 -13.82 -23.36
C VAL D 24 8.05 -12.65 -23.96
N MET D 25 7.31 -12.91 -25.03
CA MET D 25 6.48 -11.89 -25.60
C MET D 25 5.04 -12.08 -25.21
N SER D 26 4.54 -11.19 -24.38
CA SER D 26 3.17 -11.19 -23.95
C SER D 26 2.19 -10.83 -25.00
N GLY D 27 2.52 -9.85 -25.77
CA GLY D 27 1.59 -9.18 -26.62
C GLY D 27 2.36 -8.89 -27.84
N PRO D 28 1.70 -8.45 -28.86
CA PRO D 28 2.32 -8.17 -30.13
C PRO D 28 3.36 -7.10 -30.02
N TYR D 29 3.16 -6.12 -29.18
CA TYR D 29 4.16 -5.09 -29.02
C TYR D 29 4.75 -4.99 -27.65
N GLU D 30 4.88 -6.10 -26.94
CA GLU D 30 5.29 -6.10 -25.53
C GLU D 30 5.98 -7.39 -25.01
N LEU D 31 7.14 -7.20 -24.37
CA LEU D 31 7.86 -8.28 -23.69
C LEU D 31 7.68 -8.17 -22.15
N LYS D 32 7.39 -9.29 -21.50
CA LYS D 32 7.46 -9.36 -20.05
C LYS D 32 8.54 -10.36 -19.58
N ALA D 33 9.07 -10.13 -18.37
CA ALA D 33 10.07 -11.00 -17.75
C ALA D 33 9.48 -11.71 -16.54
N LEU D 34 9.65 -13.04 -16.53
CA LEU D 34 9.14 -13.91 -15.48
C LEU D 34 9.94 -15.20 -15.41
N HIS D 35 9.70 -16.02 -14.40
CA HIS D 35 10.38 -17.31 -14.33
C HIS D 35 9.60 -18.36 -15.11
N LEU D 36 10.25 -18.96 -16.11
CA LEU D 36 9.60 -20.02 -16.87
C LEU D 36 10.00 -21.38 -16.30
N GLN D 37 9.07 -22.32 -16.43
CA GLN D 37 9.35 -23.71 -16.11
C GLN D 37 9.76 -24.44 -17.39
N GLY D 38 10.38 -25.61 -17.23
CA GLY D 38 11.10 -26.27 -18.31
C GLY D 38 10.28 -26.48 -19.57
N GLN D 39 8.99 -26.74 -19.38
CA GLN D 39 8.09 -26.94 -20.49
C GLN D 39 8.05 -25.71 -21.41
N ASP D 40 8.07 -24.51 -20.82
CA ASP D 40 7.92 -23.27 -21.59
C ASP D 40 9.24 -22.59 -22.01
N MET D 41 10.37 -23.24 -21.77
CA MET D 41 11.66 -22.75 -22.28
C MET D 41 11.62 -22.51 -23.80
N GLU D 42 10.66 -23.14 -24.48
CA GLU D 42 10.39 -22.88 -25.88
C GLU D 42 9.74 -21.51 -26.10
N GLN D 43 9.36 -20.85 -25.01
CA GLN D 43 8.61 -19.60 -25.09
C GLN D 43 9.48 -18.34 -25.03
N GLN D 44 10.77 -18.51 -24.74
CA GLN D 44 11.68 -17.36 -24.63
C GLN D 44 11.84 -16.69 -25.98
N VAL D 45 11.71 -15.36 -26.01
CA VAL D 45 11.98 -14.60 -27.23
C VAL D 45 13.42 -14.84 -27.72
N VAL D 46 13.57 -15.02 -29.03
CA VAL D 46 14.91 -15.08 -29.61
C VAL D 46 15.29 -13.68 -30.09
N PHE D 47 16.33 -13.09 -29.52
CA PHE D 47 16.78 -11.80 -30.01
C PHE D 47 17.77 -11.92 -31.15
N SER D 48 17.64 -11.03 -32.12
CA SER D 48 18.65 -10.85 -33.17
C SER D 48 19.51 -9.61 -32.92
N MET D 49 20.72 -9.84 -32.42
CA MET D 49 21.61 -8.75 -32.01
C MET D 49 22.53 -8.25 -33.14
N SER D 50 22.15 -7.13 -33.75
CA SER D 50 22.94 -6.61 -34.86
C SER D 50 24.01 -5.61 -34.37
N PHE D 51 25.20 -5.71 -34.94
CA PHE D 51 26.31 -4.85 -34.55
C PHE D 51 26.43 -3.64 -35.47
N VAL D 52 26.14 -2.47 -34.91
CA VAL D 52 25.82 -1.31 -35.73
C VAL D 52 26.85 -0.20 -35.55
N GLN D 53 26.70 0.86 -36.33
CA GLN D 53 27.50 2.06 -36.20
C GLN D 53 26.82 2.95 -35.15
N GLY D 54 27.52 3.19 -34.04
CA GLY D 54 27.06 4.13 -33.01
C GLY D 54 28.20 5.09 -32.76
N GLU D 55 28.07 6.00 -31.79
CA GLU D 55 29.22 6.86 -31.48
C GLU D 55 30.34 5.99 -30.92
N GLU D 56 31.58 6.29 -31.29
CA GLU D 56 32.70 5.53 -30.73
C GLU D 56 32.74 5.71 -29.22
N SER D 57 32.89 4.61 -28.50
CA SER D 57 33.07 4.64 -27.05
C SER D 57 34.26 3.77 -26.70
N ASN D 58 34.85 4.03 -25.54
CA ASN D 58 36.01 3.26 -25.10
C ASN D 58 35.69 1.78 -24.94
N ASP D 59 34.59 1.50 -24.24
CA ASP D 59 34.29 0.18 -23.73
C ASP D 59 32.84 -0.22 -23.96
N LYS D 60 32.09 0.54 -24.76
CA LYS D 60 30.69 0.16 -25.04
C LYS D 60 30.64 -0.27 -26.49
N ILE D 61 29.63 -1.08 -26.83
CA ILE D 61 29.44 -1.62 -28.18
C ILE D 61 28.01 -1.36 -28.69
N PRO D 62 27.85 -0.39 -29.62
CA PRO D 62 26.54 -0.17 -30.23
C PRO D 62 25.95 -1.44 -30.88
N VAL D 63 24.86 -1.93 -30.28
CA VAL D 63 24.06 -3.02 -30.85
C VAL D 63 22.65 -2.51 -31.13
N ALA D 64 21.96 -3.13 -32.08
CA ALA D 64 20.51 -3.01 -32.11
C ALA D 64 19.87 -4.35 -31.76
N LEU D 65 18.83 -4.30 -30.94
CA LEU D 65 18.13 -5.51 -30.48
C LEU D 65 16.82 -5.73 -31.24
N GLY D 66 16.83 -6.64 -32.20
CA GLY D 66 15.63 -6.94 -32.97
C GLY D 66 15.06 -8.29 -32.59
N LEU D 67 13.77 -8.47 -32.84
CA LEU D 67 13.15 -9.75 -32.53
C LEU D 67 13.12 -10.67 -33.75
N LYS D 68 13.75 -11.83 -33.59
CA LYS D 68 13.96 -12.81 -34.66
C LYS D 68 12.67 -13.16 -35.42
N GLU D 69 12.75 -13.07 -36.76
CA GLU D 69 11.67 -13.36 -37.73
C GLU D 69 10.32 -12.76 -37.33
N LYS D 70 10.36 -11.54 -36.80
CA LYS D 70 9.15 -10.90 -36.30
C LYS D 70 9.10 -9.41 -36.67
N ASN D 71 10.16 -8.93 -37.34
CA ASN D 71 10.21 -7.56 -37.87
C ASN D 71 9.99 -6.39 -36.89
N LEU D 72 10.28 -6.68 -35.62
CA LEU D 72 10.22 -5.68 -34.57
C LEU D 72 11.64 -5.39 -34.08
N TYR D 73 11.87 -4.16 -33.68
CA TYR D 73 13.12 -3.77 -33.06
C TYR D 73 12.78 -3.04 -31.77
N LEU D 74 13.47 -3.37 -30.68
CA LEU D 74 13.37 -2.56 -29.48
C LEU D 74 13.82 -1.14 -29.82
N SER D 75 13.13 -0.13 -29.31
CA SER D 75 13.52 1.25 -29.61
C SER D 75 13.19 2.24 -28.48
N CYS D 76 13.75 3.43 -28.55
CA CYS D 76 13.64 4.34 -27.40
C CYS D 76 13.10 5.73 -27.73
N VAL D 77 11.99 6.08 -27.08
CA VAL D 77 11.30 7.33 -27.42
C VAL D 77 10.74 8.05 -26.20
N LEU D 78 10.65 9.37 -26.33
CA LEU D 78 9.98 10.19 -25.33
C LEU D 78 8.46 9.96 -25.34
N LYS D 79 7.91 9.73 -24.16
CA LYS D 79 6.46 9.57 -23.97
C LYS D 79 6.13 10.27 -22.66
N ASP D 80 5.35 11.34 -22.77
CA ASP D 80 5.07 12.24 -21.66
C ASP D 80 6.41 12.80 -21.20
N ASP D 81 7.25 13.15 -22.17
CA ASP D 81 8.61 13.64 -21.92
C ASP D 81 9.44 12.70 -21.01
N LYS D 82 9.17 11.39 -21.09
CA LYS D 82 9.95 10.36 -20.41
C LYS D 82 10.40 9.28 -21.38
N PRO D 83 11.72 8.95 -21.36
CA PRO D 83 12.22 7.89 -22.23
C PRO D 83 11.49 6.57 -21.95
N THR D 84 11.12 5.91 -23.03
CA THR D 84 10.24 4.76 -22.96
C THR D 84 10.77 3.68 -23.89
N LEU D 85 10.76 2.43 -23.42
CA LEU D 85 11.09 1.32 -24.31
C LEU D 85 9.83 1.01 -25.12
N GLN D 86 9.97 0.69 -26.40
CA GLN D 86 8.82 0.29 -27.23
C GLN D 86 9.25 -0.68 -28.32
N LEU D 87 8.30 -1.13 -29.14
CA LEU D 87 8.62 -1.99 -30.28
C LEU D 87 8.12 -1.45 -31.64
N GLU D 88 8.99 -0.76 -32.39
CA GLU D 88 8.64 -0.33 -33.74
C GLU D 88 8.59 -1.49 -34.71
N SER D 89 7.70 -1.37 -35.70
CA SER D 89 7.74 -2.29 -36.83
C SER D 89 8.66 -1.70 -37.90
N VAL D 90 9.22 -2.59 -38.73
CA VAL D 90 10.05 -2.18 -39.86
C VAL D 90 9.81 -3.05 -41.09
N ASP D 91 10.21 -2.54 -42.27
CA ASP D 91 10.21 -3.36 -43.47
C ASP D 91 11.55 -4.08 -43.57
N PRO D 92 11.54 -5.40 -43.39
CA PRO D 92 12.77 -6.20 -43.26
C PRO D 92 13.57 -6.35 -44.55
N LYS D 93 13.51 -5.33 -45.41
CA LYS D 93 14.32 -5.28 -46.62
C LYS D 93 15.34 -4.15 -46.50
N ASN D 94 14.89 -3.05 -45.89
CA ASN D 94 15.77 -1.94 -45.52
C ASN D 94 16.55 -2.23 -44.24
N TYR D 95 16.15 -3.27 -43.51
CA TYR D 95 16.79 -3.64 -42.24
C TYR D 95 17.36 -5.05 -42.24
N PRO D 96 18.48 -5.25 -41.50
CA PRO D 96 19.09 -4.26 -40.60
C PRO D 96 20.25 -3.49 -41.26
N LYS D 97 20.64 -2.35 -40.70
CA LYS D 97 21.63 -1.46 -41.34
C LYS D 97 22.89 -1.26 -40.50
N LYS D 98 24.03 -0.97 -41.15
CA LYS D 98 25.20 -0.46 -40.43
C LYS D 98 24.74 0.78 -39.65
N LYS D 99 24.13 1.74 -40.33
CA LYS D 99 23.67 2.93 -39.62
C LYS D 99 22.17 2.93 -39.37
N MET D 100 21.80 2.35 -38.23
CA MET D 100 20.44 2.38 -37.73
C MET D 100 20.25 3.74 -37.13
N GLU D 101 18.99 4.14 -36.93
CA GLU D 101 18.65 5.43 -36.31
C GLU D 101 18.97 5.35 -34.82
N LYS D 102 19.10 6.49 -34.13
CA LYS D 102 19.55 6.49 -32.74
C LYS D 102 18.64 5.69 -31.79
N ARG D 103 17.33 5.73 -32.02
CA ARG D 103 16.40 5.09 -31.10
C ARG D 103 16.47 3.56 -31.12
N PHE D 104 17.07 2.99 -32.15
CA PHE D 104 17.25 1.54 -32.19
C PHE D 104 18.54 1.09 -31.51
N VAL D 105 19.40 2.07 -31.21
CA VAL D 105 20.79 1.79 -30.83
C VAL D 105 21.05 1.71 -29.32
N PHE D 106 21.52 0.56 -28.88
CA PHE D 106 21.92 0.41 -27.49
C PHE D 106 23.44 0.24 -27.39
N ASN D 107 24.00 0.71 -26.27
CA ASN D 107 25.41 0.54 -25.97
C ASN D 107 25.60 -0.65 -25.05
N LYS D 108 26.20 -1.71 -25.60
CA LYS D 108 26.37 -2.96 -24.87
C LYS D 108 27.60 -2.92 -23.99
N ILE D 109 27.38 -2.60 -22.73
CA ILE D 109 28.42 -2.75 -21.73
C ILE D 109 28.37 -4.19 -21.24
N GLU D 110 29.30 -5.04 -21.69
CA GLU D 110 29.34 -6.45 -21.28
C GLU D 110 30.59 -6.78 -20.43
N ILE D 111 30.40 -7.02 -19.15
CA ILE D 111 31.51 -7.29 -18.22
C ILE D 111 31.46 -8.73 -17.64
N ASN D 112 32.54 -9.50 -17.82
CA ASN D 112 32.56 -10.92 -17.45
C ASN D 112 31.35 -11.64 -18.01
N ASN D 113 30.98 -11.29 -19.24
CA ASN D 113 29.75 -11.80 -19.82
C ASN D 113 28.50 -11.51 -18.96
N LYS D 114 28.35 -10.27 -18.51
CA LYS D 114 27.09 -9.79 -17.91
C LYS D 114 26.73 -8.55 -18.68
N LEU D 115 25.59 -8.57 -19.36
CA LEU D 115 25.21 -7.44 -20.21
C LEU D 115 24.33 -6.42 -19.52
N GLU D 116 24.55 -5.15 -19.82
CA GLU D 116 23.54 -4.10 -19.70
C GLU D 116 23.44 -3.37 -21.03
N PHE D 117 22.21 -3.05 -21.45
CA PHE D 117 22.02 -2.20 -22.61
C PHE D 117 21.58 -0.75 -22.31
N GLU D 118 22.52 0.19 -22.46
CA GLU D 118 22.30 1.62 -22.23
C GLU D 118 21.72 2.21 -23.51
N SER D 119 20.74 3.11 -23.39
CA SER D 119 20.16 3.71 -24.60
C SER D 119 21.14 4.71 -25.21
N ALA D 120 21.44 4.55 -26.50
CA ALA D 120 22.21 5.57 -27.20
C ALA D 120 21.47 6.93 -27.17
N GLN D 121 20.17 6.91 -27.52
CA GLN D 121 19.38 8.14 -27.48
C GLN D 121 19.31 8.75 -26.09
N PHE D 122 19.12 7.92 -25.07
CA PHE D 122 18.99 8.44 -23.71
C PHE D 122 20.05 7.86 -22.82
N PRO D 123 21.27 8.44 -22.89
CA PRO D 123 22.34 8.05 -21.98
C PRO D 123 21.82 7.93 -20.57
N ASN D 124 22.39 6.97 -19.84
CA ASN D 124 22.04 6.72 -18.46
C ASN D 124 20.64 6.13 -18.25
N TRP D 125 19.94 5.89 -19.35
CA TRP D 125 18.77 5.03 -19.37
C TRP D 125 19.17 3.63 -19.84
N TYR D 126 18.69 2.61 -19.13
CA TYR D 126 19.06 1.22 -19.44
C TYR D 126 17.82 0.36 -19.65
N ILE D 127 17.99 -0.80 -20.28
CA ILE D 127 16.90 -1.75 -20.37
C ILE D 127 16.72 -2.43 -19.03
N SER D 128 15.58 -2.21 -18.40
CA SER D 128 15.37 -2.77 -17.09
C SER D 128 14.25 -3.80 -17.04
N THR D 129 14.33 -4.67 -16.05
CA THR D 129 13.23 -5.54 -15.72
C THR D 129 12.90 -5.31 -14.26
N SER D 130 11.67 -5.66 -13.88
CA SER D 130 11.26 -5.60 -12.48
C SER D 130 11.73 -6.81 -11.69
N GLN D 131 11.95 -6.62 -10.39
CA GLN D 131 12.20 -7.75 -9.48
C GLN D 131 10.96 -8.59 -9.34
N ALA D 132 9.81 -7.95 -9.57
CA ALA D 132 8.54 -8.64 -9.53
C ALA D 132 8.42 -9.59 -10.74
N GLU D 133 7.47 -10.51 -10.64
CA GLU D 133 7.32 -11.53 -11.65
C GLU D 133 6.25 -11.10 -12.68
N ASN D 134 6.42 -11.54 -13.94
CA ASN D 134 5.55 -11.20 -15.09
C ASN D 134 5.21 -9.71 -15.33
N MET D 135 6.17 -8.82 -15.09
CA MET D 135 6.00 -7.39 -15.42
C MET D 135 6.63 -7.05 -16.77
N PRO D 136 6.26 -5.88 -17.33
CA PRO D 136 6.84 -5.52 -18.63
C PRO D 136 8.33 -5.13 -18.55
N VAL D 137 9.15 -5.58 -19.51
CA VAL D 137 10.51 -5.03 -19.71
C VAL D 137 10.40 -3.56 -20.04
N PHE D 138 11.32 -2.74 -19.55
CA PHE D 138 11.16 -1.30 -19.76
C PHE D 138 12.48 -0.55 -19.74
N LEU D 139 12.38 0.76 -19.94
CA LEU D 139 13.55 1.61 -19.85
C LEU D 139 13.51 2.31 -18.49
N GLY D 140 14.55 2.12 -17.69
CA GLY D 140 14.65 2.78 -16.40
C GLY D 140 15.87 3.68 -16.32
N GLY D 141 15.86 4.62 -15.39
CA GLY D 141 16.96 5.56 -15.28
C GLY D 141 17.76 5.39 -14.00
N THR D 142 17.60 4.23 -13.36
CA THR D 142 18.38 3.89 -12.18
C THR D 142 19.20 2.64 -12.47
N LYS D 143 20.46 2.63 -12.04
CA LYS D 143 21.30 1.44 -12.10
C LYS D 143 21.46 1.00 -10.66
N GLY D 144 21.67 -0.30 -10.45
CA GLY D 144 21.97 -0.82 -9.13
C GLY D 144 21.01 -0.46 -8.01
N GLY D 145 19.72 -0.43 -8.33
CA GLY D 145 18.73 -0.12 -7.33
C GLY D 145 17.60 -1.12 -7.30
N GLN D 146 16.37 -0.61 -7.20
CA GLN D 146 15.22 -1.46 -7.21
C GLN D 146 15.12 -2.24 -8.52
N ASP D 147 15.62 -1.66 -9.61
CA ASP D 147 15.48 -2.33 -10.92
C ASP D 147 16.70 -3.11 -11.47
N ILE D 148 16.43 -4.20 -12.18
CA ILE D 148 17.47 -5.03 -12.75
C ILE D 148 17.86 -4.61 -14.15
N THR D 149 19.15 -4.32 -14.32
CA THR D 149 19.67 -3.69 -15.51
C THR D 149 20.79 -4.53 -16.08
N ASP D 150 21.01 -5.70 -15.49
CA ASP D 150 22.05 -6.62 -15.96
C ASP D 150 21.49 -7.94 -16.47
N PHE D 151 21.97 -8.38 -17.62
CA PHE D 151 21.46 -9.58 -18.24
C PHE D 151 22.55 -10.54 -18.60
N THR D 152 22.07 -11.66 -19.12
CA THR D 152 22.84 -12.84 -19.45
C THR D 152 22.36 -13.28 -20.84
N MET D 153 23.28 -13.75 -21.65
CA MET D 153 23.00 -14.06 -23.04
C MET D 153 23.22 -15.55 -23.33
N GLN D 154 22.37 -16.15 -24.17
CA GLN D 154 22.56 -17.54 -24.62
C GLN D 154 22.45 -17.63 -26.11
N PHE D 155 23.50 -18.13 -26.76
CA PHE D 155 23.49 -18.24 -28.22
C PHE D 155 22.48 -19.27 -28.69
N VAL D 156 22.00 -19.13 -29.92
CA VAL D 156 20.90 -19.96 -30.42
C VAL D 156 21.11 -20.46 -31.85
N CYS E 8 -16.03 -5.94 -24.69
CA CYS E 8 -15.15 -6.54 -23.68
C CYS E 8 -14.03 -7.38 -24.32
N LYS E 9 -12.81 -6.82 -24.35
CA LYS E 9 -11.67 -7.47 -24.97
C LYS E 9 -11.27 -8.78 -24.27
N GLU E 10 -10.84 -9.77 -25.03
CA GLU E 10 -10.51 -11.09 -24.47
C GLU E 10 -9.02 -11.36 -24.62
N ARG E 11 -8.53 -12.36 -23.90
CA ARG E 11 -7.09 -12.61 -23.78
C ARG E 11 -6.80 -13.94 -23.09
N GLU E 12 -6.12 -14.85 -23.77
CA GLU E 12 -5.60 -16.05 -23.10
C GLU E 12 -4.13 -15.86 -22.74
N GLU E 13 -3.81 -16.02 -21.45
CA GLU E 13 -2.43 -16.04 -20.96
C GLU E 13 -1.91 -17.46 -21.12
N LYS E 14 -1.03 -17.65 -22.11
CA LYS E 14 -0.65 -19.00 -22.62
C LYS E 14 0.29 -19.85 -21.73
N ILE E 15 1.20 -19.20 -21.00
CA ILE E 15 2.05 -19.86 -20.00
C ILE E 15 1.24 -20.59 -18.91
N ILE E 16 1.36 -21.91 -18.84
CA ILE E 16 0.72 -22.63 -17.72
C ILE E 16 1.68 -22.81 -16.52
N LEU E 17 1.37 -22.12 -15.42
CA LEU E 17 2.24 -22.10 -14.25
C LEU E 17 1.90 -23.28 -13.35
N VAL E 18 2.90 -24.11 -13.05
CA VAL E 18 2.60 -25.37 -12.36
C VAL E 18 2.88 -25.24 -10.87
N SER E 19 1.87 -25.55 -10.07
CA SER E 19 2.00 -25.45 -8.61
C SER E 19 1.90 -26.83 -7.92
N SER E 20 2.47 -26.93 -6.73
CA SER E 20 2.32 -28.14 -5.92
C SER E 20 0.97 -28.20 -5.20
N ALA E 21 0.30 -29.32 -5.36
CA ALA E 21 -0.80 -29.71 -4.48
C ALA E 21 -0.42 -29.55 -2.99
N ASN E 22 -1.42 -29.20 -2.18
CA ASN E 22 -1.31 -29.18 -0.72
C ASN E 22 -0.38 -28.11 -0.15
N GLU E 23 -0.14 -27.08 -0.96
CA GLU E 23 0.55 -25.88 -0.52
C GLU E 23 -0.40 -24.72 -0.77
N ILE E 24 -0.15 -23.57 -0.14
CA ILE E 24 -0.92 -22.40 -0.52
C ILE E 24 -0.46 -21.97 -1.89
N ASP E 25 -1.27 -21.22 -2.61
CA ASP E 25 -0.73 -20.54 -3.76
C ASP E 25 -1.49 -19.27 -4.06
N VAL E 26 -0.82 -18.35 -4.73
CA VAL E 26 -1.45 -17.10 -5.11
C VAL E 26 -1.26 -16.84 -6.59
N ARG E 27 -2.33 -16.38 -7.22
CA ARG E 27 -2.32 -15.94 -8.59
C ARG E 27 -2.82 -14.49 -8.69
N PRO E 28 -2.02 -13.62 -9.29
CA PRO E 28 -2.51 -12.28 -9.58
C PRO E 28 -3.04 -12.19 -11.02
N CYS E 29 -3.80 -11.13 -11.28
CA CYS E 29 -4.28 -10.88 -12.63
C CYS E 29 -3.13 -10.32 -13.49
N PRO E 30 -2.82 -10.99 -14.59
CA PRO E 30 -1.70 -10.65 -15.49
C PRO E 30 -1.79 -9.26 -16.12
N LEU E 31 -1.71 -8.18 -15.39
CA LEU E 31 -1.99 -6.92 -16.01
C LEU E 31 -0.84 -5.99 -16.24
N ASN E 32 -0.73 -5.52 -17.45
CA ASN E 32 0.25 -4.49 -17.72
C ASN E 32 -0.26 -3.40 -16.89
N PRO E 33 0.57 -2.45 -16.52
CA PRO E 33 0.13 -1.43 -15.60
C PRO E 33 -0.92 -0.55 -16.22
N ASN E 34 -2.02 -1.22 -16.51
CA ASN E 34 -3.24 -0.58 -16.92
C ASN E 34 -4.42 -1.29 -16.31
N GLU E 35 -4.64 -1.01 -15.04
CA GLU E 35 -5.79 -1.50 -14.37
C GLU E 35 -6.60 -0.29 -14.03
N HIS E 36 -7.85 -0.29 -14.47
CA HIS E 36 -8.66 0.87 -14.46
C HIS E 36 -9.54 0.61 -13.31
N THR E 39 -11.29 -2.79 -11.67
CA THR E 39 -11.97 -3.60 -10.65
C THR E 39 -11.85 -5.08 -10.96
N ILE E 40 -11.05 -5.79 -10.17
CA ILE E 40 -10.70 -7.17 -10.52
C ILE E 40 -11.68 -8.22 -9.96
N THR E 41 -12.35 -8.95 -10.86
CA THR E 41 -13.23 -10.09 -10.48
C THR E 41 -12.73 -11.45 -11.01
N TRP E 42 -12.81 -12.48 -10.16
CA TRP E 42 -12.21 -13.78 -10.45
C TRP E 42 -13.23 -14.90 -10.60
N TYR E 43 -13.21 -15.56 -11.74
CA TYR E 43 -14.15 -16.61 -12.02
C TYR E 43 -13.50 -17.92 -12.32
N LYS E 44 -14.17 -19.01 -12.00
CA LYS E 44 -13.70 -20.37 -12.15
C LYS E 44 -14.05 -20.93 -13.49
N ASP E 45 -14.09 -22.22 -13.67
CA ASP E 45 -14.01 -22.62 -15.04
C ASP E 45 -15.05 -21.89 -15.75
N ASP E 46 -16.25 -21.87 -15.27
CA ASP E 46 -17.27 -21.13 -15.98
C ASP E 46 -18.22 -20.37 -15.13
N SER E 47 -17.92 -20.07 -13.90
CA SER E 47 -19.05 -19.87 -13.08
C SER E 47 -19.90 -18.80 -13.67
N LYS E 48 -19.33 -17.70 -14.07
CA LYS E 48 -20.17 -16.59 -14.46
C LYS E 48 -20.63 -16.12 -13.13
N THR E 49 -20.15 -16.80 -12.12
CA THR E 49 -20.38 -16.43 -10.76
C THR E 49 -19.03 -16.24 -10.15
N PRO E 50 -18.74 -15.05 -9.67
CA PRO E 50 -17.43 -14.73 -9.15
C PRO E 50 -17.08 -15.57 -7.96
N VAL E 51 -15.86 -16.04 -7.87
CA VAL E 51 -15.56 -16.88 -6.74
C VAL E 51 -15.41 -16.10 -5.46
N SER E 52 -15.54 -16.80 -4.35
CA SER E 52 -15.88 -16.22 -3.09
C SER E 52 -14.92 -15.20 -2.62
N THR E 53 -15.46 -14.22 -1.93
CA THR E 53 -14.67 -13.22 -1.27
C THR E 53 -14.47 -13.62 0.17
N GLU E 54 -14.97 -14.79 0.51
CA GLU E 54 -14.78 -15.40 1.84
C GLU E 54 -13.43 -16.07 2.10
N GLN E 55 -12.56 -15.42 2.87
CA GLN E 55 -11.23 -15.96 3.17
C GLN E 55 -11.20 -17.26 3.98
N ALA E 56 -12.37 -17.74 4.43
CA ALA E 56 -12.43 -19.04 5.07
C ALA E 56 -12.67 -20.11 4.00
N SER E 57 -12.78 -19.67 2.75
CA SER E 57 -12.96 -20.60 1.63
C SER E 57 -11.58 -21.13 1.19
N ARG E 58 -11.53 -22.38 0.73
CA ARG E 58 -10.26 -22.89 0.18
C ARG E 58 -9.81 -21.98 -0.96
N ILE E 59 -10.79 -21.44 -1.69
CA ILE E 59 -10.51 -20.60 -2.86
C ILE E 59 -11.33 -19.30 -2.81
N HIS E 60 -10.68 -18.16 -3.01
CA HIS E 60 -11.34 -16.84 -2.88
C HIS E 60 -10.55 -15.64 -3.41
N GLN E 61 -11.13 -14.46 -3.27
CA GLN E 61 -10.48 -13.25 -3.68
C GLN E 61 -10.03 -12.37 -2.57
N HIS E 62 -8.88 -11.76 -2.72
CA HIS E 62 -8.44 -10.85 -1.75
C HIS E 62 -7.48 -9.97 -2.42
N LYS E 63 -7.27 -8.79 -1.92
CA LYS E 63 -6.40 -7.95 -2.67
C LYS E 63 -7.15 -8.11 -3.92
N GLU E 64 -6.43 -8.33 -5.01
CA GLU E 64 -7.10 -8.63 -6.24
C GLU E 64 -6.65 -9.97 -6.72
N LYS E 65 -6.11 -10.75 -5.82
CA LYS E 65 -5.49 -11.99 -6.18
C LYS E 65 -6.39 -13.12 -5.88
N LEU E 66 -6.13 -14.25 -6.49
CA LEU E 66 -6.89 -15.46 -6.32
C LEU E 66 -6.12 -16.42 -5.40
N TRP E 67 -6.67 -16.69 -4.22
CA TRP E 67 -5.95 -17.48 -3.24
C TRP E 67 -6.37 -18.94 -3.25
N PHE E 68 -5.38 -19.83 -3.17
CA PHE E 68 -5.65 -21.25 -3.00
C PHE E 68 -5.07 -21.71 -1.66
N VAL E 69 -5.94 -21.85 -0.66
CA VAL E 69 -5.51 -22.04 0.73
C VAL E 69 -6.07 -23.28 1.43
N PRO E 70 -5.50 -24.48 1.16
CA PRO E 70 -4.44 -24.74 0.19
C PRO E 70 -5.04 -25.06 -1.16
N ALA E 71 -4.22 -25.60 -2.05
CA ALA E 71 -4.70 -25.99 -3.38
C ALA E 71 -4.78 -27.50 -3.45
N LYS E 72 -5.67 -28.00 -4.30
CA LYS E 72 -5.78 -29.43 -4.53
C LYS E 72 -5.59 -29.65 -5.99
N VAL E 73 -5.39 -30.90 -6.37
CA VAL E 73 -5.18 -31.26 -7.78
C VAL E 73 -6.41 -30.90 -8.60
N GLU E 74 -7.57 -31.04 -7.97
CA GLU E 74 -8.86 -30.74 -8.57
C GLU E 74 -8.99 -29.30 -9.09
N ASP E 75 -8.31 -28.35 -8.46
CA ASP E 75 -8.33 -26.95 -8.92
C ASP E 75 -7.58 -26.73 -10.23
N SER E 76 -6.83 -27.75 -10.66
CA SER E 76 -6.23 -27.72 -11.97
C SER E 76 -7.32 -27.44 -13.03
N GLY E 77 -7.06 -26.49 -13.93
CA GLY E 77 -8.08 -25.98 -14.82
C GLY E 77 -7.88 -24.50 -15.12
N HIS E 78 -8.87 -23.88 -15.75
N HIS E 78 -8.87 -23.86 -15.75
CA HIS E 78 -8.75 -22.48 -16.16
CA HIS E 78 -8.70 -22.45 -16.12
C HIS E 78 -9.45 -21.55 -15.16
C HIS E 78 -9.51 -21.52 -15.21
N TYR E 79 -9.05 -20.28 -15.15
CA TYR E 79 -9.70 -19.28 -14.32
C TYR E 79 -9.75 -18.00 -15.13
N TYR E 80 -10.73 -17.15 -14.82
CA TYR E 80 -10.81 -15.83 -15.44
C TYR E 80 -10.80 -14.69 -14.42
N CYS E 81 -9.87 -13.76 -14.58
CA CYS E 81 -10.00 -12.45 -13.97
C CYS E 81 -10.39 -11.48 -15.06
N VAL E 82 -11.23 -10.53 -14.71
CA VAL E 82 -11.65 -9.55 -15.67
C VAL E 82 -11.68 -8.19 -15.08
N VAL E 83 -11.39 -7.18 -15.87
CA VAL E 83 -11.22 -5.87 -15.34
C VAL E 83 -12.23 -4.99 -15.95
N ARG E 84 -12.94 -4.27 -15.12
CA ARG E 84 -13.92 -3.34 -15.57
C ARG E 84 -13.61 -2.00 -15.03
N ASN E 85 -13.54 -0.99 -15.86
CA ASN E 85 -13.61 0.38 -15.38
C ASN E 85 -14.06 1.38 -16.40
N SER E 86 -15.35 1.39 -16.73
CA SER E 86 -16.02 2.47 -17.47
C SER E 86 -15.64 2.73 -18.92
N SER E 87 -14.40 3.13 -19.14
CA SER E 87 -13.81 3.16 -20.46
C SER E 87 -13.59 1.79 -21.06
N TYR E 88 -13.17 0.83 -20.24
CA TYR E 88 -12.80 -0.48 -20.76
C TYR E 88 -13.20 -1.69 -19.95
N CYS E 89 -13.56 -2.77 -20.63
CA CYS E 89 -13.59 -4.10 -20.02
C CYS E 89 -12.64 -5.05 -20.68
N LEU E 90 -11.83 -5.71 -19.87
CA LEU E 90 -10.86 -6.72 -20.32
C LEU E 90 -10.88 -7.99 -19.47
N ARG E 91 -10.99 -9.16 -20.11
CA ARG E 91 -11.10 -10.42 -19.40
C ARG E 91 -9.99 -11.43 -19.81
N ILE E 92 -9.15 -11.79 -18.84
CA ILE E 92 -7.99 -12.64 -19.09
C ILE E 92 -8.16 -14.06 -18.58
N LYS E 93 -7.93 -15.03 -19.45
CA LYS E 93 -8.06 -16.46 -19.14
C LYS E 93 -6.71 -17.08 -18.77
N ILE E 94 -6.54 -17.45 -17.50
CA ILE E 94 -5.29 -18.11 -17.06
C ILE E 94 -5.53 -19.59 -16.83
N SER E 95 -4.44 -20.34 -16.68
CA SER E 95 -4.54 -21.79 -16.56
C SER E 95 -3.62 -22.29 -15.44
N ALA E 96 -4.06 -23.29 -14.71
CA ALA E 96 -3.31 -23.73 -13.54
C ALA E 96 -3.31 -25.24 -13.45
N LYS E 97 -2.17 -25.79 -13.03
CA LYS E 97 -2.06 -27.23 -12.81
C LYS E 97 -1.46 -27.39 -11.43
N PHE E 98 -2.15 -28.14 -10.59
CA PHE E 98 -1.64 -28.46 -9.27
C PHE E 98 -1.34 -29.94 -9.24
N VAL E 99 -0.21 -30.28 -8.65
CA VAL E 99 0.35 -31.61 -8.77
C VAL E 99 1.10 -31.97 -7.49
N GLU E 100 0.88 -33.18 -7.00
CA GLU E 100 1.62 -33.61 -5.83
C GLU E 100 2.86 -34.32 -6.31
N ASN E 101 3.78 -34.56 -5.38
CA ASN E 101 5.15 -34.94 -5.72
C ASN E 101 5.27 -36.36 -6.27
N GLU E 102 6.01 -36.50 -7.37
CA GLU E 102 6.45 -37.80 -7.89
C GLU E 102 6.89 -38.71 -6.72
N PRO E 103 6.61 -40.02 -6.83
CA PRO E 103 6.39 -40.93 -5.68
C PRO E 103 7.45 -40.89 -4.56
N ASN E 104 8.73 -40.88 -4.91
CA ASN E 104 9.74 -40.90 -3.86
C ASN E 104 10.50 -39.56 -3.69
N LEU E 105 9.89 -38.46 -4.12
CA LEU E 105 10.57 -37.15 -4.11
C LEU E 105 9.91 -36.05 -3.28
N CYS E 106 10.59 -34.91 -3.17
CA CYS E 106 10.08 -33.72 -2.50
C CYS E 106 9.54 -32.71 -3.52
N TYR E 107 9.45 -33.12 -4.78
CA TYR E 107 8.95 -32.23 -5.84
C TYR E 107 8.29 -33.03 -6.96
N ASN E 108 7.70 -32.30 -7.92
CA ASN E 108 7.20 -32.88 -9.17
C ASN E 108 7.98 -32.23 -10.31
N ALA E 109 8.44 -33.03 -11.28
CA ALA E 109 9.25 -32.49 -12.37
C ALA E 109 8.55 -31.39 -13.17
N GLN E 110 7.22 -31.39 -13.10
CA GLN E 110 6.41 -30.43 -13.83
C GLN E 110 6.54 -29.03 -13.24
N ALA E 111 6.95 -28.95 -11.98
CA ALA E 111 7.00 -27.68 -11.26
C ALA E 111 8.42 -27.15 -11.23
N ILE E 112 9.25 -27.64 -12.14
CA ILE E 112 10.67 -27.30 -12.10
C ILE E 112 11.01 -26.00 -12.86
N PHE E 113 11.69 -25.09 -12.18
CA PHE E 113 12.27 -23.93 -12.82
C PHE E 113 13.72 -24.20 -13.13
N LYS E 114 14.06 -24.08 -14.40
CA LYS E 114 15.45 -24.25 -14.78
C LYS E 114 16.21 -22.94 -14.50
N GLN E 115 17.33 -23.05 -13.81
CA GLN E 115 18.25 -21.92 -13.62
C GLN E 115 19.69 -22.31 -13.93
N LYS E 116 20.49 -21.35 -14.40
CA LYS E 116 21.88 -21.62 -14.78
C LYS E 116 22.94 -20.69 -14.19
N LEU E 117 24.00 -21.31 -13.67
CA LEU E 117 25.18 -20.61 -13.14
C LEU E 117 26.41 -21.16 -13.84
N PRO E 118 27.33 -20.25 -14.22
CA PRO E 118 28.65 -20.63 -14.73
C PRO E 118 29.50 -21.13 -13.57
N VAL E 119 30.33 -22.14 -13.84
CA VAL E 119 31.26 -22.70 -12.84
C VAL E 119 32.37 -21.75 -12.44
N ALA E 120 33.00 -22.07 -11.31
CA ALA E 120 34.21 -21.40 -10.87
C ALA E 120 33.97 -19.95 -10.47
N GLY E 121 32.72 -19.57 -10.32
CA GLY E 121 32.40 -18.26 -9.76
C GLY E 121 31.39 -18.42 -8.66
N ASP E 122 31.00 -17.33 -8.03
CA ASP E 122 29.82 -17.42 -7.18
C ASP E 122 28.57 -16.93 -7.94
N GLY E 123 27.44 -17.48 -7.59
CA GLY E 123 26.23 -17.15 -8.28
C GLY E 123 25.05 -17.44 -7.39
N GLY E 124 23.90 -16.88 -7.74
CA GLY E 124 22.71 -17.01 -6.92
C GLY E 124 21.62 -17.77 -7.62
N LEU E 125 20.83 -18.49 -6.83
CA LEU E 125 19.60 -19.06 -7.30
C LEU E 125 18.47 -18.15 -6.84
N VAL E 126 17.41 -18.05 -7.62
CA VAL E 126 16.27 -17.26 -7.16
C VAL E 126 15.02 -18.09 -6.96
N CYS E 127 14.40 -17.92 -5.79
CA CYS E 127 13.17 -18.62 -5.49
C CYS E 127 11.99 -17.92 -6.14
N PRO E 128 11.52 -18.45 -7.29
CA PRO E 128 10.46 -17.79 -8.04
C PRO E 128 9.16 -17.66 -7.23
N TYR E 129 8.30 -16.71 -7.63
CA TYR E 129 6.94 -16.58 -7.13
C TYR E 129 6.83 -16.60 -5.61
N MET E 130 7.53 -15.66 -4.99
CA MET E 130 7.53 -15.57 -3.55
C MET E 130 7.11 -14.17 -3.11
N GLU E 131 6.70 -13.35 -4.07
CA GLU E 131 6.58 -11.91 -3.82
C GLU E 131 5.35 -11.55 -3.02
N PHE E 132 4.47 -12.50 -2.90
CA PHE E 132 3.17 -12.29 -2.34
C PHE E 132 3.01 -12.73 -0.93
N PHE E 133 3.99 -13.44 -0.44
CA PHE E 133 3.98 -13.98 0.87
C PHE E 133 4.88 -13.17 1.73
N LYS E 134 5.25 -12.01 1.30
CA LYS E 134 6.01 -11.18 2.15
C LYS E 134 4.99 -10.75 3.11
N ASN E 135 5.40 -10.32 4.26
CA ASN E 135 4.47 -10.01 5.31
C ASN E 135 4.72 -8.60 5.81
N GLU E 136 3.76 -8.10 6.56
CA GLU E 136 3.53 -6.71 6.65
C GLU E 136 4.83 -6.08 6.97
N ASN E 137 5.02 -4.89 6.45
CA ASN E 137 6.31 -4.27 6.49
C ASN E 137 7.25 -5.18 5.73
N ASN E 138 6.74 -5.87 4.74
CA ASN E 138 7.54 -6.38 3.64
C ASN E 138 8.76 -7.21 3.95
N GLU E 139 8.61 -8.28 4.72
CA GLU E 139 9.70 -9.20 4.91
C GLU E 139 9.30 -10.60 4.59
N LEU E 140 10.10 -11.31 3.84
CA LEU E 140 9.78 -12.65 3.51
C LEU E 140 10.10 -13.60 4.63
N PRO E 141 9.48 -14.74 4.63
CA PRO E 141 9.75 -15.71 5.68
C PRO E 141 11.11 -16.25 5.48
N LYS E 142 11.76 -16.77 6.50
CA LYS E 142 13.10 -17.35 6.35
C LYS E 142 13.08 -18.65 5.53
N LEU E 143 13.91 -18.68 4.49
CA LEU E 143 13.85 -19.80 3.57
C LEU E 143 14.76 -21.01 3.95
N GLN E 144 14.22 -22.21 3.89
CA GLN E 144 14.99 -23.40 3.99
C GLN E 144 15.19 -23.98 2.64
N TRP E 145 16.39 -24.47 2.37
CA TRP E 145 16.76 -24.88 1.07
C TRP E 145 17.22 -26.26 1.12
N TYR E 146 17.08 -26.99 0.04
CA TYR E 146 17.53 -28.35 -0.07
C TYR E 146 18.13 -28.58 -1.42
N LYS E 147 19.06 -29.51 -1.50
CA LYS E 147 19.52 -30.11 -2.74
C LYS E 147 19.03 -31.56 -2.81
N ASP E 148 18.18 -31.86 -3.78
CA ASP E 148 17.72 -33.22 -4.00
C ASP E 148 17.18 -33.79 -2.70
N CYS E 149 16.25 -33.06 -2.10
CA CYS E 149 15.46 -33.56 -0.98
C CYS E 149 16.24 -33.64 0.32
N LYS E 150 17.44 -33.09 0.33
CA LYS E 150 18.26 -33.10 1.55
C LYS E 150 18.72 -31.69 1.86
N PRO E 151 18.51 -31.24 3.12
CA PRO E 151 18.69 -29.84 3.51
C PRO E 151 20.10 -29.28 3.24
N LEU E 152 20.19 -27.95 3.28
CA LEU E 152 21.42 -27.25 3.02
C LEU E 152 21.80 -26.39 4.20
N LEU E 153 22.95 -26.68 4.77
CA LEU E 153 23.49 -25.86 5.84
C LEU E 153 23.90 -24.51 5.25
N LEU E 154 23.27 -23.43 5.69
CA LEU E 154 23.69 -22.13 5.17
C LEU E 154 24.91 -21.67 5.94
N ASP E 155 26.04 -22.37 5.71
CA ASP E 155 27.27 -22.17 6.47
C ASP E 155 28.07 -20.92 6.08
N ASN E 156 27.50 -20.06 5.25
CA ASN E 156 28.24 -18.94 4.66
C ASN E 156 29.62 -19.27 4.08
N ILE E 157 29.77 -20.50 3.57
CA ILE E 157 31.01 -20.97 2.98
C ILE E 157 30.65 -21.65 1.65
N HIS E 158 29.72 -22.59 1.72
CA HIS E 158 29.22 -23.26 0.51
C HIS E 158 27.88 -22.68 0.03
N PHE E 159 27.06 -22.29 1.01
CA PHE E 159 25.79 -21.66 0.74
C PHE E 159 25.52 -20.61 1.79
N SER E 160 24.67 -19.66 1.39
CA SER E 160 24.22 -18.51 2.17
C SER E 160 22.78 -18.33 1.75
N GLY E 161 21.95 -17.77 2.63
CA GLY E 161 20.59 -17.47 2.25
C GLY E 161 20.05 -16.12 2.70
N VAL E 162 19.66 -15.28 1.76
CA VAL E 162 19.01 -14.02 2.05
C VAL E 162 17.74 -13.86 1.27
N LYS E 163 16.67 -13.48 1.88
CA LYS E 163 15.54 -13.29 1.03
C LYS E 163 15.29 -14.50 0.22
N ASP E 164 15.12 -14.30 -1.06
CA ASP E 164 14.71 -15.35 -1.95
C ASP E 164 15.83 -16.00 -2.70
N ARG E 165 17.04 -15.60 -2.36
CA ARG E 165 18.29 -16.05 -2.97
C ARG E 165 18.84 -17.23 -2.20
N LEU E 166 19.37 -18.19 -2.95
CA LEU E 166 20.32 -19.14 -2.39
C LEU E 166 21.69 -18.82 -3.01
N ILE E 167 22.54 -18.18 -2.20
CA ILE E 167 23.86 -17.77 -2.68
C ILE E 167 24.87 -18.92 -2.66
N VAL E 168 25.43 -19.23 -3.84
CA VAL E 168 26.26 -20.41 -4.02
C VAL E 168 27.71 -20.06 -4.33
N MET E 169 28.62 -20.41 -3.41
CA MET E 169 30.06 -20.12 -3.56
C MET E 169 30.81 -21.22 -4.29
N ASN E 170 31.63 -20.83 -5.25
CA ASN E 170 32.44 -21.76 -6.07
C ASN E 170 31.65 -22.86 -6.76
N VAL E 171 30.96 -22.51 -7.84
CA VAL E 171 30.16 -23.47 -8.55
C VAL E 171 31.02 -24.57 -9.24
N ALA E 172 30.85 -25.79 -8.75
CA ALA E 172 31.47 -26.95 -9.37
C ALA E 172 30.40 -27.67 -10.19
N GLU E 173 30.77 -28.79 -10.81
CA GLU E 173 29.80 -29.58 -11.57
C GLU E 173 28.96 -30.39 -10.57
N LYS E 174 29.50 -30.59 -9.39
CA LYS E 174 28.84 -31.39 -8.36
C LYS E 174 27.60 -30.66 -7.86
N HIS E 175 27.56 -29.34 -8.05
CA HIS E 175 26.38 -28.59 -7.66
C HIS E 175 25.11 -28.94 -8.44
N ARG E 176 25.24 -29.75 -9.49
CA ARG E 176 24.09 -30.18 -10.29
C ARG E 176 23.05 -30.92 -9.44
N GLY E 177 21.79 -30.51 -9.61
CA GLY E 177 20.68 -31.17 -8.96
C GLY E 177 19.40 -30.35 -8.97
N ASN E 178 18.32 -30.94 -8.47
CA ASN E 178 17.09 -30.22 -8.27
C ASN E 178 17.04 -29.60 -6.87
N TYR E 179 17.00 -28.27 -6.82
CA TYR E 179 17.02 -27.63 -5.51
C TYR E 179 15.64 -27.35 -4.98
N THR E 180 15.55 -27.24 -3.65
CA THR E 180 14.27 -26.91 -3.06
C THR E 180 14.36 -25.78 -2.04
N CYS E 181 13.56 -24.74 -2.24
CA CYS E 181 13.38 -23.74 -1.19
C CYS E 181 12.02 -23.96 -0.55
N HIS E 182 11.92 -23.55 0.71
CA HIS E 182 10.74 -23.81 1.53
C HIS E 182 10.44 -22.70 2.56
N ALA E 183 9.18 -22.29 2.61
CA ALA E 183 8.75 -21.22 3.50
C ALA E 183 7.61 -21.75 4.33
N SER E 184 7.30 -21.06 5.44
CA SER E 184 6.05 -21.30 6.14
C SER E 184 5.30 -19.97 6.20
N TYR E 185 4.10 -19.95 5.62
CA TYR E 185 3.33 -18.71 5.49
C TYR E 185 2.21 -18.62 6.52
N THR E 186 2.18 -17.50 7.26
CA THR E 186 1.04 -17.22 8.13
C THR E 186 -0.10 -16.61 7.31
N TYR E 187 -1.24 -17.32 7.29
CA TYR E 187 -2.45 -16.82 6.63
C TYR E 187 -3.69 -17.17 7.45
N LEU E 188 -4.29 -16.14 8.06
CA LEU E 188 -5.44 -16.28 8.96
C LEU E 188 -5.13 -17.09 10.21
N GLY E 189 -3.98 -16.84 10.83
CA GLY E 189 -3.61 -17.56 12.03
C GLY E 189 -3.26 -19.03 11.84
N LYS E 190 -3.65 -19.63 10.71
CA LYS E 190 -3.14 -20.95 10.35
C LYS E 190 -1.81 -20.82 9.57
N GLN E 191 -1.01 -21.88 9.56
CA GLN E 191 0.29 -21.84 8.86
C GLN E 191 0.29 -22.79 7.68
N TYR E 192 0.84 -22.35 6.54
CA TYR E 192 0.85 -23.20 5.35
C TYR E 192 2.24 -23.35 4.75
N PRO E 193 2.50 -24.50 4.09
CA PRO E 193 3.74 -24.70 3.35
C PRO E 193 3.80 -23.97 1.97
N ILE E 194 4.98 -23.50 1.59
CA ILE E 194 5.25 -23.06 0.22
C ILE E 194 6.57 -23.67 -0.25
N THR E 195 6.57 -24.28 -1.43
CA THR E 195 7.81 -24.77 -2.04
C THR E 195 7.91 -24.38 -3.51
N ARG E 196 9.16 -24.24 -3.97
CA ARG E 196 9.47 -24.25 -5.39
C ARG E 196 10.67 -25.17 -5.63
N VAL E 197 10.77 -25.66 -6.86
CA VAL E 197 11.86 -26.54 -7.26
C VAL E 197 12.73 -25.88 -8.33
N ILE E 198 14.01 -25.67 -8.04
CA ILE E 198 14.93 -25.21 -9.09
C ILE E 198 15.90 -26.30 -9.56
N GLU E 199 15.88 -26.59 -10.85
CA GLU E 199 16.91 -27.45 -11.44
C GLU E 199 18.16 -26.61 -11.68
N PHE E 200 19.27 -27.02 -11.08
CA PHE E 200 20.56 -26.32 -11.12
C PHE E 200 21.40 -27.00 -12.19
N ILE E 201 21.61 -26.31 -13.30
CA ILE E 201 22.49 -26.81 -14.33
C ILE E 201 23.55 -25.80 -14.66
N THR E 202 24.64 -26.30 -15.19
CA THR E 202 25.89 -25.60 -15.05
C THR E 202 26.49 -25.10 -16.38
N LEU E 203 27.17 -23.97 -16.32
CA LEU E 203 27.70 -23.32 -17.52
C LEU E 203 29.23 -23.15 -17.48
N GLU E 204 29.79 -22.98 -18.69
CA GLU E 204 31.18 -22.61 -18.91
C GLU E 204 31.54 -21.43 -18.00
N GLU E 205 32.66 -21.53 -17.30
CA GLU E 205 33.18 -20.42 -16.49
C GLU E 205 33.21 -19.09 -17.25
N ASN E 206 32.75 -18.01 -16.61
CA ASN E 206 32.78 -16.67 -17.21
C ASN E 206 34.05 -15.93 -16.91
N LYS E 207 35.01 -16.02 -17.81
CA LYS E 207 36.24 -15.26 -17.66
C LYS E 207 36.02 -13.84 -18.19
N PRO E 208 36.92 -12.91 -17.82
CA PRO E 208 37.04 -11.70 -18.65
C PRO E 208 37.94 -12.04 -19.82
N THR E 209 37.67 -11.46 -21.00
CA THR E 209 38.57 -11.58 -22.13
C THR E 209 38.62 -10.26 -22.86
N ARG E 210 39.77 -9.94 -23.45
CA ARG E 210 39.92 -8.86 -24.42
C ARG E 210 40.03 -9.50 -25.81
N PRO E 211 39.50 -8.84 -26.87
CA PRO E 211 39.77 -9.31 -28.24
C PRO E 211 41.20 -9.01 -28.69
N VAL E 212 41.74 -9.84 -29.57
CA VAL E 212 43.13 -9.71 -29.99
C VAL E 212 43.26 -9.69 -31.52
N ILE E 213 43.94 -8.72 -32.08
CA ILE E 213 44.11 -8.66 -33.49
C ILE E 213 45.24 -9.48 -33.98
N VAL E 214 44.96 -10.30 -34.99
CA VAL E 214 45.86 -11.27 -35.54
C VAL E 214 46.55 -10.86 -36.81
N SER E 215 45.82 -10.35 -37.76
CA SER E 215 46.37 -9.67 -38.87
C SER E 215 45.38 -8.60 -39.09
N PRO E 216 45.75 -7.36 -39.35
CA PRO E 216 47.03 -6.87 -39.78
C PRO E 216 48.13 -6.77 -38.77
N ALA E 217 49.33 -6.70 -39.28
CA ALA E 217 50.52 -6.73 -38.52
C ALA E 217 51.33 -5.46 -38.57
N ASN E 218 50.72 -4.31 -38.63
CA ASN E 218 51.49 -3.07 -38.59
C ASN E 218 52.58 -2.97 -39.65
N GLU E 219 52.14 -3.07 -40.89
CA GLU E 219 53.02 -3.37 -42.03
C GLU E 219 52.58 -2.55 -43.25
N THR E 220 53.37 -2.60 -44.31
CA THR E 220 53.07 -1.79 -45.49
C THR E 220 52.67 -2.68 -46.63
N MET E 221 51.81 -2.18 -47.51
CA MET E 221 51.48 -2.88 -48.75
C MET E 221 51.67 -1.97 -49.95
N GLU E 222 52.47 -2.45 -50.91
CA GLU E 222 52.69 -1.74 -52.19
C GLU E 222 51.47 -1.97 -53.05
N VAL E 223 50.82 -0.89 -53.48
CA VAL E 223 49.57 -1.04 -54.25
C VAL E 223 49.47 0.01 -55.34
N ASP E 224 49.00 -0.41 -56.51
CA ASP E 224 48.85 0.47 -57.67
C ASP E 224 47.71 1.48 -57.51
N LEU E 225 47.97 2.73 -57.91
CA LEU E 225 46.96 3.81 -57.88
C LEU E 225 45.58 3.42 -58.44
N GLY E 226 45.55 2.84 -59.63
CA GLY E 226 44.27 2.47 -60.18
C GLY E 226 43.39 1.60 -59.28
N SER E 227 44.03 0.58 -58.70
CA SER E 227 43.44 -0.71 -58.30
C SER E 227 42.42 -0.77 -57.16
N GLN E 228 41.88 -1.99 -57.01
CA GLN E 228 41.11 -2.42 -55.86
C GLN E 228 41.87 -3.45 -55.01
N ILE E 229 41.76 -3.32 -53.69
CA ILE E 229 42.27 -4.35 -52.79
C ILE E 229 41.21 -4.73 -51.77
N GLN E 230 41.50 -5.77 -50.99
CA GLN E 230 40.71 -6.10 -49.82
C GLN E 230 41.65 -6.20 -48.62
N LEU E 231 41.60 -5.19 -47.74
CA LEU E 231 42.27 -5.28 -46.45
C LEU E 231 41.50 -6.22 -45.51
N ILE E 232 42.21 -7.17 -44.92
CA ILE E 232 41.55 -8.09 -43.98
C ILE E 232 41.93 -7.83 -42.54
N CYS E 233 40.92 -7.75 -41.68
CA CYS E 233 41.12 -7.67 -40.25
C CYS E 233 40.70 -8.98 -39.59
N ASN E 234 41.63 -9.70 -38.99
CA ASN E 234 41.32 -11.00 -38.38
C ASN E 234 41.40 -10.90 -36.86
N VAL E 235 40.29 -11.18 -36.17
CA VAL E 235 40.25 -10.91 -34.73
C VAL E 235 39.79 -12.09 -33.85
N THR E 236 40.65 -12.44 -32.90
CA THR E 236 40.31 -13.52 -32.00
C THR E 236 39.59 -13.00 -30.75
N GLY E 237 38.36 -13.44 -30.57
CA GLY E 237 37.59 -13.07 -29.39
C GLY E 237 36.22 -13.69 -29.28
N GLN E 238 35.34 -12.95 -28.62
CA GLN E 238 33.98 -13.39 -28.41
C GLN E 238 33.09 -12.96 -29.58
N LEU E 239 32.07 -13.77 -29.90
CA LEU E 239 31.14 -13.38 -30.96
C LEU E 239 30.41 -12.08 -30.61
N SER E 240 30.38 -11.72 -29.33
CA SER E 240 29.60 -10.58 -28.90
C SER E 240 30.47 -9.35 -28.78
N ASP E 241 31.71 -9.42 -29.25
CA ASP E 241 32.50 -8.20 -29.34
C ASP E 241 32.95 -7.88 -30.77
N ILE E 242 33.39 -6.65 -31.00
CA ILE E 242 33.43 -6.14 -32.38
C ILE E 242 34.83 -5.88 -32.98
N ALA E 243 34.92 -6.02 -34.30
CA ALA E 243 36.12 -5.67 -35.06
C ALA E 243 35.77 -4.79 -36.28
N TYR E 244 36.36 -3.61 -36.32
CA TYR E 244 36.08 -2.68 -37.42
C TYR E 244 37.26 -1.90 -38.01
N TRP E 245 37.03 -1.23 -39.15
CA TRP E 245 38.06 -0.39 -39.76
C TRP E 245 37.89 1.12 -39.57
N LYS E 246 39.02 1.82 -39.66
CA LYS E 246 39.06 3.28 -39.58
C LYS E 246 40.13 3.84 -40.52
N TRP E 247 39.92 5.07 -40.98
CA TRP E 247 40.93 5.73 -41.80
C TRP E 247 40.93 7.25 -41.63
N ASN E 248 42.10 7.82 -41.29
CA ASN E 248 42.23 9.25 -41.01
C ASN E 248 41.36 9.67 -39.84
N GLY E 249 41.13 8.73 -38.93
CA GLY E 249 40.39 8.97 -37.70
C GLY E 249 38.88 8.79 -37.83
N SER E 250 38.46 8.30 -38.98
CA SER E 250 37.05 8.12 -39.21
C SER E 250 36.65 6.68 -39.51
N VAL E 251 35.48 6.33 -39.03
CA VAL E 251 34.92 5.01 -39.26
C VAL E 251 34.51 4.96 -40.72
N ILE E 252 34.32 3.76 -41.27
CA ILE E 252 33.89 3.64 -42.65
C ILE E 252 32.35 3.79 -42.78
N ASP E 253 31.91 4.85 -43.46
CA ASP E 253 30.48 5.07 -43.64
C ASP E 253 29.85 4.01 -44.53
N GLU E 254 28.60 3.66 -44.24
CA GLU E 254 27.94 2.63 -45.03
C GLU E 254 27.63 3.08 -46.46
N ASP E 255 27.63 4.39 -46.72
CA ASP E 255 27.35 4.87 -48.07
C ASP E 255 28.59 5.44 -48.78
N ASP E 256 29.78 5.24 -48.18
CA ASP E 256 31.03 5.66 -48.81
C ASP E 256 31.12 5.06 -50.20
N PRO E 257 31.49 5.90 -51.19
CA PRO E 257 31.48 5.44 -52.57
C PRO E 257 32.65 4.54 -52.89
N VAL E 258 33.70 4.57 -52.06
CA VAL E 258 34.95 3.83 -52.33
C VAL E 258 35.25 2.72 -51.31
N LEU E 259 34.76 2.88 -50.08
CA LEU E 259 35.03 1.92 -49.01
C LEU E 259 33.80 1.13 -48.59
N GLY E 260 33.95 -0.20 -48.56
CA GLY E 260 32.93 -1.06 -48.01
C GLY E 260 33.47 -2.00 -46.94
N GLU E 261 32.77 -2.10 -45.82
CA GLU E 261 33.08 -3.13 -44.82
C GLU E 261 32.05 -4.26 -44.85
N ASP E 262 32.54 -5.49 -44.92
CA ASP E 262 31.71 -6.70 -44.75
C ASP E 262 32.16 -7.42 -43.49
N TYR E 263 31.22 -7.73 -42.61
CA TYR E 263 31.55 -8.29 -41.29
C TYR E 263 31.13 -9.75 -41.18
N TYR E 264 32.00 -10.58 -40.61
CA TYR E 264 31.68 -12.01 -40.45
C TYR E 264 32.12 -12.53 -39.09
N SER E 265 31.58 -13.69 -38.71
CA SER E 265 32.05 -14.36 -37.50
C SER E 265 32.10 -15.86 -37.70
N VAL E 266 33.14 -16.49 -37.19
CA VAL E 266 33.27 -17.94 -37.22
C VAL E 266 33.37 -18.45 -35.79
N GLU E 267 32.48 -19.35 -35.40
CA GLU E 267 32.42 -19.74 -33.99
C GLU E 267 33.36 -20.90 -33.69
N ASN E 268 34.22 -20.70 -32.69
CA ASN E 268 35.09 -21.77 -32.25
C ASN E 268 34.38 -22.74 -31.30
N PRO E 269 34.04 -23.92 -31.81
CA PRO E 269 33.27 -24.92 -31.07
C PRO E 269 33.96 -25.36 -29.74
N ALA E 270 35.30 -25.34 -29.71
CA ALA E 270 36.01 -25.78 -28.52
C ALA E 270 36.00 -24.71 -27.42
N ASN E 271 36.32 -23.48 -27.79
CA ASN E 271 36.31 -22.36 -26.87
C ASN E 271 35.53 -21.19 -27.45
N LYS E 272 34.32 -20.94 -26.95
CA LYS E 272 33.43 -19.97 -27.58
C LYS E 272 33.99 -18.54 -27.53
N ARG E 273 34.94 -18.29 -26.63
CA ARG E 273 35.44 -16.93 -26.43
C ARG E 273 36.79 -16.72 -27.11
N ARG E 274 37.31 -17.81 -27.66
CA ARG E 274 38.43 -17.70 -28.59
C ARG E 274 37.90 -18.07 -29.98
N SER E 275 36.82 -17.37 -30.34
CA SER E 275 36.22 -17.42 -31.66
C SER E 275 36.87 -16.41 -32.66
N THR E 276 36.28 -16.23 -33.85
CA THR E 276 36.93 -15.42 -34.89
C THR E 276 36.00 -14.36 -35.47
N LEU E 277 36.48 -13.13 -35.50
CA LEU E 277 35.80 -12.06 -36.22
C LEU E 277 36.60 -11.72 -37.45
N ILE E 278 35.94 -11.75 -38.61
CA ILE E 278 36.58 -11.35 -39.84
C ILE E 278 35.88 -10.13 -40.38
N THR E 279 36.61 -9.05 -40.60
CA THR E 279 35.98 -7.86 -41.14
C THR E 279 36.74 -7.43 -42.37
N VAL E 280 36.08 -7.50 -43.52
CA VAL E 280 36.78 -7.25 -44.79
C VAL E 280 36.55 -5.84 -45.34
N LEU E 281 37.64 -5.11 -45.49
CA LEU E 281 37.61 -3.78 -46.09
C LEU E 281 37.80 -3.84 -47.61
N ASN E 282 36.71 -3.66 -48.36
CA ASN E 282 36.82 -3.50 -49.80
C ASN E 282 37.16 -2.05 -50.24
N ILE E 283 38.38 -1.88 -50.76
CA ILE E 283 38.87 -0.61 -51.28
C ILE E 283 38.71 -0.62 -52.80
N SER E 284 37.64 0.00 -53.31
CA SER E 284 37.24 -0.17 -54.70
C SER E 284 38.18 0.51 -55.67
N GLU E 285 38.86 1.54 -55.20
CA GLU E 285 39.75 2.31 -56.03
C GLU E 285 40.78 2.96 -55.09
N ILE E 286 42.04 2.55 -55.19
CA ILE E 286 43.06 3.16 -54.36
C ILE E 286 43.10 4.66 -54.71
N GLU E 287 42.53 5.50 -53.87
CA GLU E 287 42.61 6.93 -54.13
C GLU E 287 43.90 7.52 -53.54
N SER E 288 44.43 8.52 -54.23
CA SER E 288 45.74 9.05 -53.91
C SER E 288 45.90 9.41 -52.43
N ARG E 289 44.82 9.86 -51.80
CA ARG E 289 44.89 10.25 -50.38
C ARG E 289 45.15 9.08 -49.44
N PHE E 290 44.73 7.88 -49.84
CA PHE E 290 44.93 6.69 -49.00
C PHE E 290 46.39 6.39 -48.68
N TYR E 291 47.30 6.92 -49.47
CA TYR E 291 48.73 6.70 -49.19
C TYR E 291 49.23 7.58 -48.04
N LYS E 292 48.46 8.60 -47.66
CA LYS E 292 48.87 9.60 -46.64
C LYS E 292 48.56 9.20 -45.20
N HIS E 293 47.74 8.17 -45.03
CA HIS E 293 47.42 7.64 -43.68
C HIS E 293 47.22 6.13 -43.70
N PRO E 294 47.55 5.47 -42.57
CA PRO E 294 47.37 4.02 -42.52
C PRO E 294 45.92 3.64 -42.26
N PHE E 295 45.56 2.43 -42.64
CA PHE E 295 44.27 1.87 -42.31
C PHE E 295 44.33 1.13 -40.99
N THR E 296 43.57 1.61 -40.01
CA THR E 296 43.59 0.94 -38.72
C THR E 296 42.36 0.08 -38.48
N CYS E 297 42.64 -1.15 -38.07
CA CYS E 297 41.61 -2.06 -37.61
C CYS E 297 41.62 -2.08 -36.08
N PHE E 298 40.42 -2.10 -35.53
CA PHE E 298 40.26 -2.11 -34.09
C PHE E 298 39.49 -3.32 -33.62
N ALA E 299 39.81 -3.75 -32.40
CA ALA E 299 39.11 -4.83 -31.72
C ALA E 299 38.70 -4.24 -30.38
N LYS E 300 37.42 -4.36 -30.04
CA LYS E 300 36.94 -3.76 -28.80
C LYS E 300 35.88 -4.59 -28.09
N ASN E 301 36.02 -4.69 -26.77
CA ASN E 301 34.91 -4.95 -25.84
C ASN E 301 35.13 -4.18 -24.54
N THR E 302 34.22 -4.30 -23.59
CA THR E 302 34.35 -3.50 -22.37
C THR E 302 35.64 -3.84 -21.58
N HIS E 303 36.18 -5.04 -21.75
CA HIS E 303 37.39 -5.39 -21.00
C HIS E 303 38.68 -4.74 -21.50
N GLY E 304 38.72 -4.42 -22.79
CA GLY E 304 39.91 -3.82 -23.37
C GLY E 304 39.84 -3.52 -24.87
N ILE E 305 40.90 -2.91 -25.37
CA ILE E 305 40.92 -2.50 -26.78
C ILE E 305 42.22 -2.90 -27.45
N ASP E 306 42.17 -3.07 -28.77
CA ASP E 306 43.36 -3.44 -29.49
C ASP E 306 43.29 -2.94 -30.92
N ALA E 307 44.45 -2.53 -31.45
CA ALA E 307 44.55 -1.90 -32.76
C ALA E 307 45.71 -2.45 -33.60
N ALA E 308 45.53 -2.46 -34.91
CA ALA E 308 46.63 -2.74 -35.83
C ALA E 308 46.40 -2.05 -37.17
N TYR E 309 47.47 -1.56 -37.78
CA TYR E 309 47.33 -0.90 -39.06
C TYR E 309 47.93 -1.66 -40.24
N ILE E 310 47.55 -1.23 -41.42
CA ILE E 310 48.22 -1.62 -42.63
C ILE E 310 48.34 -0.36 -43.47
N GLN E 311 49.59 -0.01 -43.83
CA GLN E 311 49.90 1.23 -44.54
C GLN E 311 50.08 1.01 -46.03
N LEU E 312 49.26 1.66 -46.84
CA LEU E 312 49.42 1.56 -48.29
C LEU E 312 50.59 2.44 -48.70
N ILE E 313 51.31 2.00 -49.72
CA ILE E 313 52.53 2.66 -50.21
C ILE E 313 52.70 2.40 -51.70
N TYR E 314 53.53 3.23 -52.34
CA TYR E 314 53.68 3.17 -53.79
C TYR E 314 54.56 2.03 -54.30
N PRO E 315 54.25 1.54 -55.50
CA PRO E 315 54.97 0.35 -55.96
C PRO E 315 56.32 0.58 -56.62
N VAL E 316 57.24 1.24 -55.92
CA VAL E 316 58.68 0.95 -56.05
C VAL E 316 59.42 1.36 -57.35
N ASP F 7 60.16 19.58 19.28
CA ASP F 7 60.33 18.50 18.31
C ASP F 7 59.12 18.45 17.37
N ASP F 8 59.31 18.91 16.13
CA ASP F 8 58.18 19.10 15.20
C ASP F 8 58.04 18.00 14.13
N TRP F 9 56.95 17.25 14.20
CA TRP F 9 56.63 16.31 13.12
C TRP F 9 55.93 17.01 11.94
N GLY F 10 55.26 18.13 12.22
CA GLY F 10 54.68 18.98 11.17
C GLY F 10 53.16 18.90 11.06
N LEU F 11 52.67 18.90 9.81
CA LEU F 11 51.25 18.73 9.53
C LEU F 11 50.98 17.34 8.96
N ASP F 12 50.12 16.59 9.64
CA ASP F 12 49.84 15.19 9.31
C ASP F 12 48.76 15.13 8.23
N THR F 13 49.19 15.19 6.97
CA THR F 13 48.26 15.24 5.86
C THR F 13 47.81 13.83 5.46
N MET F 14 48.29 12.84 6.19
CA MET F 14 47.75 11.50 6.01
C MET F 14 46.32 11.51 6.53
N ARG F 15 46.20 11.87 7.81
CA ARG F 15 44.92 11.78 8.49
C ARG F 15 44.27 13.15 8.63
N GLN F 16 43.86 13.72 7.50
CA GLN F 16 43.05 14.93 7.59
C GLN F 16 41.58 14.57 7.80
N ILE F 17 41.07 14.78 9.01
CA ILE F 17 39.64 14.64 9.21
C ILE F 17 38.92 15.77 8.45
N GLN F 18 37.91 15.40 7.67
CA GLN F 18 36.92 16.33 7.16
C GLN F 18 35.68 15.89 7.90
N VAL F 19 34.88 16.86 8.35
CA VAL F 19 33.65 16.52 9.07
C VAL F 19 32.54 17.52 8.74
N PHE F 20 31.32 17.05 8.86
CA PHE F 20 30.13 17.84 8.52
C PHE F 20 29.80 18.94 9.51
N GLU F 21 29.02 19.92 9.03
CA GLU F 21 28.41 20.93 9.89
C GLU F 21 27.44 20.26 10.87
N ASP F 22 27.36 20.80 12.09
CA ASP F 22 26.39 20.36 13.09
C ASP F 22 26.42 18.86 13.44
N GLU F 23 27.56 18.20 13.27
CA GLU F 23 27.68 16.78 13.64
C GLU F 23 28.89 16.49 14.54
N PRO F 24 28.72 15.57 15.52
CA PRO F 24 29.81 15.16 16.41
C PRO F 24 31.07 14.71 15.67
N ALA F 25 32.23 14.78 16.33
CA ALA F 25 33.49 14.35 15.73
C ALA F 25 34.56 13.98 16.77
N ARG F 26 34.56 12.73 17.20
CA ARG F 26 35.66 12.23 18.01
C ARG F 26 36.93 12.17 17.13
N ILE F 27 37.88 13.06 17.40
CA ILE F 27 39.16 13.08 16.68
C ILE F 27 40.28 12.61 17.62
N LYS F 28 41.11 11.66 17.22
CA LYS F 28 42.19 11.21 18.11
C LYS F 28 43.53 11.89 17.80
N CYS F 29 44.52 11.77 18.68
CA CYS F 29 45.81 12.41 18.46
C CYS F 29 46.75 11.62 17.61
N PRO F 30 47.19 12.21 16.53
CA PRO F 30 47.96 11.48 15.58
C PRO F 30 49.22 11.09 16.22
N LEU F 31 49.57 11.69 17.33
CA LEU F 31 50.84 11.39 17.87
C LEU F 31 50.93 9.95 18.23
N PHE F 32 49.86 9.39 18.72
CA PHE F 32 49.96 8.09 19.34
C PHE F 32 49.97 6.87 18.43
N GLU F 33 50.95 6.00 18.64
CA GLU F 33 51.03 4.74 17.92
C GLU F 33 51.43 4.95 16.47
N HIS F 34 51.53 6.20 16.06
CA HIS F 34 52.01 6.71 14.83
C HIS F 34 53.38 7.42 14.81
N PHE F 35 53.31 8.71 15.12
CA PHE F 35 54.50 9.49 15.43
C PHE F 35 55.35 9.02 16.60
N LEU F 36 54.66 8.52 17.63
CA LEU F 36 55.31 8.00 18.82
C LEU F 36 55.04 6.54 18.88
N LYS F 37 56.06 5.74 18.66
CA LYS F 37 55.87 4.34 18.38
C LYS F 37 55.38 3.61 19.58
N PHE F 38 55.97 3.87 20.70
CA PHE F 38 55.56 3.09 21.80
C PHE F 38 54.24 3.60 22.28
N ASN F 39 54.10 4.89 22.37
CA ASN F 39 53.13 5.33 23.31
C ASN F 39 51.67 5.14 23.00
N TYR F 40 51.03 4.43 23.92
CA TYR F 40 49.61 4.43 24.14
C TYR F 40 49.51 5.71 24.87
N SER F 41 48.32 6.17 25.18
CA SER F 41 48.16 7.16 26.23
C SER F 41 48.54 6.56 27.58
N THR F 42 48.18 5.32 27.81
CA THR F 42 48.38 4.68 29.09
C THR F 42 49.87 4.77 29.47
N ALA F 43 50.63 5.48 28.65
CA ALA F 43 51.99 5.87 28.99
C ALA F 43 52.08 7.36 29.32
N HIS F 44 51.07 7.84 30.05
CA HIS F 44 51.15 9.05 30.87
C HIS F 44 51.31 8.55 32.29
N SER F 45 51.18 7.23 32.42
CA SER F 45 51.70 6.47 33.53
C SER F 45 53.20 6.71 33.60
N ALA F 46 53.82 6.90 32.43
CA ALA F 46 55.21 7.35 32.34
C ALA F 46 55.32 8.88 32.44
N GLY F 47 54.28 9.47 33.01
CA GLY F 47 54.31 10.86 33.45
C GLY F 47 54.28 11.96 32.40
N LEU F 48 53.52 11.75 31.32
CA LEU F 48 53.45 12.78 30.29
C LEU F 48 52.16 13.61 30.30
N THR F 49 52.17 14.70 29.56
CA THR F 49 51.04 15.61 29.55
C THR F 49 50.57 15.94 28.14
N LEU F 50 49.28 15.73 27.89
CA LEU F 50 48.70 15.99 26.57
C LEU F 50 48.15 17.41 26.47
N ILE F 51 48.67 18.16 25.50
CA ILE F 51 48.34 19.57 25.37
C ILE F 51 47.81 19.90 23.96
N TRP F 52 46.60 20.50 23.91
CA TRP F 52 45.97 20.89 22.65
C TRP F 52 45.95 22.40 22.48
N TYR F 53 46.27 22.83 21.28
CA TYR F 53 45.95 24.18 20.87
C TYR F 53 45.65 24.16 19.38
N TRP F 54 45.02 25.21 18.84
CA TRP F 54 44.72 25.20 17.41
C TRP F 54 45.00 26.53 16.71
N THR F 55 44.69 26.59 15.42
CA THR F 55 44.82 27.83 14.66
C THR F 55 43.90 27.86 13.41
N ARG F 56 43.26 29.00 13.14
CA ARG F 56 42.38 29.12 11.99
C ARG F 56 43.15 29.58 10.75
N ASP F 60 47.28 31.46 16.80
CA ASP F 60 47.43 30.22 17.59
C ASP F 60 46.93 30.36 19.03
N LEU F 61 45.90 29.62 19.42
CA LEU F 61 45.26 29.79 20.75
C LEU F 61 44.79 28.50 21.45
N GLU F 62 44.25 28.62 22.66
CA GLU F 62 43.55 27.51 23.31
C GLU F 62 42.07 27.42 22.86
N GLU F 63 41.24 26.65 23.58
CA GLU F 63 39.79 26.57 23.33
C GLU F 63 38.99 26.04 24.52
N LEU F 69 33.21 26.88 26.96
CA LEU F 69 32.16 26.93 25.93
C LEU F 69 30.82 26.34 26.41
N PRO F 70 29.71 27.03 26.06
CA PRO F 70 28.34 26.67 26.51
C PRO F 70 27.82 25.29 26.07
N GLU F 71 26.95 24.70 26.90
CA GLU F 71 26.30 23.42 26.60
C GLU F 71 27.23 22.21 26.33
N ASN F 72 28.26 22.07 27.17
CA ASN F 72 29.15 20.89 27.16
C ASN F 72 29.94 20.64 25.85
N ARG F 73 29.88 21.61 24.93
CA ARG F 73 30.54 21.50 23.63
C ARG F 73 32.06 21.35 23.73
N ILE F 74 32.67 20.67 22.75
CA ILE F 74 34.15 20.54 22.69
C ILE F 74 34.81 19.99 23.97
N SER F 75 34.52 18.75 24.33
CA SER F 75 35.13 18.14 25.51
C SER F 75 36.53 17.63 25.21
N LYS F 76 37.05 16.87 26.18
CA LYS F 76 38.19 16.00 26.00
C LYS F 76 37.95 14.84 26.93
N GLU F 77 38.54 13.71 26.55
CA GLU F 77 38.80 12.62 27.45
C GLU F 77 39.90 11.91 26.71
N LYS F 78 40.96 11.56 27.43
CA LYS F 78 42.01 10.70 26.88
C LYS F 78 42.76 11.20 25.62
N ASP F 79 42.92 10.30 24.66
CA ASP F 79 43.58 10.57 23.39
C ASP F 79 42.72 11.42 22.46
N VAL F 80 41.48 11.72 22.89
CA VAL F 80 40.44 12.23 22.00
C VAL F 80 40.10 13.73 22.19
N LEU F 81 39.84 14.40 21.09
CA LEU F 81 39.32 15.74 21.14
C LEU F 81 37.94 15.79 20.53
N TRP F 82 36.92 15.67 21.34
CA TRP F 82 35.53 15.71 20.91
C TRP F 82 34.98 17.00 20.45
N PHE F 83 33.91 16.95 19.68
CA PHE F 83 33.10 18.09 19.39
C PHE F 83 31.72 17.55 19.37
N ARG F 84 30.75 18.34 19.79
CA ARG F 84 29.37 18.00 19.62
C ARG F 84 28.50 19.16 19.93
N PRO F 85 28.16 20.00 18.99
CA PRO F 85 28.29 19.82 17.59
C PRO F 85 29.61 20.32 17.09
N THR F 86 29.65 20.60 15.81
CA THR F 86 30.81 21.13 15.14
C THR F 86 30.34 22.37 14.43
N LEU F 87 31.20 23.35 14.24
CA LEU F 87 30.76 24.54 13.57
C LEU F 87 31.80 25.00 12.60
N LEU F 88 31.35 25.63 11.56
CA LEU F 88 32.12 25.83 10.39
C LEU F 88 33.37 26.58 10.67
N ASN F 89 33.40 27.28 11.76
CA ASN F 89 34.58 28.07 12.07
C ASN F 89 35.42 27.37 13.15
N ASP F 90 35.19 26.08 13.30
CA ASP F 90 36.13 25.24 14.01
C ASP F 90 37.20 24.81 13.01
N THR F 91 36.98 25.22 11.76
CA THR F 91 37.80 24.82 10.61
C THR F 91 39.21 25.38 10.66
N GLY F 92 40.20 24.51 10.89
CA GLY F 92 41.58 24.94 11.06
C GLY F 92 42.57 23.86 11.45
N ASN F 93 43.77 24.28 11.84
CA ASN F 93 44.88 23.36 12.11
C ASN F 93 45.12 23.03 13.59
N TYR F 94 44.48 21.97 14.07
CA TYR F 94 44.66 21.59 15.45
C TYR F 94 46.05 20.99 15.66
N THR F 95 46.49 21.00 16.92
CA THR F 95 47.82 20.55 17.31
C THR F 95 47.70 19.90 18.68
N CYS F 96 48.11 18.64 18.78
CA CYS F 96 48.23 17.99 20.09
C CYS F 96 49.69 17.98 20.53
N MET F 97 49.94 18.01 21.84
CA MET F 97 51.30 18.14 22.36
C MET F 97 51.53 17.20 23.51
N LEU F 98 52.66 16.50 23.47
CA LEU F 98 53.14 15.75 24.64
C LEU F 98 54.35 16.46 25.25
N ARG F 99 54.32 16.59 26.57
CA ARG F 99 55.22 17.52 27.23
C ARG F 99 55.60 17.06 28.64
N ASN F 100 56.90 16.97 28.87
CA ASN F 100 57.48 16.82 30.20
C ASN F 100 58.24 18.09 30.48
N THR F 101 58.98 18.08 31.57
CA THR F 101 59.85 19.19 31.85
C THR F 101 61.13 19.07 31.08
N THR F 102 61.36 17.93 30.49
CA THR F 102 62.51 17.83 29.64
C THR F 102 62.15 17.32 28.23
N TYR F 103 60.96 16.79 28.08
CA TYR F 103 60.53 16.13 26.85
C TYR F 103 59.42 16.84 26.12
N CYS F 104 59.47 16.85 24.80
CA CYS F 104 58.43 17.52 24.01
C CYS F 104 58.31 17.02 22.56
N SER F 105 57.14 16.49 22.23
CA SER F 105 56.79 16.12 20.86
C SER F 105 55.37 16.59 20.51
N LYS F 106 55.22 17.16 19.33
CA LYS F 106 53.91 17.64 18.88
C LYS F 106 53.69 17.39 17.39
N VAL F 107 52.42 17.36 16.99
CA VAL F 107 52.08 17.27 15.59
C VAL F 107 50.78 18.01 15.36
N ALA F 108 50.59 18.46 14.13
CA ALA F 108 49.37 19.17 13.81
C ALA F 108 48.68 18.50 12.64
N PHE F 109 47.37 18.67 12.57
CA PHE F 109 46.59 18.13 11.48
C PHE F 109 45.45 19.06 11.13
N PRO F 110 45.13 19.17 9.84
CA PRO F 110 43.98 19.98 9.42
C PRO F 110 42.67 19.30 9.80
N LEU F 111 41.65 20.13 10.04
CA LEU F 111 40.29 19.68 10.28
C LEU F 111 39.37 20.67 9.55
N GLU F 112 38.57 20.17 8.63
CA GLU F 112 37.75 21.04 7.80
C GLU F 112 36.24 20.71 7.91
N VAL F 113 35.46 21.67 8.37
CA VAL F 113 34.02 21.53 8.49
C VAL F 113 33.35 22.06 7.22
N VAL F 114 32.55 21.22 6.57
CA VAL F 114 31.83 21.64 5.36
C VAL F 114 30.33 21.35 5.46
N GLN F 115 29.55 21.98 4.57
CA GLN F 115 28.09 21.82 4.58
C GLN F 115 27.60 20.99 3.40
N LYS F 116 26.51 20.26 3.63
CA LYS F 116 25.96 19.32 2.65
C LYS F 116 24.47 19.59 2.34
N ASP F 117 23.98 18.95 1.26
CA ASP F 117 22.57 19.05 0.86
C ASP F 117 21.67 18.08 1.60
N SER F 118 20.37 18.14 1.28
CA SER F 118 19.42 17.13 1.70
C SER F 118 19.71 15.86 0.89
N CYS F 119 20.07 16.07 -0.37
CA CYS F 119 20.53 15.01 -1.24
C CYS F 119 22.06 14.79 -1.19
N PHE F 120 22.66 15.10 -0.04
CA PHE F 120 24.04 14.68 0.33
C PHE F 120 25.26 15.23 -0.41
N ASN F 121 25.09 16.23 -1.28
CA ASN F 121 26.23 16.70 -2.06
C ASN F 121 27.21 17.57 -1.26
N SER F 122 28.29 16.97 -0.80
CA SER F 122 29.34 17.69 -0.10
C SER F 122 30.57 17.80 -1.00
N PRO F 123 31.44 18.80 -0.75
CA PRO F 123 32.76 18.83 -1.41
C PRO F 123 33.79 18.01 -0.62
N MET F 124 33.26 17.28 0.36
CA MET F 124 34.01 16.30 1.12
C MET F 124 34.53 15.18 0.19
N LYS F 125 35.84 14.95 0.21
CA LYS F 125 36.46 13.85 -0.54
C LYS F 125 35.96 12.49 -0.05
N LEU F 126 35.45 11.66 -0.95
CA LEU F 126 34.94 10.35 -0.52
C LEU F 126 35.98 9.24 -0.62
N PRO F 127 36.07 8.41 0.42
CA PRO F 127 36.96 7.24 0.34
C PRO F 127 36.36 6.24 -0.64
N VAL F 128 37.21 5.54 -1.38
CA VAL F 128 36.75 4.48 -2.26
C VAL F 128 36.81 3.15 -1.52
N HIS F 129 35.68 2.44 -1.46
CA HIS F 129 35.73 1.09 -0.95
C HIS F 129 35.63 0.16 -2.15
N LYS F 130 36.66 -0.66 -2.33
CA LYS F 130 36.69 -1.53 -3.50
C LYS F 130 35.99 -2.86 -3.21
N LEU F 131 35.26 -3.37 -4.20
CA LEU F 131 34.50 -4.63 -4.08
C LEU F 131 34.84 -5.62 -5.21
N TYR F 132 35.06 -6.87 -4.85
CA TYR F 132 35.35 -7.88 -5.86
C TYR F 132 34.07 -8.32 -6.60
N ILE F 133 34.19 -8.52 -7.91
CA ILE F 133 33.04 -8.65 -8.78
C ILE F 133 32.47 -10.08 -8.78
N GLU F 134 31.14 -10.18 -8.64
CA GLU F 134 30.40 -11.44 -8.60
C GLU F 134 30.87 -12.30 -7.43
N TYR F 135 31.34 -11.64 -6.40
CA TYR F 135 32.14 -12.30 -5.38
C TYR F 135 31.32 -12.54 -4.11
N GLY F 136 30.52 -13.62 -4.12
CA GLY F 136 29.71 -14.01 -2.97
C GLY F 136 28.93 -12.87 -2.35
N ILE F 137 28.89 -12.84 -1.02
CA ILE F 137 28.38 -11.68 -0.29
C ILE F 137 29.54 -10.85 0.25
N GLN F 138 29.45 -9.53 0.12
CA GLN F 138 30.39 -8.63 0.77
C GLN F 138 29.62 -7.45 1.38
N ARG F 139 30.03 -7.00 2.57
CA ARG F 139 29.36 -5.87 3.20
C ARG F 139 30.31 -4.74 3.53
N ILE F 140 29.85 -3.51 3.37
CA ILE F 140 30.57 -2.36 3.91
C ILE F 140 30.12 -2.21 5.37
N THR F 141 30.82 -1.39 6.13
CA THR F 141 30.31 -1.00 7.43
C THR F 141 30.40 0.51 7.55
N CYS F 142 29.30 1.08 8.06
CA CYS F 142 29.22 2.51 8.33
C CYS F 142 30.48 2.93 9.06
N PRO F 143 31.26 3.75 8.44
CA PRO F 143 32.55 4.17 8.95
C PRO F 143 32.54 5.09 10.13
N ASN F 144 33.54 4.96 10.96
CA ASN F 144 33.75 5.93 12.00
C ASN F 144 32.55 6.13 12.83
N VAL F 145 32.04 5.06 13.37
CA VAL F 145 30.97 5.14 14.31
C VAL F 145 31.21 4.54 15.70
N ASP F 146 32.38 4.02 15.99
CA ASP F 146 32.63 3.54 17.33
C ASP F 146 32.84 4.67 18.28
N GLY F 147 32.25 4.59 19.46
CA GLY F 147 32.53 5.52 20.55
C GLY F 147 31.77 6.84 20.62
N TYR F 148 30.84 7.07 19.69
CA TYR F 148 30.05 8.30 19.75
C TYR F 148 28.87 8.12 20.71
N PHE F 149 28.57 6.85 21.00
CA PHE F 149 27.57 6.47 22.00
C PHE F 149 27.94 5.11 22.62
N PRO F 150 27.56 4.88 23.89
CA PRO F 150 27.90 3.66 24.63
C PRO F 150 27.02 2.47 24.24
N SER F 151 27.39 1.26 24.65
CA SER F 151 26.67 0.06 24.22
C SER F 151 25.28 -0.16 24.87
N SER F 152 24.80 0.83 25.63
CA SER F 152 23.46 0.77 26.20
C SER F 152 22.40 1.02 25.14
N VAL F 153 22.75 1.92 24.25
CA VAL F 153 21.79 2.64 23.42
C VAL F 153 21.63 1.99 22.05
N LYS F 154 20.38 1.95 21.58
CA LYS F 154 20.08 1.49 20.23
C LYS F 154 19.90 2.71 19.34
N PRO F 155 20.66 2.76 18.22
CA PRO F 155 20.63 3.88 17.27
C PRO F 155 19.72 3.61 16.08
N THR F 156 19.60 4.62 15.22
CA THR F 156 18.77 4.52 14.04
C THR F 156 19.68 4.65 12.81
N ILE F 157 19.75 3.59 11.99
CA ILE F 157 20.69 3.60 10.86
C ILE F 157 20.00 3.47 9.50
N THR F 158 19.95 4.58 8.76
CA THR F 158 19.40 4.61 7.40
C THR F 158 20.50 4.59 6.33
N TRP F 159 20.44 3.63 5.40
CA TRP F 159 21.37 3.61 4.27
C TRP F 159 20.75 4.20 2.99
N TYR F 160 21.54 4.99 2.29
CA TYR F 160 21.12 5.66 1.06
C TYR F 160 22.10 5.38 -0.08
N MET F 161 21.61 5.29 -1.31
CA MET F 161 22.50 5.26 -2.47
C MET F 161 22.20 6.47 -3.35
N GLY F 162 23.15 7.39 -3.47
CA GLY F 162 22.86 8.72 -3.99
C GLY F 162 21.94 9.41 -3.01
N CYS F 163 20.83 9.94 -3.51
CA CYS F 163 19.84 10.59 -2.66
C CYS F 163 18.74 9.63 -2.24
N TYR F 164 18.73 8.43 -2.81
CA TYR F 164 17.65 7.48 -2.59
C TYR F 164 17.85 6.62 -1.33
N LYS F 165 16.75 6.32 -0.63
CA LYS F 165 16.81 5.42 0.50
C LYS F 165 16.92 4.00 -0.03
N ILE F 166 17.67 3.15 0.68
CA ILE F 166 17.80 1.75 0.22
C ILE F 166 16.72 0.84 0.79
N GLN F 167 15.64 0.65 0.01
CA GLN F 167 14.62 -0.37 0.26
C GLN F 167 14.39 -1.21 -1.00
N ASN F 168 14.41 -2.54 -0.84
CA ASN F 168 13.99 -3.44 -1.91
C ASN F 168 14.94 -3.38 -3.11
N PHE F 169 16.23 -3.22 -2.83
CA PHE F 169 17.22 -3.24 -3.92
C PHE F 169 17.40 -4.66 -4.47
N ASN F 170 17.63 -4.78 -5.78
CA ASN F 170 17.77 -6.10 -6.35
C ASN F 170 19.04 -6.79 -5.86
N ASN F 171 19.95 -6.03 -5.27
CA ASN F 171 21.29 -6.51 -5.08
C ASN F 171 21.82 -6.37 -3.65
N VAL F 172 21.21 -5.44 -2.94
CA VAL F 172 21.83 -4.78 -1.81
C VAL F 172 20.86 -4.74 -0.64
N ILE F 173 21.35 -5.15 0.53
CA ILE F 173 20.49 -5.30 1.70
C ILE F 173 21.08 -4.62 2.91
N PRO F 174 20.38 -3.62 3.45
CA PRO F 174 20.84 -3.06 4.73
C PRO F 174 20.70 -4.08 5.86
N GLU F 175 21.64 -4.06 6.78
CA GLU F 175 21.66 -4.95 7.95
C GLU F 175 21.89 -4.05 9.15
N GLY F 176 21.07 -3.01 9.25
CA GLY F 176 21.36 -1.90 10.14
C GLY F 176 22.71 -1.29 9.81
N MET F 177 23.71 -1.66 10.61
CA MET F 177 25.03 -1.04 10.53
C MET F 177 25.90 -1.52 9.34
N ASN F 178 25.71 -2.76 8.90
CA ASN F 178 26.41 -3.21 7.70
C ASN F 178 25.53 -3.14 6.45
N LEU F 179 26.17 -2.93 5.30
CA LEU F 179 25.46 -2.94 4.00
C LEU F 179 25.90 -4.11 3.12
N SER F 180 25.04 -5.10 2.96
CA SER F 180 25.38 -6.30 2.19
C SER F 180 25.26 -6.21 0.66
N PHE F 181 26.32 -6.61 -0.02
CA PHE F 181 26.34 -6.74 -1.46
C PHE F 181 26.34 -8.21 -1.88
N LEU F 182 25.41 -8.57 -2.76
CA LEU F 182 25.17 -9.97 -3.11
C LEU F 182 25.49 -10.18 -4.58
N ILE F 183 26.61 -10.85 -4.85
CA ILE F 183 27.12 -11.02 -6.22
C ILE F 183 27.21 -9.62 -6.82
N ALA F 184 28.21 -8.84 -6.38
CA ALA F 184 28.32 -7.44 -6.82
C ALA F 184 28.53 -7.31 -8.34
N LEU F 185 28.00 -6.23 -8.90
CA LEU F 185 28.11 -5.96 -10.33
C LEU F 185 28.53 -4.53 -10.61
N ILE F 186 28.93 -4.30 -11.85
CA ILE F 186 29.16 -2.95 -12.36
C ILE F 186 28.11 -1.95 -11.85
N SER F 187 26.84 -2.35 -11.94
CA SER F 187 25.72 -1.48 -11.59
C SER F 187 25.76 -0.98 -10.13
N ASN F 188 26.42 -1.75 -9.27
CA ASN F 188 26.61 -1.33 -7.88
C ASN F 188 27.54 -0.13 -7.66
N ASN F 189 28.32 0.23 -8.66
CA ASN F 189 29.15 1.43 -8.55
C ASN F 189 28.32 2.67 -8.14
N GLY F 190 28.78 3.39 -7.12
CA GLY F 190 28.09 4.61 -6.71
C GLY F 190 28.49 5.17 -5.36
N ASN F 191 27.80 6.24 -4.98
CA ASN F 191 28.04 6.84 -3.68
C ASN F 191 27.00 6.36 -2.68
N TYR F 192 27.49 5.91 -1.53
CA TYR F 192 26.64 5.29 -0.53
C TYR F 192 26.80 6.02 0.79
N THR F 193 25.71 6.13 1.53
CA THR F 193 25.63 7.01 2.67
C THR F 193 24.92 6.31 3.80
N CYS F 194 25.49 6.38 4.99
CA CYS F 194 24.78 5.92 6.18
C CYS F 194 24.66 7.08 7.13
N VAL F 195 23.48 7.17 7.76
CA VAL F 195 23.18 8.17 8.78
C VAL F 195 22.72 7.47 10.04
N VAL F 196 23.51 7.63 11.09
CA VAL F 196 23.15 7.12 12.41
C VAL F 196 22.54 8.27 13.20
N THR F 197 21.48 8.00 13.96
CA THR F 197 20.84 9.01 14.83
C THR F 197 20.56 8.46 16.21
N TYR F 198 21.04 9.20 17.21
CA TYR F 198 21.03 8.74 18.60
C TYR F 198 20.75 9.89 19.58
N PRO F 199 20.24 9.54 20.78
CA PRO F 199 20.03 10.41 21.94
C PRO F 199 21.31 11.03 22.54
N GLY F 202 19.56 13.63 26.75
CA GLY F 202 18.32 13.56 25.99
C GLY F 202 18.31 14.37 24.71
N ARG F 203 19.34 14.17 23.87
CA ARG F 203 19.51 14.90 22.60
C ARG F 203 19.21 14.09 21.32
N THR F 204 19.54 14.69 20.18
CA THR F 204 19.30 14.08 18.87
C THR F 204 20.41 14.42 17.87
N PHE F 205 21.33 13.49 17.64
CA PHE F 205 22.51 13.77 16.82
C PHE F 205 22.53 12.98 15.50
N HIS F 206 22.58 13.72 14.39
CA HIS F 206 22.81 13.12 13.08
C HIS F 206 24.30 12.73 12.97
N LEU F 207 24.57 11.53 12.45
CA LEU F 207 25.95 11.11 12.17
C LEU F 207 26.12 10.68 10.71
N THR F 208 26.46 11.62 9.83
CA THR F 208 26.49 11.34 8.38
C THR F 208 27.90 10.99 7.91
N ARG F 209 28.04 9.87 7.18
CA ARG F 209 29.27 9.57 6.45
C ARG F 209 28.99 8.89 5.08
N THR F 210 29.81 9.19 4.08
CA THR F 210 29.56 8.75 2.69
C THR F 210 30.79 8.13 2.02
N LEU F 211 30.61 7.00 1.31
CA LEU F 211 31.72 6.42 0.56
C LEU F 211 31.41 6.03 -0.89
N THR F 212 32.46 5.92 -1.70
CA THR F 212 32.32 5.35 -3.03
C THR F 212 32.52 3.82 -2.99
N VAL F 213 31.62 3.08 -3.64
CA VAL F 213 31.90 1.69 -3.96
C VAL F 213 32.35 1.61 -5.41
N LYS F 214 33.51 1.01 -5.62
CA LYS F 214 33.91 0.65 -6.97
C LYS F 214 34.03 -0.87 -7.04
N VAL F 215 33.38 -1.46 -8.03
CA VAL F 215 33.51 -2.88 -8.26
C VAL F 215 34.66 -3.13 -9.23
N VAL F 216 35.57 -4.03 -8.83
CA VAL F 216 36.83 -4.30 -9.50
C VAL F 216 37.14 -5.79 -9.54
N GLY F 217 38.18 -6.14 -10.30
CA GLY F 217 38.58 -7.51 -10.59
C GLY F 217 38.75 -8.55 -9.48
N SER F 218 38.03 -9.66 -9.67
CA SER F 218 38.14 -10.83 -8.83
C SER F 218 39.58 -11.34 -8.75
N PRO F 219 40.01 -11.74 -7.56
CA PRO F 219 41.29 -12.46 -7.46
C PRO F 219 41.22 -13.78 -8.24
N LYS F 220 40.04 -14.38 -8.33
CA LYS F 220 39.85 -15.58 -9.17
C LYS F 220 40.36 -15.39 -10.62
N ASN F 221 40.32 -14.15 -11.13
CA ASN F 221 40.84 -13.83 -12.46
C ASN F 221 42.22 -13.15 -12.47
N ALA F 222 42.76 -12.91 -11.27
CA ALA F 222 44.15 -12.45 -11.11
C ALA F 222 45.10 -13.45 -11.80
N VAL F 223 46.15 -12.90 -12.41
CA VAL F 223 47.01 -13.59 -13.36
C VAL F 223 48.33 -12.80 -13.50
N PRO F 224 49.43 -13.46 -13.90
CA PRO F 224 50.67 -12.68 -14.09
C PRO F 224 50.63 -11.84 -15.37
N PRO F 225 51.41 -10.76 -15.42
CA PRO F 225 51.29 -9.77 -16.51
C PRO F 225 51.29 -10.34 -17.91
N VAL F 226 50.49 -9.69 -18.75
CA VAL F 226 50.36 -10.12 -20.14
C VAL F 226 50.96 -9.12 -21.09
N ILE F 227 52.08 -9.52 -21.70
CA ILE F 227 52.75 -8.69 -22.70
C ILE F 227 52.06 -8.88 -24.02
N HIS F 228 51.22 -7.92 -24.36
CA HIS F 228 50.50 -7.98 -25.60
C HIS F 228 51.41 -7.52 -26.76
N SER F 229 52.29 -6.58 -26.46
CA SER F 229 53.15 -5.96 -27.45
C SER F 229 54.53 -5.79 -26.82
N PRO F 230 55.59 -6.29 -27.46
CA PRO F 230 55.64 -6.85 -28.82
C PRO F 230 55.09 -8.28 -28.97
N ASN F 231 55.24 -8.84 -30.17
CA ASN F 231 54.33 -9.87 -30.66
C ASN F 231 54.90 -11.20 -31.07
N ASP F 232 56.03 -11.17 -31.76
CA ASP F 232 56.49 -12.32 -32.57
C ASP F 232 55.48 -12.58 -33.69
N HIS F 233 54.77 -11.53 -34.11
CA HIS F 233 54.26 -11.44 -35.48
C HIS F 233 54.12 -10.00 -36.02
N VAL F 234 54.72 -9.07 -35.27
CA VAL F 234 55.07 -7.75 -35.76
C VAL F 234 56.59 -7.64 -35.79
N VAL F 235 57.12 -7.25 -36.94
CA VAL F 235 58.56 -6.98 -37.04
C VAL F 235 58.78 -5.48 -37.00
N TYR F 236 59.95 -5.06 -36.52
CA TYR F 236 60.27 -3.64 -36.49
C TYR F 236 61.37 -3.31 -37.49
N GLU F 237 61.15 -2.22 -38.22
CA GLU F 237 61.90 -1.89 -39.43
C GLU F 237 62.51 -0.48 -39.48
N LEU F 245 59.59 3.01 -33.79
CA LEU F 245 59.19 3.01 -32.38
C LEU F 245 58.82 1.60 -32.01
N ILE F 246 59.02 1.23 -30.75
CA ILE F 246 58.49 -0.05 -30.26
C ILE F 246 57.64 0.12 -29.02
N PRO F 247 56.38 -0.31 -29.14
CA PRO F 247 55.47 -0.32 -28.00
C PRO F 247 55.64 -1.58 -27.14
N CYS F 248 55.63 -1.37 -25.84
CA CYS F 248 55.57 -2.45 -24.89
C CYS F 248 54.25 -2.28 -24.15
N THR F 249 53.24 -3.04 -24.57
CA THR F 249 51.90 -2.95 -23.97
C THR F 249 51.61 -4.16 -23.09
N VAL F 250 51.23 -3.91 -21.85
CA VAL F 250 50.98 -5.00 -20.93
C VAL F 250 49.57 -4.94 -20.32
N TYR F 251 48.97 -6.12 -20.20
CA TYR F 251 47.70 -6.29 -19.49
C TYR F 251 47.97 -6.82 -18.08
N PHE F 252 47.58 -6.04 -17.08
CA PHE F 252 47.63 -6.46 -15.68
C PHE F 252 46.24 -6.69 -15.09
N SER F 253 45.87 -7.94 -14.83
CA SER F 253 44.60 -8.13 -14.12
C SER F 253 44.61 -7.40 -12.77
N PHE F 254 43.52 -6.76 -12.40
CA PHE F 254 43.49 -6.05 -11.13
C PHE F 254 43.86 -6.96 -9.96
N LEU F 255 44.73 -6.48 -9.08
CA LEU F 255 45.14 -7.25 -7.90
C LEU F 255 45.48 -6.33 -6.72
N MET F 256 44.63 -6.35 -5.67
CA MET F 256 44.76 -5.47 -4.50
C MET F 256 46.16 -5.48 -3.88
N ASP F 257 46.82 -4.33 -3.87
CA ASP F 257 48.25 -4.26 -3.52
C ASP F 257 49.02 -5.17 -4.47
N SER F 258 49.06 -4.77 -5.74
CA SER F 258 49.97 -5.36 -6.69
C SER F 258 50.66 -4.12 -7.20
N ARG F 259 51.94 -4.22 -7.49
CA ARG F 259 52.70 -3.02 -7.76
C ARG F 259 53.17 -2.96 -9.22
N ASN F 260 52.23 -2.81 -10.16
CA ASN F 260 52.51 -3.12 -11.56
C ASN F 260 53.61 -2.27 -12.19
N GLU F 261 54.74 -2.89 -12.56
CA GLU F 261 55.79 -2.20 -13.32
C GLU F 261 55.97 -2.73 -14.76
N VAL F 262 56.30 -1.81 -15.65
CA VAL F 262 56.74 -2.12 -17.02
C VAL F 262 57.92 -1.25 -17.42
N TRP F 263 58.98 -1.87 -17.96
CA TRP F 263 60.19 -1.16 -18.36
C TRP F 263 60.84 -1.83 -19.57
N TRP F 264 61.62 -1.07 -20.35
CA TRP F 264 62.46 -1.68 -21.38
C TRP F 264 63.85 -2.08 -20.89
N THR F 265 64.55 -2.87 -21.70
CA THR F 265 66.00 -3.06 -21.58
C THR F 265 66.63 -3.24 -22.96
N ILE F 266 67.73 -2.52 -23.19
CA ILE F 266 68.56 -2.77 -24.37
C ILE F 266 69.89 -3.36 -23.91
N ASP F 267 70.11 -4.63 -24.27
CA ASP F 267 71.33 -5.35 -23.90
C ASP F 267 71.57 -5.36 -22.38
N THR F 279 64.25 8.06 -25.39
CA THR F 279 62.93 8.71 -25.38
C THR F 279 61.79 7.73 -25.08
N ILE F 280 61.54 7.46 -23.79
CA ILE F 280 60.43 6.58 -23.38
C ILE F 280 59.12 7.30 -22.98
N ASN F 281 58.05 6.97 -23.70
CA ASN F 281 56.72 7.53 -23.42
C ASN F 281 55.72 6.49 -22.86
N GLU F 282 55.48 6.53 -21.55
CA GLU F 282 54.46 5.69 -20.90
C GLU F 282 53.02 6.28 -20.94
N SER F 283 52.06 5.47 -21.36
CA SER F 283 50.63 5.79 -21.26
C SER F 283 49.96 4.76 -20.33
N ILE F 284 49.04 5.21 -19.47
CA ILE F 284 48.29 4.28 -18.60
C ILE F 284 46.78 4.24 -18.92
N SER F 285 46.13 3.17 -18.51
CA SER F 285 44.73 2.98 -18.90
C SER F 285 44.04 1.91 -18.05
N HIS F 286 42.95 2.32 -17.42
CA HIS F 286 42.19 1.37 -16.63
C HIS F 286 40.88 1.02 -17.34
N SER F 287 40.22 -0.02 -16.84
CA SER F 287 38.97 -0.49 -17.39
C SER F 287 37.97 -0.22 -16.28
N ARG F 288 36.69 -0.48 -16.56
CA ARG F 288 35.69 -0.37 -15.50
C ARG F 288 36.04 -1.28 -14.31
N THR F 289 36.65 -2.44 -14.54
CA THR F 289 36.98 -3.27 -13.38
C THR F 289 38.37 -2.99 -12.82
N GLU F 290 38.94 -1.88 -13.28
CA GLU F 290 40.27 -1.40 -12.86
C GLU F 290 41.39 -2.33 -13.25
N ASP F 291 41.11 -3.23 -14.18
CA ASP F 291 42.16 -3.94 -14.88
C ASP F 291 42.94 -2.89 -15.66
N GLU F 292 44.22 -3.11 -15.76
CA GLU F 292 45.07 -2.03 -16.15
C GLU F 292 45.84 -2.40 -17.38
N THR F 293 45.96 -1.45 -18.28
CA THR F 293 46.83 -1.71 -19.40
C THR F 293 47.89 -0.62 -19.49
N ARG F 294 49.14 -1.02 -19.27
CA ARG F 294 50.28 -0.10 -19.29
C ARG F 294 51.06 -0.29 -20.58
N THR F 295 51.51 0.83 -21.17
CA THR F 295 52.32 0.77 -22.38
C THR F 295 53.44 1.81 -22.43
N GLN F 296 54.64 1.37 -22.87
CA GLN F 296 55.82 2.23 -23.02
C GLN F 296 56.32 2.21 -24.45
N ILE F 297 56.61 3.38 -24.98
CA ILE F 297 57.14 3.48 -26.33
C ILE F 297 58.52 4.10 -26.28
N LEU F 298 59.53 3.40 -26.82
CA LEU F 298 60.88 4.00 -26.89
C LEU F 298 61.18 4.52 -28.30
N SER F 299 62.15 5.42 -28.44
CA SER F 299 62.45 5.97 -29.77
C SER F 299 63.90 5.79 -30.29
N ASP F 307 72.66 0.38 -34.68
CA ASP F 307 72.18 -0.13 -33.38
C ASP F 307 70.95 -1.06 -33.51
N LEU F 308 70.51 -1.28 -34.75
CA LEU F 308 69.34 -2.11 -35.06
C LEU F 308 69.64 -3.62 -34.99
N LYS F 309 70.73 -3.99 -34.33
CA LYS F 309 71.10 -5.38 -34.12
C LYS F 309 71.30 -5.62 -32.63
N ARG F 310 70.95 -4.60 -31.84
CA ARG F 310 70.94 -4.71 -30.38
C ARG F 310 69.61 -5.41 -30.02
N SER F 311 69.55 -6.11 -28.88
CA SER F 311 68.28 -6.78 -28.53
C SER F 311 67.35 -5.94 -27.63
N TYR F 312 66.13 -5.75 -28.11
CA TYR F 312 65.18 -4.88 -27.42
C TYR F 312 64.15 -5.70 -26.63
N VAL F 313 64.21 -5.61 -25.30
CA VAL F 313 63.39 -6.50 -24.47
C VAL F 313 62.51 -5.80 -23.44
N CYS F 314 61.23 -6.10 -23.60
CA CYS F 314 60.13 -5.54 -22.83
C CYS F 314 59.94 -6.35 -21.56
N HIS F 315 59.76 -5.64 -20.45
CA HIS F 315 59.72 -6.30 -19.15
C HIS F 315 58.51 -5.86 -18.33
N ALA F 316 57.86 -6.80 -17.64
CA ALA F 316 56.72 -6.46 -16.78
C ALA F 316 56.73 -7.22 -15.47
N ARG F 317 56.44 -6.49 -14.40
CA ARG F 317 56.42 -7.07 -13.06
C ARG F 317 55.08 -6.82 -12.36
N SER F 318 54.48 -7.88 -11.84
CA SER F 318 53.31 -7.72 -10.99
C SER F 318 53.53 -8.48 -9.70
N ALA F 319 52.62 -8.31 -8.76
CA ALA F 319 52.71 -9.03 -7.51
C ALA F 319 52.46 -10.52 -7.74
N LYS F 320 52.43 -10.95 -9.00
CA LYS F 320 51.91 -12.28 -9.33
C LYS F 320 52.85 -12.97 -10.33
N GLY F 321 53.86 -12.21 -10.76
CA GLY F 321 54.87 -12.76 -11.63
C GLY F 321 55.74 -11.69 -12.24
N GLU F 322 56.75 -12.13 -12.99
CA GLU F 322 57.61 -11.19 -13.69
C GLU F 322 57.93 -11.79 -15.06
N VAL F 323 57.61 -11.07 -16.13
CA VAL F 323 57.84 -11.60 -17.47
C VAL F 323 58.67 -10.68 -18.35
N ALA F 324 58.92 -11.15 -19.56
CA ALA F 324 59.69 -10.39 -20.56
C ALA F 324 59.43 -10.94 -21.96
N LYS F 325 59.28 -10.08 -22.96
CA LYS F 325 59.26 -10.53 -24.36
C LYS F 325 60.15 -9.64 -25.23
N ALA F 326 60.83 -10.26 -26.19
CA ALA F 326 61.74 -9.52 -27.06
C ALA F 326 61.05 -9.10 -28.36
N ALA F 327 61.25 -7.84 -28.72
CA ALA F 327 60.73 -7.31 -29.99
C ALA F 327 61.56 -7.80 -31.19
N LYS F 328 60.89 -8.11 -32.30
CA LYS F 328 61.63 -8.47 -33.49
C LYS F 328 62.13 -7.18 -34.17
N VAL F 329 63.43 -6.90 -34.07
CA VAL F 329 64.01 -5.78 -34.82
C VAL F 329 65.04 -6.27 -35.88
N LYS F 330 64.91 -5.74 -37.11
CA LYS F 330 65.75 -6.14 -38.25
C LYS F 330 66.36 -4.93 -38.96
#